data_6DAQ
#
_entry.id   6DAQ
#
_cell.length_a   52.532
_cell.length_b   137.200
_cell.length_c   88.270
_cell.angle_alpha   90.00
_cell.angle_beta   98.91
_cell.angle_gamma   90.00
#
_symmetry.space_group_name_H-M   'P 1 21 1'
#
loop_
_entity.id
_entity.type
_entity.pdbx_description
1 polymer PhdJ
2 polymer PhdJ
3 water water
#
loop_
_entity_poly.entity_id
_entity_poly.type
_entity_poly.pdbx_seq_one_letter_code
_entity_poly.pdbx_strand_id
1 'polypeptide(L)'
;MHVRDTKLTVDDITGVVGIIPTPSIPTADQPGTAFSVDLDEAATLADAMVRGGVDVLMTTGTFGECASLTWDELQSFVAT
VVDAVAGRIPVFAGATTLNTRDTIARGRRLGELGADGLFVGRPMWLPLDDAGIVRFYRDVAEAVPNMALVVYDNPGAFKG
KIGTPAYEALSQIPQVVAA(9KP)HLGLLSGSAFLSDLRAVSGRVRLLPLETDWYYFARLFPEEVTACWSGNVACGPAPV
THLRDLIRARRWDDCQALTDELEGALETLYPGGNFAEFLKYSIQIDNAQFQAAGFMRTGPTRPPYTEVPESYLAGGREAG
KNWAALQQRYASLAVSNH
;
A,C,D
2 'polypeptide(L)'
;MHVRDTKLTVDDITGVVGIIPTPSIPTADQPGTAFSVDLDEAATLADAMVRGGVDVLMTTGTFGECASLTWDELQSFVAT
VVDAVAGRIPVFAGATTLNTRDTIARGRRLGELGADGLFVGRPMWLPLDDAGIVRFYRDVAEAVPNMALVVYDNPGAFKG
KIGTPAYEALSQIPQVVAA(KPI)HLGLLSGSAFLSDLRAVSGRVRLLPLETDWYYFARLFPEEVTACWSGNVACGPAPV
THLRDLIRARRWDDCQALTDELEGALETLYPGGNFAEFLKYSIQIDNAQFQAAGFMRTGPTRPPYTEVPESYLAGGREAG
KNWAALQQRYASLAVSNH
;
B
#
# COMPACT_ATOMS: atom_id res chain seq x y z
N ASP A 5 -0.23 -35.36 24.63
CA ASP A 5 -0.78 -34.19 23.94
C ASP A 5 -2.13 -33.82 24.53
N THR A 6 -2.79 -32.83 23.93
CA THR A 6 -4.06 -32.33 24.46
C THR A 6 -5.19 -33.28 24.14
N LYS A 7 -6.22 -33.24 25.01
CA LYS A 7 -7.48 -33.90 24.70
C LYS A 7 -8.42 -33.04 23.86
N LEU A 8 -8.21 -31.72 23.85
CA LEU A 8 -9.06 -30.85 23.05
C LEU A 8 -8.76 -31.04 21.57
N THR A 9 -9.81 -31.20 20.78
CA THR A 9 -9.69 -31.32 19.33
C THR A 9 -10.61 -30.30 18.68
N VAL A 10 -10.59 -30.27 17.35
CA VAL A 10 -11.50 -29.41 16.60
C VAL A 10 -12.95 -29.65 17.02
N ASP A 11 -13.29 -30.89 17.40
CA ASP A 11 -14.67 -31.21 17.77
C ASP A 11 -15.15 -30.45 19.00
N ASP A 12 -14.23 -30.00 19.85
CA ASP A 12 -14.59 -29.27 21.05
C ASP A 12 -14.82 -27.78 20.81
N ILE A 13 -14.53 -27.27 19.63
CA ILE A 13 -14.66 -25.83 19.35
C ILE A 13 -15.97 -25.65 18.60
N THR A 14 -17.05 -25.44 19.34
CA THR A 14 -18.37 -25.19 18.75
C THR A 14 -19.03 -24.03 19.48
N GLY A 15 -19.93 -23.35 18.78
CA GLY A 15 -20.68 -22.27 19.40
C GLY A 15 -19.90 -20.97 19.50
N VAL A 16 -20.03 -20.27 20.62
CA VAL A 16 -19.51 -18.92 20.75
C VAL A 16 -18.13 -18.97 21.42
N VAL A 17 -17.10 -18.61 20.67
CA VAL A 17 -15.76 -18.44 21.23
C VAL A 17 -15.66 -16.98 21.64
N GLY A 18 -15.86 -16.71 22.93
CA GLY A 18 -15.87 -15.35 23.43
C GLY A 18 -14.47 -14.93 23.81
N ILE A 19 -14.11 -13.71 23.42
CA ILE A 19 -12.80 -13.12 23.73
C ILE A 19 -13.03 -11.90 24.61
N ILE A 20 -12.44 -11.90 25.79
CA ILE A 20 -12.65 -10.82 26.76
C ILE A 20 -11.43 -9.90 26.82
N PRO A 21 -11.63 -8.62 27.11
CA PRO A 21 -10.49 -7.73 27.39
C PRO A 21 -9.99 -7.99 28.81
N THR A 22 -8.93 -7.26 29.15
CA THR A 22 -8.34 -7.37 30.49
C THR A 22 -8.77 -6.17 31.32
N PRO A 23 -9.62 -6.34 32.32
CA PRO A 23 -10.05 -5.20 33.12
C PRO A 23 -8.87 -4.47 33.75
N SER A 24 -8.98 -3.14 33.84
CA SER A 24 -7.89 -2.30 34.30
C SER A 24 -8.36 -1.39 35.43
N ILE A 25 -7.41 -1.01 36.28
CA ILE A 25 -7.64 -0.11 37.41
C ILE A 25 -7.50 1.33 36.91
N PRO A 26 -8.00 2.33 37.65
CA PRO A 26 -8.01 3.71 37.12
C PRO A 26 -6.65 4.26 36.70
N THR A 27 -5.55 3.83 37.31
CA THR A 27 -4.24 4.35 36.94
C THR A 27 -3.53 3.47 35.90
N ALA A 28 -4.28 2.67 35.13
CA ALA A 28 -3.65 1.74 34.20
C ALA A 28 -2.94 2.43 33.03
N ASP A 29 -3.18 3.72 32.80
CA ASP A 29 -2.54 4.42 31.69
C ASP A 29 -1.24 5.11 32.09
N GLN A 30 -0.73 4.83 33.30
CA GLN A 30 0.49 5.45 33.81
C GLN A 30 1.65 4.46 33.72
N PRO A 31 2.78 4.85 33.14
CA PRO A 31 3.92 3.90 33.07
C PRO A 31 4.45 3.50 34.43
N GLY A 32 4.24 4.30 35.47
CA GLY A 32 4.71 3.97 36.81
C GLY A 32 3.83 3.00 37.58
N THR A 33 2.70 2.60 37.01
CA THR A 33 1.81 1.65 37.68
C THR A 33 2.32 0.24 37.45
N ALA A 34 2.73 -0.43 38.53
CA ALA A 34 3.40 -1.71 38.42
C ALA A 34 2.42 -2.83 38.03
N PHE A 35 1.24 -2.86 38.64
CA PHE A 35 0.25 -3.91 38.40
C PHE A 35 -1.10 -3.24 38.18
N SER A 36 -1.66 -3.40 36.98
CA SER A 36 -2.79 -2.60 36.54
C SER A 36 -4.05 -3.41 36.26
N VAL A 37 -4.05 -4.70 36.56
CA VAL A 37 -5.21 -5.55 36.28
C VAL A 37 -6.17 -5.45 37.46
N ASP A 38 -7.46 -5.29 37.17
CA ASP A 38 -8.51 -5.42 38.17
C ASP A 38 -8.91 -6.89 38.22
N LEU A 39 -8.35 -7.62 39.19
CA LEU A 39 -8.58 -9.06 39.25
C LEU A 39 -9.99 -9.38 39.72
N ASP A 40 -10.58 -8.56 40.58
CA ASP A 40 -11.96 -8.76 41.01
C ASP A 40 -12.90 -8.73 39.81
N GLU A 41 -12.74 -7.73 38.96
CA GLU A 41 -13.57 -7.62 37.76
C GLU A 41 -13.27 -8.71 36.76
N ALA A 42 -12.00 -9.13 36.66
CA ALA A 42 -11.66 -10.25 35.79
C ALA A 42 -12.41 -11.50 36.18
N ALA A 43 -12.51 -11.77 37.49
CA ALA A 43 -13.21 -12.97 37.95
C ALA A 43 -14.70 -12.88 37.69
N THR A 44 -15.33 -11.73 37.96
CA THR A 44 -16.76 -11.62 37.73
C THR A 44 -17.08 -11.62 36.24
N LEU A 45 -16.20 -11.03 35.43
CA LEU A 45 -16.42 -11.03 33.98
C LEU A 45 -16.37 -12.44 33.41
N ALA A 46 -15.32 -13.20 33.75
CA ALA A 46 -15.20 -14.56 33.25
C ALA A 46 -16.39 -15.41 33.67
N ASP A 47 -16.83 -15.26 34.92
CA ASP A 47 -18.00 -15.99 35.38
C ASP A 47 -19.26 -15.58 34.61
N ALA A 48 -19.40 -14.28 34.32
CA ALA A 48 -20.57 -13.82 33.57
C ALA A 48 -20.59 -14.37 32.15
N MET A 49 -19.42 -14.57 31.53
CA MET A 49 -19.39 -15.18 30.22
C MET A 49 -19.90 -16.62 30.27
N VAL A 50 -19.43 -17.39 31.25
CA VAL A 50 -19.92 -18.75 31.44
C VAL A 50 -21.43 -18.75 31.64
N ARG A 51 -21.90 -17.98 32.62
CA ARG A 51 -23.33 -17.94 32.91
C ARG A 51 -24.14 -17.39 31.75
N GLY A 52 -23.53 -16.57 30.90
CA GLY A 52 -24.18 -16.04 29.73
C GLY A 52 -24.20 -16.96 28.52
N GLY A 53 -23.66 -18.17 28.62
CA GLY A 53 -23.73 -19.13 27.53
C GLY A 53 -22.55 -19.18 26.59
N VAL A 54 -21.47 -18.44 26.87
CA VAL A 54 -20.27 -18.54 26.04
C VAL A 54 -19.71 -19.95 26.12
N ASP A 55 -19.33 -20.49 24.97
CA ASP A 55 -18.90 -21.89 24.89
C ASP A 55 -17.40 -22.07 25.07
N VAL A 56 -16.59 -21.10 24.63
CA VAL A 56 -15.14 -21.14 24.79
C VAL A 56 -14.68 -19.72 25.10
N LEU A 57 -13.80 -19.57 26.09
CA LEU A 57 -13.30 -18.27 26.52
C LEU A 57 -11.83 -18.12 26.13
N MET A 58 -11.50 -16.97 25.53
CA MET A 58 -10.11 -16.65 25.21
C MET A 58 -9.75 -15.29 25.79
N THR A 59 -8.47 -15.11 26.09
CA THR A 59 -7.96 -13.87 26.66
C THR A 59 -6.82 -13.32 25.81
N THR A 60 -6.51 -12.05 26.04
CA THR A 60 -5.27 -11.39 25.61
C THR A 60 -4.91 -11.69 24.15
N GLY A 61 -5.82 -11.31 23.27
CA GLY A 61 -5.46 -11.02 21.89
C GLY A 61 -5.13 -9.54 21.80
N THR A 62 -5.48 -8.90 20.68
CA THR A 62 -5.10 -7.50 20.49
C THR A 62 -5.80 -6.60 21.50
N PHE A 63 -7.14 -6.59 21.51
CA PHE A 63 -7.85 -5.65 22.38
C PHE A 63 -7.75 -6.04 23.84
N GLY A 64 -7.40 -7.29 24.14
CA GLY A 64 -7.06 -7.68 25.50
C GLY A 64 -5.70 -7.21 25.94
N GLU A 65 -5.00 -6.47 25.09
CA GLU A 65 -3.76 -5.76 25.43
C GLU A 65 -2.64 -6.74 25.76
N CYS A 66 -2.62 -7.85 25.01
CA CYS A 66 -1.50 -8.78 25.10
C CYS A 66 -0.17 -8.07 24.91
N ALA A 67 -0.13 -7.04 24.07
CA ALA A 67 1.12 -6.33 23.81
C ALA A 67 1.60 -5.56 25.04
N SER A 68 0.68 -5.01 25.83
CA SER A 68 1.04 -4.00 26.80
C SER A 68 0.94 -4.44 28.26
N LEU A 69 0.43 -5.63 28.54
CA LEU A 69 0.50 -6.17 29.90
C LEU A 69 1.92 -6.67 30.17
N THR A 70 2.37 -6.50 31.41
CA THR A 70 3.59 -7.18 31.80
C THR A 70 3.32 -8.68 31.97
N TRP A 71 4.40 -9.46 32.05
CA TRP A 71 4.24 -10.89 32.26
C TRP A 71 3.50 -11.18 33.56
N ASP A 72 3.84 -10.44 34.63
CA ASP A 72 3.21 -10.69 35.92
C ASP A 72 1.72 -10.40 35.88
N GLU A 73 1.33 -9.32 35.19
CA GLU A 73 -0.08 -9.03 35.00
C GLU A 73 -0.78 -10.12 34.20
N LEU A 74 -0.13 -10.59 33.14
CA LEU A 74 -0.77 -11.54 32.24
C LEU A 74 -1.02 -12.87 32.94
N GLN A 75 0.00 -13.41 33.61
CA GLN A 75 -0.15 -14.69 34.29
C GLN A 75 -1.15 -14.59 35.45
N SER A 76 -1.10 -13.49 36.21
CA SER A 76 -2.05 -13.35 37.30
C SER A 76 -3.48 -13.20 36.78
N PHE A 77 -3.66 -12.47 35.69
CA PHE A 77 -4.98 -12.32 35.08
C PHE A 77 -5.50 -13.67 34.59
N VAL A 78 -4.67 -14.42 33.85
CA VAL A 78 -5.07 -15.72 33.34
C VAL A 78 -5.38 -16.68 34.50
N ALA A 79 -4.53 -16.70 35.53
CA ALA A 79 -4.80 -17.53 36.70
C ALA A 79 -6.18 -17.23 37.29
N THR A 80 -6.51 -15.94 37.42
CA THR A 80 -7.80 -15.53 37.96
C THR A 80 -8.95 -15.96 37.04
N VAL A 81 -8.79 -15.80 35.73
CA VAL A 81 -9.86 -16.20 34.80
C VAL A 81 -10.08 -17.71 34.88
N VAL A 82 -9.00 -18.48 34.82
CA VAL A 82 -9.10 -19.94 34.92
C VAL A 82 -9.81 -20.36 36.20
N ASP A 83 -9.45 -19.73 37.32
CA ASP A 83 -10.06 -20.10 38.60
C ASP A 83 -11.55 -19.75 38.63
N ALA A 84 -11.92 -18.60 38.06
CA ALA A 84 -13.32 -18.20 38.04
C ALA A 84 -14.15 -19.10 37.12
N VAL A 85 -13.57 -19.48 35.97
CA VAL A 85 -14.29 -20.39 35.07
C VAL A 85 -14.48 -21.76 35.72
N ALA A 86 -13.49 -22.21 36.49
CA ALA A 86 -13.60 -23.42 37.31
C ALA A 86 -13.98 -24.65 36.50
N GLY A 87 -13.37 -24.80 35.33
CA GLY A 87 -13.53 -25.98 34.51
C GLY A 87 -14.83 -26.11 33.75
N ARG A 88 -15.67 -25.07 33.73
CA ARG A 88 -16.98 -25.19 33.09
C ARG A 88 -16.88 -25.14 31.56
N ILE A 89 -15.97 -24.33 31.02
CA ILE A 89 -15.74 -24.25 29.58
C ILE A 89 -14.25 -24.13 29.32
N PRO A 90 -13.79 -24.49 28.11
CA PRO A 90 -12.35 -24.38 27.82
C PRO A 90 -11.91 -22.92 27.83
N VAL A 91 -10.67 -22.71 28.30
CA VAL A 91 -10.06 -21.39 28.40
C VAL A 91 -8.74 -21.41 27.65
N PHE A 92 -8.62 -20.55 26.65
CA PHE A 92 -7.38 -20.39 25.88
C PHE A 92 -6.72 -19.08 26.31
N ALA A 93 -5.50 -19.17 26.82
CA ALA A 93 -4.77 -17.99 27.28
C ALA A 93 -3.98 -17.41 26.12
N GLY A 94 -4.19 -16.12 25.86
CA GLY A 94 -3.48 -15.44 24.80
C GLY A 94 -2.01 -15.28 25.15
N ALA A 95 -1.13 -15.85 24.32
CA ALA A 95 0.32 -15.77 24.52
C ALA A 95 0.94 -15.40 23.18
N THR A 96 1.39 -14.16 23.06
CA THR A 96 2.07 -13.70 21.86
C THR A 96 3.24 -12.83 22.30
N THR A 97 4.43 -13.14 21.81
CA THR A 97 5.63 -12.35 22.09
C THR A 97 6.35 -12.06 20.78
N LEU A 98 7.50 -11.41 20.88
CA LEU A 98 8.30 -11.08 19.71
C LEU A 98 9.07 -12.26 19.15
N ASN A 99 9.10 -13.43 19.81
CA ASN A 99 9.87 -14.54 19.26
C ASN A 99 9.32 -15.89 19.72
N THR A 100 9.84 -16.94 19.08
CA THR A 100 9.36 -18.31 19.32
C THR A 100 9.65 -18.76 20.75
N ARG A 101 10.85 -18.50 21.26
CA ARG A 101 11.26 -19.06 22.53
C ARG A 101 10.54 -18.42 23.70
N ASP A 102 10.34 -17.10 23.66
CA ASP A 102 9.56 -16.44 24.69
C ASP A 102 8.11 -16.92 24.69
N THR A 103 7.54 -17.12 23.49
CA THR A 103 6.16 -17.62 23.41
C THR A 103 6.05 -19.02 24.00
N ILE A 104 7.04 -19.88 23.72
CA ILE A 104 7.05 -21.22 24.29
C ILE A 104 7.12 -21.15 25.81
N ALA A 105 8.04 -20.31 26.33
CA ALA A 105 8.20 -20.19 27.77
C ALA A 105 6.95 -19.64 28.44
N ARG A 106 6.32 -18.63 27.84
CA ARG A 106 5.06 -18.13 28.39
C ARG A 106 3.98 -19.21 28.33
N GLY A 107 3.85 -19.88 27.18
CA GLY A 107 2.80 -20.88 27.01
C GLY A 107 2.93 -22.04 27.98
N ARG A 108 4.16 -22.50 28.23
CA ARG A 108 4.39 -23.54 29.21
C ARG A 108 3.86 -23.12 30.58
N ARG A 109 4.18 -21.89 30.99
CA ARG A 109 3.75 -21.41 32.29
C ARG A 109 2.24 -21.20 32.34
N LEU A 110 1.66 -20.70 31.24
CA LEU A 110 0.21 -20.51 31.24
C LEU A 110 -0.52 -21.84 31.32
N GLY A 111 0.01 -22.89 30.67
CA GLY A 111 -0.57 -24.20 30.83
C GLY A 111 -0.48 -24.71 32.26
N GLU A 112 0.64 -24.44 32.91
CA GLU A 112 0.82 -24.82 34.31
C GLU A 112 -0.16 -24.11 35.23
N LEU A 113 -0.72 -22.96 34.81
CA LEU A 113 -1.73 -22.26 35.59
C LEU A 113 -3.14 -22.77 35.34
N GLY A 114 -3.30 -23.77 34.49
CA GLY A 114 -4.60 -24.39 34.28
C GLY A 114 -5.30 -23.99 32.99
N ALA A 115 -4.68 -23.17 32.15
CA ALA A 115 -5.28 -22.89 30.86
C ALA A 115 -5.40 -24.16 30.05
N ASP A 116 -6.51 -24.30 29.32
CA ASP A 116 -6.73 -25.50 28.52
C ASP A 116 -6.04 -25.42 27.16
N GLY A 117 -5.69 -24.23 26.70
CA GLY A 117 -4.95 -24.10 25.47
C GLY A 117 -4.35 -22.71 25.36
N LEU A 118 -3.77 -22.44 24.20
CA LEU A 118 -3.12 -21.17 23.94
C LEU A 118 -3.74 -20.50 22.71
N PHE A 119 -3.96 -19.19 22.82
CA PHE A 119 -4.45 -18.33 21.75
C PHE A 119 -3.24 -17.52 21.29
N VAL A 120 -2.64 -17.89 20.16
CA VAL A 120 -1.28 -17.51 19.84
C VAL A 120 -1.24 -16.74 18.52
N GLY A 121 -0.80 -15.49 18.57
CA GLY A 121 -0.37 -14.75 17.41
C GLY A 121 1.06 -15.13 17.05
N ARG A 122 1.73 -14.28 16.28
CA ARG A 122 3.09 -14.61 15.89
C ARG A 122 3.98 -13.38 15.94
N PRO A 123 5.31 -13.57 16.02
CA PRO A 123 6.22 -12.43 16.03
C PRO A 123 6.03 -11.55 14.81
N MET A 124 6.12 -10.23 15.00
CA MET A 124 5.81 -9.30 13.93
C MET A 124 6.82 -8.16 13.74
N TRP A 125 7.96 -8.17 14.42
CA TRP A 125 8.98 -7.16 14.15
C TRP A 125 9.35 -7.17 12.67
N LEU A 126 9.59 -8.37 12.12
CA LEU A 126 9.55 -8.64 10.70
C LEU A 126 8.34 -9.52 10.39
N PRO A 127 7.78 -9.42 9.19
CA PRO A 127 6.73 -10.38 8.81
C PRO A 127 7.32 -11.77 8.63
N LEU A 128 6.48 -12.77 8.84
CA LEU A 128 6.82 -14.15 8.58
C LEU A 128 6.10 -14.58 7.30
N ASP A 129 6.82 -15.25 6.39
CA ASP A 129 6.16 -15.81 5.23
C ASP A 129 5.49 -17.12 5.63
N ASP A 130 4.80 -17.75 4.68
CA ASP A 130 4.05 -18.96 5.00
C ASP A 130 4.96 -20.04 5.57
N ALA A 131 6.17 -20.18 5.01
CA ALA A 131 7.14 -21.13 5.58
C ALA A 131 7.45 -20.80 7.03
N GLY A 132 7.71 -19.52 7.33
CA GLY A 132 8.05 -19.13 8.71
C GLY A 132 6.86 -19.20 9.65
N ILE A 133 5.66 -18.92 9.14
CA ILE A 133 4.45 -19.05 9.95
C ILE A 133 4.25 -20.49 10.39
N VAL A 134 4.37 -21.43 9.43
CA VAL A 134 4.18 -22.84 9.76
C VAL A 134 5.26 -23.30 10.74
N ARG A 135 6.52 -22.94 10.46
CA ARG A 135 7.61 -23.31 11.36
C ARG A 135 7.36 -22.83 12.78
N PHE A 136 6.83 -21.61 12.93
CA PHE A 136 6.59 -21.06 14.26
C PHE A 136 5.56 -21.88 15.02
N TYR A 137 4.42 -22.18 14.38
CA TYR A 137 3.37 -22.93 15.08
C TYR A 137 3.78 -24.38 15.32
N ARG A 138 4.53 -24.97 14.41
CA ARG A 138 5.06 -26.31 14.68
C ARG A 138 6.00 -26.30 15.87
N ASP A 139 6.86 -25.27 15.97
CA ASP A 139 7.77 -25.16 17.10
C ASP A 139 7.02 -25.05 18.42
N VAL A 140 6.00 -24.19 18.46
CA VAL A 140 5.21 -24.04 19.69
C VAL A 140 4.51 -25.35 20.02
N ALA A 141 3.91 -25.99 19.02
CA ALA A 141 3.14 -27.21 19.25
C ALA A 141 4.03 -28.34 19.75
N GLU A 142 5.23 -28.48 19.17
CA GLU A 142 6.13 -29.53 19.60
C GLU A 142 6.71 -29.27 20.99
N ALA A 143 6.87 -27.99 21.36
CA ALA A 143 7.44 -27.67 22.66
C ALA A 143 6.44 -27.78 23.79
N VAL A 144 5.17 -27.47 23.55
CA VAL A 144 4.14 -27.57 24.57
C VAL A 144 3.03 -28.47 24.05
N PRO A 145 3.32 -29.76 23.83
CA PRO A 145 2.34 -30.63 23.15
C PRO A 145 1.02 -30.79 23.88
N ASN A 146 0.97 -30.49 25.18
CA ASN A 146 -0.24 -30.62 25.98
C ASN A 146 -1.27 -29.53 25.73
N MET A 147 -0.91 -28.44 25.06
CA MET A 147 -1.81 -27.31 24.87
C MET A 147 -2.41 -27.34 23.48
N ALA A 148 -3.75 -27.26 23.41
CA ALA A 148 -4.41 -26.96 22.15
C ALA A 148 -4.09 -25.53 21.74
N LEU A 149 -4.15 -25.27 20.44
CA LEU A 149 -3.77 -23.97 19.89
C LEU A 149 -4.91 -23.38 19.08
N VAL A 150 -5.17 -22.09 19.28
CA VAL A 150 -6.00 -21.30 18.40
C VAL A 150 -5.09 -20.33 17.67
N VAL A 151 -5.00 -20.50 16.35
CA VAL A 151 -4.16 -19.64 15.52
C VAL A 151 -4.82 -18.27 15.38
N TYR A 152 -4.04 -17.20 15.59
CA TYR A 152 -4.53 -15.82 15.56
C TYR A 152 -4.16 -15.19 14.23
N ASP A 153 -5.12 -15.16 13.31
CA ASP A 153 -4.91 -14.71 11.94
C ASP A 153 -5.34 -13.25 11.84
N ASN A 154 -4.47 -12.36 12.34
CA ASN A 154 -4.71 -10.92 12.33
C ASN A 154 -3.75 -10.27 11.36
N PRO A 155 -4.15 -10.05 10.09
CA PRO A 155 -3.17 -9.60 9.09
C PRO A 155 -2.54 -8.26 9.43
N GLY A 156 -3.31 -7.30 9.94
CA GLY A 156 -2.76 -6.00 10.25
C GLY A 156 -1.77 -6.02 11.41
N ALA A 157 -2.10 -6.77 12.48
CA ALA A 157 -1.21 -6.81 13.63
C ALA A 157 0.10 -7.53 13.29
N PHE A 158 0.02 -8.66 12.59
CA PHE A 158 1.18 -9.53 12.40
C PHE A 158 1.81 -9.38 11.02
N LYS A 159 1.41 -8.36 10.26
CA LYS A 159 2.02 -7.99 8.98
C LYS A 159 1.82 -9.08 7.93
N GLY A 160 0.57 -9.50 7.75
CA GLY A 160 0.30 -10.43 6.68
C GLY A 160 -0.83 -11.40 6.95
N LYS A 161 -1.60 -11.69 5.91
CA LYS A 161 -2.63 -12.71 5.97
C LYS A 161 -1.99 -14.09 5.84
N ILE A 162 -2.34 -14.99 6.75
CA ILE A 162 -1.84 -16.36 6.65
C ILE A 162 -2.30 -16.98 5.33
N GLY A 163 -1.36 -17.53 4.57
CA GLY A 163 -1.69 -18.08 3.27
C GLY A 163 -2.43 -19.41 3.36
N THR A 164 -3.25 -19.68 2.34
CA THR A 164 -3.90 -20.98 2.23
C THR A 164 -2.91 -22.14 2.26
N PRO A 165 -1.75 -22.10 1.60
CA PRO A 165 -0.77 -23.18 1.80
C PRO A 165 -0.30 -23.32 3.23
N ALA A 166 -0.21 -22.22 3.98
CA ALA A 166 0.12 -22.32 5.40
C ALA A 166 -1.00 -23.03 6.17
N TYR A 167 -2.25 -22.74 5.80
CA TYR A 167 -3.37 -23.39 6.48
C TYR A 167 -3.38 -24.89 6.22
N GLU A 168 -3.05 -25.30 4.99
CA GLU A 168 -2.93 -26.72 4.68
C GLU A 168 -1.97 -27.41 5.65
N ALA A 169 -0.77 -26.84 5.85
CA ALA A 169 0.20 -27.46 6.73
C ALA A 169 -0.20 -27.37 8.21
N LEU A 170 -0.82 -26.24 8.60
CA LEU A 170 -1.27 -26.10 9.99
C LEU A 170 -2.32 -27.15 10.35
N SER A 171 -3.16 -27.56 9.39
CA SER A 171 -4.17 -28.57 9.63
C SER A 171 -3.58 -29.96 9.83
N GLN A 172 -2.27 -30.11 9.64
CA GLN A 172 -1.59 -31.37 9.95
C GLN A 172 -1.01 -31.38 11.36
N ILE A 173 -1.07 -30.27 12.07
CA ILE A 173 -0.56 -30.18 13.44
C ILE A 173 -1.74 -30.48 14.38
N PRO A 174 -1.71 -31.58 15.12
CA PRO A 174 -2.90 -31.97 15.91
C PRO A 174 -3.31 -30.93 16.94
N GLN A 175 -2.34 -30.20 17.51
CA GLN A 175 -2.63 -29.22 18.54
C GLN A 175 -3.46 -28.06 18.01
N VAL A 176 -3.37 -27.79 16.71
CA VAL A 176 -4.10 -26.67 16.11
C VAL A 176 -5.56 -27.09 15.95
N VAL A 177 -6.43 -26.54 16.81
CA VAL A 177 -7.84 -26.92 16.78
C VAL A 177 -8.73 -25.84 16.17
N ALA A 178 -8.27 -24.60 16.11
CA ALA A 178 -9.10 -23.52 15.59
C ALA A 178 -8.19 -22.39 15.13
N ALA A 179 -8.78 -21.50 14.34
CA ALA A 179 -8.11 -20.27 13.94
C ALA A 179 -9.09 -19.10 14.02
C10 9KP A 180 -9.19 -10.23 18.27
C11 9KP A 180 -8.51 -9.68 19.51
O13 9KP A 180 -8.21 -8.45 19.57
C15 9KP A 180 -9.26 -8.38 16.39
C16 9KP A 180 -10.30 -7.73 15.43
C17 9KP A 180 -10.90 -6.52 15.74
C18 9KP A 180 -11.84 -5.98 14.86
C19 9KP A 180 -12.16 -6.63 13.68
C20 9KP A 180 -11.55 -7.83 13.37
C22 9KP A 180 -10.57 -5.77 17.04
N 9KP A 180 -8.68 -18.02 14.67
CA 9KP A 180 -9.47 -16.81 14.67
C 9KP A 180 -9.27 -16.09 13.33
O 9KP A 180 -8.20 -15.69 13.02
CB 9KP A 180 -9.08 -15.91 15.86
CG 9KP A 180 -9.74 -14.51 15.74
CD 9KP A 180 -9.50 -13.68 17.03
CE 9KP A 180 -9.68 -12.15 16.84
NZ 9KP A 180 -9.06 -11.49 18.00
O12 9KP A 180 -8.26 -10.45 20.46
C14 9KP A 180 -10.04 -9.27 17.40
C21 9KP A 180 -10.63 -8.38 14.24
O23 9KP A 180 -11.50 -5.51 17.85
O24 9KP A 180 -9.39 -5.40 17.31
N HIS A 181 -10.35 -15.96 12.57
CA HIS A 181 -10.28 -15.52 11.18
C HIS A 181 -10.96 -14.16 11.01
N LEU A 182 -10.72 -13.51 9.87
CA LEU A 182 -11.33 -12.22 9.55
C LEU A 182 -12.69 -12.36 8.87
N GLY A 183 -13.05 -13.54 8.40
CA GLY A 183 -14.32 -13.70 7.71
C GLY A 183 -14.32 -12.94 6.39
N LEU A 184 -15.45 -12.29 6.11
CA LEU A 184 -15.60 -11.54 4.86
C LEU A 184 -14.59 -10.40 4.74
N LEU A 185 -14.01 -9.93 5.86
CA LEU A 185 -13.01 -8.88 5.78
C LEU A 185 -11.78 -9.32 4.99
N SER A 186 -11.45 -10.61 5.03
CA SER A 186 -10.39 -11.13 4.17
C SER A 186 -10.93 -11.58 2.82
N GLY A 187 -12.24 -11.48 2.60
CA GLY A 187 -12.84 -11.73 1.31
C GLY A 187 -12.93 -13.20 0.93
N SER A 188 -12.29 -13.55 -0.19
CA SER A 188 -12.33 -14.92 -0.68
C SER A 188 -11.47 -15.86 0.16
N ALA A 189 -10.63 -15.33 1.05
CA ALA A 189 -9.65 -16.15 1.75
C ALA A 189 -10.32 -17.17 2.69
N PHE A 190 -11.39 -16.76 3.37
CA PHE A 190 -12.02 -17.66 4.33
C PHE A 190 -12.42 -18.98 3.67
N LEU A 191 -13.00 -18.90 2.47
CA LEU A 191 -13.44 -20.10 1.77
C LEU A 191 -12.26 -20.95 1.33
N SER A 192 -11.21 -20.31 0.78
CA SER A 192 -9.99 -21.03 0.42
C SER A 192 -9.36 -21.70 1.64
N ASP A 193 -9.19 -20.94 2.73
CA ASP A 193 -8.64 -21.52 3.95
C ASP A 193 -9.51 -22.67 4.47
N LEU A 194 -10.84 -22.55 4.33
CA LEU A 194 -11.75 -23.60 4.80
C LEU A 194 -11.47 -24.92 4.09
N ARG A 195 -11.35 -24.89 2.76
CA ARG A 195 -11.02 -26.10 2.01
C ARG A 195 -9.67 -26.66 2.43
N ALA A 196 -8.72 -25.78 2.72
CA ALA A 196 -7.35 -26.19 3.03
C ALA A 196 -7.29 -27.02 4.31
N VAL A 197 -8.05 -26.64 5.34
CA VAL A 197 -7.95 -27.35 6.61
C VAL A 197 -8.79 -28.62 6.61
N SER A 198 -9.75 -28.74 5.70
CA SER A 198 -10.49 -29.98 5.46
C SER A 198 -11.07 -30.55 6.76
N GLY A 199 -11.78 -29.70 7.50
CA GLY A 199 -12.45 -30.12 8.71
C GLY A 199 -11.55 -30.41 9.88
N ARG A 200 -10.23 -30.27 9.74
CA ARG A 200 -9.33 -30.56 10.84
C ARG A 200 -9.12 -29.36 11.76
N VAL A 201 -9.58 -28.19 11.35
CA VAL A 201 -9.43 -26.95 12.12
C VAL A 201 -10.74 -26.18 12.03
N ARG A 202 -11.19 -25.64 13.16
CA ARG A 202 -12.40 -24.81 13.18
C ARG A 202 -12.02 -23.39 12.79
N LEU A 203 -12.50 -22.94 11.63
CA LEU A 203 -12.23 -21.58 11.17
C LEU A 203 -13.33 -20.66 11.67
N LEU A 204 -12.94 -19.70 12.52
CA LEU A 204 -13.86 -18.85 13.25
C LEU A 204 -14.04 -17.52 12.53
N PRO A 205 -15.17 -17.28 11.88
CA PRO A 205 -15.49 -15.93 11.44
C PRO A 205 -16.00 -15.09 12.61
N LEU A 206 -16.18 -13.80 12.36
CA LEU A 206 -16.85 -12.94 13.31
C LEU A 206 -18.33 -13.29 13.39
N GLU A 207 -18.95 -12.94 14.54
CA GLU A 207 -20.38 -13.21 14.67
C GLU A 207 -21.20 -12.43 13.65
N THR A 208 -20.66 -11.34 13.11
CA THR A 208 -21.39 -10.57 12.12
C THR A 208 -21.42 -11.22 10.74
N ASP A 209 -20.62 -12.26 10.49
CA ASP A 209 -20.81 -13.00 9.24
C ASP A 209 -20.85 -14.51 9.46
N TRP A 210 -21.02 -14.95 10.71
CA TRP A 210 -21.20 -16.37 10.99
C TRP A 210 -22.38 -16.94 10.20
N TYR A 211 -23.51 -16.24 10.17
CA TYR A 211 -24.69 -16.79 9.52
C TYR A 211 -24.43 -17.11 8.04
N TYR A 212 -23.76 -16.20 7.33
CA TYR A 212 -23.50 -16.41 5.91
C TYR A 212 -22.67 -17.67 5.68
N PHE A 213 -21.60 -17.84 6.44
CA PHE A 213 -20.73 -19.00 6.25
C PHE A 213 -21.34 -20.28 6.79
N ALA A 214 -22.13 -20.20 7.86
CA ALA A 214 -22.75 -21.40 8.41
C ALA A 214 -23.84 -21.93 7.48
N ARG A 215 -24.59 -21.05 6.83
CA ARG A 215 -25.61 -21.54 5.91
C ARG A 215 -24.98 -22.23 4.71
N LEU A 216 -23.85 -21.69 4.23
CA LEU A 216 -23.15 -22.29 3.09
C LEU A 216 -22.41 -23.56 3.47
N PHE A 217 -21.86 -23.63 4.68
CA PHE A 217 -21.03 -24.77 5.11
C PHE A 217 -21.44 -25.19 6.51
N PRO A 218 -22.64 -25.76 6.66
CA PRO A 218 -23.21 -25.95 8.00
C PRO A 218 -22.51 -27.00 8.84
N GLU A 219 -21.88 -27.99 8.22
CA GLU A 219 -21.21 -29.02 9.02
C GLU A 219 -19.82 -28.59 9.48
N GLU A 220 -19.22 -27.58 8.84
CA GLU A 220 -17.87 -27.13 9.16
C GLU A 220 -17.87 -25.85 9.99
N VAL A 221 -18.64 -24.84 9.60
CA VAL A 221 -18.62 -23.55 10.27
C VAL A 221 -19.64 -23.56 11.39
N THR A 222 -19.32 -24.27 12.47
CA THR A 222 -20.20 -24.48 13.61
C THR A 222 -19.84 -23.60 14.80
N ALA A 223 -18.98 -22.61 14.61
CA ALA A 223 -18.53 -21.74 15.69
C ALA A 223 -18.14 -20.41 15.11
N CYS A 224 -18.17 -19.39 15.96
CA CYS A 224 -17.66 -18.06 15.63
C CYS A 224 -16.83 -17.56 16.80
N TRP A 225 -16.10 -16.47 16.57
CA TRP A 225 -15.51 -15.72 17.68
C TRP A 225 -16.25 -14.40 17.81
N SER A 226 -16.25 -13.84 19.02
CA SER A 226 -16.86 -12.54 19.25
C SER A 226 -16.01 -11.76 20.24
N GLY A 227 -15.56 -10.58 19.82
CA GLY A 227 -14.93 -9.63 20.70
C GLY A 227 -15.91 -8.71 21.39
N ASN A 228 -17.22 -8.98 21.25
CA ASN A 228 -18.26 -8.14 21.81
C ASN A 228 -18.93 -8.73 23.04
N VAL A 229 -18.56 -9.96 23.45
CA VAL A 229 -19.30 -10.63 24.52
C VAL A 229 -19.18 -9.87 25.84
N ALA A 230 -18.08 -9.15 26.04
CA ALA A 230 -17.93 -8.35 27.26
C ALA A 230 -18.85 -7.15 27.29
N CYS A 231 -19.57 -6.87 26.21
CA CYS A 231 -20.65 -5.88 26.21
C CYS A 231 -22.01 -6.51 26.48
N GLY A 232 -22.05 -7.83 26.70
CA GLY A 232 -23.28 -8.56 26.81
C GLY A 232 -23.34 -9.67 25.79
N PRO A 233 -23.34 -10.93 26.24
CA PRO A 233 -23.23 -12.06 25.31
C PRO A 233 -24.54 -12.56 24.73
N ALA A 234 -25.68 -12.10 25.22
CA ALA A 234 -26.96 -12.67 24.78
C ALA A 234 -27.25 -12.51 23.29
N PRO A 235 -26.87 -11.42 22.60
CA PRO A 235 -27.12 -11.39 21.14
C PRO A 235 -26.33 -12.45 20.39
N VAL A 236 -25.16 -12.85 20.88
CA VAL A 236 -24.33 -13.79 20.14
C VAL A 236 -24.73 -15.23 20.44
N THR A 237 -25.09 -15.52 21.69
CA THR A 237 -25.60 -16.85 21.98
C THR A 237 -26.94 -17.09 21.31
N HIS A 238 -27.77 -16.05 21.21
CA HIS A 238 -29.03 -16.17 20.48
C HIS A 238 -28.78 -16.48 18.99
N LEU A 239 -27.77 -15.83 18.39
CA LEU A 239 -27.42 -16.13 17.01
C LEU A 239 -27.01 -17.59 16.85
N ARG A 240 -26.23 -18.11 17.81
CA ARG A 240 -25.83 -19.52 17.78
C ARG A 240 -27.04 -20.44 17.74
N ASP A 241 -28.05 -20.17 18.57
CA ASP A 241 -29.25 -21.00 18.59
C ASP A 241 -30.04 -20.86 17.28
N LEU A 242 -30.15 -19.64 16.76
CA LEU A 242 -30.85 -19.44 15.49
C LEU A 242 -30.16 -20.19 14.35
N ILE A 243 -28.82 -20.19 14.35
CA ILE A 243 -28.08 -20.92 13.31
C ILE A 243 -28.29 -22.42 13.47
N ARG A 244 -28.24 -22.91 14.70
CA ARG A 244 -28.50 -24.33 14.95
C ARG A 244 -29.90 -24.72 14.46
N ALA A 245 -30.89 -23.87 14.69
CA ALA A 245 -32.25 -24.13 14.23
C ALA A 245 -32.42 -23.89 12.72
N ARG A 246 -31.39 -23.42 12.04
CA ARG A 246 -31.45 -23.07 10.62
C ARG A 246 -32.61 -22.13 10.32
N ARG A 247 -32.85 -21.19 11.25
CA ARG A 247 -33.89 -20.17 11.09
C ARG A 247 -33.27 -18.98 10.34
N TRP A 248 -33.18 -19.13 9.01
CA TRP A 248 -32.32 -18.24 8.23
C TRP A 248 -32.86 -16.82 8.19
N ASP A 249 -34.18 -16.65 8.06
CA ASP A 249 -34.75 -15.30 8.08
C ASP A 249 -34.41 -14.57 9.38
N ASP A 250 -34.58 -15.26 10.52
CA ASP A 250 -34.24 -14.64 11.80
C ASP A 250 -32.75 -14.41 11.92
N CYS A 251 -31.94 -15.35 11.43
CA CYS A 251 -30.48 -15.16 11.41
C CYS A 251 -30.10 -13.89 10.66
N GLN A 252 -30.71 -13.67 9.49
CA GLN A 252 -30.43 -12.48 8.71
C GLN A 252 -30.87 -11.22 9.44
N ALA A 253 -32.07 -11.23 10.02
CA ALA A 253 -32.56 -10.09 10.77
C ALA A 253 -31.63 -9.75 11.93
N LEU A 254 -31.22 -10.77 12.69
CA LEU A 254 -30.33 -10.53 13.83
C LEU A 254 -28.96 -10.04 13.37
N THR A 255 -28.44 -10.62 12.28
CA THR A 255 -27.16 -10.17 11.75
C THR A 255 -27.21 -8.70 11.37
N ASP A 256 -28.33 -8.25 10.79
CA ASP A 256 -28.50 -6.83 10.49
C ASP A 256 -28.53 -6.00 11.76
N GLU A 257 -29.17 -6.49 12.81
CA GLU A 257 -29.18 -5.79 14.09
C GLU A 257 -27.76 -5.64 14.66
N LEU A 258 -27.00 -6.74 14.64
CA LEU A 258 -25.62 -6.71 15.14
C LEU A 258 -24.77 -5.72 14.36
N GLU A 259 -24.85 -5.78 13.02
CA GLU A 259 -24.08 -4.86 12.18
C GLU A 259 -24.53 -3.42 12.39
N GLY A 260 -25.83 -3.20 12.58
CA GLY A 260 -26.32 -1.86 12.83
C GLY A 260 -25.82 -1.28 14.15
N ALA A 261 -25.71 -2.11 15.19
CA ALA A 261 -25.23 -1.62 16.47
C ALA A 261 -23.76 -1.23 16.40
N LEU A 262 -22.96 -1.93 15.61
CA LEU A 262 -21.53 -1.66 15.49
C LEU A 262 -21.19 -0.71 14.35
N GLU A 263 -22.20 -0.05 13.77
CA GLU A 263 -21.99 0.75 12.56
C GLU A 263 -20.99 1.88 12.76
N THR A 264 -20.95 2.46 13.96
CA THR A 264 -20.07 3.59 14.23
C THR A 264 -18.68 3.19 14.68
N LEU A 265 -18.40 1.89 14.77
CA LEU A 265 -17.12 1.43 15.32
C LEU A 265 -15.94 1.87 14.45
N TYR A 266 -16.09 1.82 13.14
CA TYR A 266 -14.97 2.15 12.26
C TYR A 266 -15.05 3.61 11.85
N PRO A 267 -14.01 4.42 12.10
CA PRO A 267 -14.08 5.84 11.75
C PRO A 267 -14.30 6.04 10.25
N GLY A 268 -15.35 6.80 9.92
CA GLY A 268 -15.75 6.99 8.54
C GLY A 268 -15.94 5.70 7.78
N GLY A 269 -16.29 4.62 8.50
CA GLY A 269 -16.39 3.30 7.91
C GLY A 269 -15.08 2.67 7.51
N ASN A 270 -13.95 3.30 7.83
CA ASN A 270 -12.64 2.84 7.36
C ASN A 270 -12.07 1.82 8.34
N PHE A 271 -11.94 0.58 7.88
CA PHE A 271 -11.45 -0.50 8.74
C PHE A 271 -9.99 -0.27 9.12
N ALA A 272 -9.14 0.07 8.15
CA ALA A 272 -7.72 0.23 8.43
C ALA A 272 -7.45 1.34 9.43
N GLU A 273 -8.29 2.39 9.42
CA GLU A 273 -8.13 3.43 10.43
C GLU A 273 -8.53 2.93 11.81
N PHE A 274 -9.55 2.07 11.89
CA PHE A 274 -9.95 1.49 13.16
C PHE A 274 -8.82 0.66 13.77
N LEU A 275 -8.08 -0.07 12.93
CA LEU A 275 -7.02 -0.95 13.44
C LEU A 275 -5.86 -0.15 14.01
N LYS A 276 -5.60 1.05 13.48
CA LYS A 276 -4.57 1.90 14.05
C LYS A 276 -4.85 2.26 15.50
N TYR A 277 -6.12 2.16 15.93
CA TYR A 277 -6.53 2.57 17.27
C TYR A 277 -7.49 1.57 17.88
N SER A 278 -7.37 0.29 17.52
CA SER A 278 -8.37 -0.70 17.89
C SER A 278 -8.41 -0.92 19.40
N ILE A 279 -7.25 -0.88 20.06
CA ILE A 279 -7.21 -1.06 21.50
C ILE A 279 -7.98 0.06 22.19
N GLN A 280 -7.74 1.30 21.77
CA GLN A 280 -8.37 2.45 22.39
C GLN A 280 -9.87 2.48 22.11
N ILE A 281 -10.26 2.14 20.88
CA ILE A 281 -11.66 2.26 20.48
C ILE A 281 -12.50 1.18 21.16
N ASP A 282 -12.00 -0.07 21.17
CA ASP A 282 -12.71 -1.14 21.86
C ASP A 282 -12.87 -0.84 23.34
N ASN A 283 -11.85 -0.21 23.94
CA ASN A 283 -11.91 0.14 25.36
C ASN A 283 -13.07 1.09 25.64
N ALA A 284 -13.29 2.06 24.75
CA ALA A 284 -14.42 2.96 24.91
C ALA A 284 -15.74 2.21 24.75
N GLN A 285 -15.79 1.25 23.82
CA GLN A 285 -16.99 0.44 23.63
C GLN A 285 -17.30 -0.39 24.87
N PHE A 286 -16.28 -1.04 25.46
CA PHE A 286 -16.51 -1.82 26.66
C PHE A 286 -17.03 -0.95 27.81
N GLN A 287 -16.43 0.23 28.00
CA GLN A 287 -16.88 1.12 29.07
C GLN A 287 -18.34 1.53 28.86
N ALA A 288 -18.71 1.90 27.64
CA ALA A 288 -20.03 2.47 27.40
C ALA A 288 -21.13 1.43 27.50
N ALA A 289 -20.86 0.18 27.11
CA ALA A 289 -21.90 -0.85 27.16
C ALA A 289 -22.33 -1.17 28.58
N GLY A 290 -21.45 -0.95 29.57
CA GLY A 290 -21.84 -1.09 30.96
C GLY A 290 -22.05 -2.50 31.46
N PHE A 291 -21.74 -3.51 30.65
CA PHE A 291 -21.82 -4.89 31.14
C PHE A 291 -20.69 -5.19 32.11
N MET A 292 -19.51 -4.63 31.86
CA MET A 292 -18.37 -4.73 32.76
C MET A 292 -17.87 -3.32 33.04
N ARG A 293 -16.99 -3.20 34.03
CA ARG A 293 -16.36 -1.94 34.37
C ARG A 293 -14.87 -2.06 34.10
N THR A 294 -14.27 -1.00 33.58
CA THR A 294 -12.83 -1.01 33.36
C THR A 294 -12.34 0.42 33.20
N GLY A 295 -11.05 0.60 33.48
CA GLY A 295 -10.42 1.89 33.36
C GLY A 295 -9.83 2.12 31.99
N PRO A 296 -8.76 2.90 31.93
CA PRO A 296 -8.18 3.26 30.64
C PRO A 296 -7.26 2.15 30.13
N THR A 297 -6.65 2.40 28.99
CA THR A 297 -5.74 1.43 28.36
C THR A 297 -4.33 1.62 28.93
N ARG A 298 -3.47 0.61 28.66
CA ARG A 298 -2.11 0.64 29.18
C ARG A 298 -1.16 1.33 28.20
N PRO A 299 -0.06 1.90 28.69
CA PRO A 299 0.95 2.47 27.79
C PRO A 299 1.50 1.41 26.85
N PRO A 300 1.75 1.75 25.57
CA PRO A 300 1.75 3.09 24.99
C PRO A 300 0.48 3.49 24.25
N TYR A 301 -0.58 2.70 24.34
CA TYR A 301 -1.74 2.89 23.47
C TYR A 301 -2.82 3.69 24.20
N THR A 302 -2.48 4.95 24.48
CA THR A 302 -3.35 5.90 25.17
C THR A 302 -3.73 7.10 24.31
N GLU A 303 -3.20 7.23 23.10
CA GLU A 303 -3.48 8.36 22.24
C GLU A 303 -4.39 7.93 21.10
N VAL A 304 -5.41 8.74 20.82
CA VAL A 304 -6.42 8.41 19.82
C VAL A 304 -7.25 9.66 19.56
N PRO A 305 -7.62 9.94 18.32
CA PRO A 305 -8.57 11.03 18.06
C PRO A 305 -9.86 10.79 18.82
N GLU A 306 -10.34 11.83 19.49
CA GLU A 306 -11.50 11.72 20.36
C GLU A 306 -12.74 11.27 19.60
N SER A 307 -12.89 11.68 18.34
CA SER A 307 -14.05 11.27 17.56
C SER A 307 -14.09 9.76 17.37
N TYR A 308 -12.92 9.10 17.36
CA TYR A 308 -12.90 7.64 17.25
C TYR A 308 -13.46 6.99 18.51
N LEU A 309 -13.15 7.56 19.68
CA LEU A 309 -13.73 7.05 20.92
C LEU A 309 -15.24 7.24 20.95
N ALA A 310 -15.72 8.36 20.38
CA ALA A 310 -17.16 8.59 20.29
C ALA A 310 -17.85 7.48 19.51
N GLY A 311 -17.26 7.08 18.37
CA GLY A 311 -17.81 5.96 17.64
C GLY A 311 -17.85 4.68 18.46
N GLY A 312 -16.79 4.43 19.23
CA GLY A 312 -16.78 3.25 20.09
C GLY A 312 -17.85 3.30 21.16
N ARG A 313 -18.03 4.45 21.81
CA ARG A 313 -19.05 4.58 22.85
C ARG A 313 -20.45 4.38 22.30
N GLU A 314 -20.72 4.92 21.11
CA GLU A 314 -22.05 4.74 20.54
C GLU A 314 -22.29 3.27 20.20
N ALA A 315 -21.26 2.59 19.69
CA ALA A 315 -21.39 1.15 19.43
C ALA A 315 -21.65 0.39 20.71
N GLY A 316 -21.00 0.78 21.81
CA GLY A 316 -21.26 0.12 23.08
C GLY A 316 -22.69 0.32 23.55
N LYS A 317 -23.17 1.57 23.48
CA LYS A 317 -24.54 1.86 23.91
C LYS A 317 -25.56 1.10 23.06
N ASN A 318 -25.35 1.04 21.75
CA ASN A 318 -26.27 0.31 20.89
C ASN A 318 -26.26 -1.19 21.20
N TRP A 319 -25.08 -1.76 21.44
CA TRP A 319 -25.01 -3.17 21.80
C TRP A 319 -25.68 -3.44 23.15
N ALA A 320 -25.54 -2.49 24.09
CA ALA A 320 -26.23 -2.64 25.38
C ALA A 320 -27.72 -2.85 25.20
N ALA A 321 -28.34 -2.12 24.25
CA ALA A 321 -29.76 -2.29 24.00
C ALA A 321 -30.06 -3.67 23.41
N LEU A 322 -29.16 -4.18 22.56
CA LEU A 322 -29.33 -5.55 22.07
C LEU A 322 -29.21 -6.56 23.22
N GLN A 323 -28.24 -6.37 24.11
CA GLN A 323 -28.10 -7.25 25.26
C GLN A 323 -29.37 -7.26 26.10
N GLN A 324 -29.91 -6.07 26.39
CA GLN A 324 -31.15 -5.99 27.16
C GLN A 324 -32.28 -6.74 26.46
N ARG A 325 -32.41 -6.56 25.14
CA ARG A 325 -33.51 -7.19 24.43
C ARG A 325 -33.41 -8.72 24.44
N TYR A 326 -32.20 -9.26 24.26
CA TYR A 326 -32.06 -10.70 24.10
C TYR A 326 -31.73 -11.44 25.40
N ALA A 327 -31.49 -10.72 26.49
CA ALA A 327 -31.25 -11.37 27.78
C ALA A 327 -32.56 -11.95 28.35
N ASP B 5 21.12 12.96 35.49
CA ASP B 5 21.00 13.06 34.03
C ASP B 5 22.20 12.43 33.35
N THR B 6 21.98 11.85 32.18
CA THR B 6 23.09 11.44 31.33
C THR B 6 24.00 12.63 31.05
N LYS B 7 25.30 12.35 30.96
CA LYS B 7 26.27 13.38 30.59
C LYS B 7 26.41 13.53 29.09
N LEU B 8 25.93 12.56 28.33
CA LEU B 8 26.02 12.62 26.88
C LEU B 8 25.03 13.63 26.32
N THR B 9 25.45 14.33 25.27
CA THR B 9 24.61 15.25 24.52
C THR B 9 24.83 15.00 23.03
N VAL B 10 24.14 15.80 22.21
CA VAL B 10 24.31 15.70 20.75
C VAL B 10 25.76 15.88 20.34
N ASP B 11 26.53 16.71 21.08
CA ASP B 11 27.92 16.96 20.72
C ASP B 11 28.78 15.70 20.77
N ASP B 12 28.37 14.72 21.57
CA ASP B 12 29.12 13.47 21.70
C ASP B 12 28.90 12.52 20.54
N ILE B 13 27.92 12.79 19.67
CA ILE B 13 27.57 11.88 18.58
C ILE B 13 28.19 12.47 17.31
N THR B 14 29.43 12.06 17.03
CA THR B 14 30.15 12.48 15.83
C THR B 14 30.85 11.27 15.23
N GLY B 15 30.97 11.25 13.90
CA GLY B 15 31.69 10.19 13.25
C GLY B 15 30.86 8.95 12.97
N VAL B 16 31.43 7.77 13.12
CA VAL B 16 30.77 6.53 12.72
C VAL B 16 30.04 5.96 13.93
N VAL B 17 28.71 5.91 13.84
CA VAL B 17 27.90 5.17 14.80
C VAL B 17 27.72 3.76 14.23
N GLY B 18 28.57 2.84 14.66
CA GLY B 18 28.53 1.48 14.15
C GLY B 18 27.50 0.65 14.92
N ILE B 19 26.75 -0.16 14.17
CA ILE B 19 25.75 -1.07 14.73
C ILE B 19 26.20 -2.50 14.43
N ILE B 20 26.36 -3.31 15.47
CA ILE B 20 26.85 -4.67 15.31
C ILE B 20 25.71 -5.68 15.44
N PRO B 21 25.79 -6.81 14.76
CA PRO B 21 24.86 -7.91 15.01
C PRO B 21 25.24 -8.60 16.30
N THR B 22 24.47 -9.63 16.64
CA THR B 22 24.71 -10.43 17.84
C THR B 22 25.23 -11.79 17.40
N PRO B 23 26.54 -12.05 17.55
CA PRO B 23 27.09 -13.33 17.07
C PRO B 23 26.37 -14.51 17.68
N SER B 24 26.12 -15.51 16.85
CA SER B 24 25.35 -16.68 17.27
C SER B 24 26.18 -17.95 17.16
N ILE B 25 25.81 -18.95 17.97
CA ILE B 25 26.45 -20.26 17.97
C ILE B 25 25.77 -21.13 16.90
N PRO B 26 26.34 -22.28 16.54
CA PRO B 26 25.77 -23.05 15.41
C PRO B 26 24.34 -23.53 15.61
N THR B 27 23.90 -23.78 16.84
CA THR B 27 22.54 -24.24 17.11
C THR B 27 21.56 -23.09 17.38
N ALA B 28 21.93 -21.85 17.03
CA ALA B 28 21.10 -20.70 17.38
C ALA B 28 19.77 -20.68 16.65
N ASP B 29 19.57 -21.48 15.61
CA ASP B 29 18.30 -21.48 14.91
C ASP B 29 17.31 -22.49 15.48
N GLN B 30 17.64 -23.14 16.61
CA GLN B 30 16.79 -24.17 17.18
C GLN B 30 16.01 -23.62 18.36
N PRO B 31 14.70 -23.87 18.42
CA PRO B 31 13.90 -23.30 19.53
C PRO B 31 14.29 -23.83 20.89
N GLY B 32 14.89 -25.03 20.98
CA GLY B 32 15.33 -25.56 22.26
C GLY B 32 16.65 -25.03 22.78
N THR B 33 17.37 -24.23 22.00
CA THR B 33 18.65 -23.69 22.45
C THR B 33 18.43 -22.65 23.54
N ALA B 34 18.90 -22.94 24.75
CA ALA B 34 18.65 -22.06 25.89
C ALA B 34 19.46 -20.77 25.80
N PHE B 35 20.70 -20.84 25.33
CA PHE B 35 21.56 -19.67 25.23
C PHE B 35 22.33 -19.76 23.92
N SER B 36 22.11 -18.79 23.03
CA SER B 36 22.57 -18.89 21.65
C SER B 36 23.60 -17.84 21.25
N VAL B 37 24.11 -17.06 22.20
CA VAL B 37 25.05 -15.99 21.89
C VAL B 37 26.48 -16.54 21.96
N ASP B 38 27.31 -16.17 20.98
CA ASP B 38 28.74 -16.47 21.03
C ASP B 38 29.43 -15.30 21.73
N LEU B 39 29.65 -15.43 23.03
CA LEU B 39 30.19 -14.32 23.82
C LEU B 39 31.65 -14.05 23.50
N ASP B 40 32.42 -15.07 23.16
CA ASP B 40 33.80 -14.85 22.76
C ASP B 40 33.87 -13.97 21.52
N GLU B 41 33.08 -14.31 20.49
CA GLU B 41 33.04 -13.49 19.30
C GLU B 41 32.47 -12.10 19.58
N ALA B 42 31.47 -12.01 20.47
CA ALA B 42 30.94 -10.70 20.84
C ALA B 42 32.03 -9.77 21.36
N ALA B 43 32.89 -10.29 22.25
CA ALA B 43 33.92 -9.43 22.84
C ALA B 43 34.98 -9.04 21.82
N THR B 44 35.43 -10.00 20.99
CA THR B 44 36.44 -9.67 19.99
C THR B 44 35.88 -8.72 18.94
N LEU B 45 34.61 -8.89 18.56
CA LEU B 45 34.00 -7.99 17.58
C LEU B 45 33.87 -6.58 18.14
N ALA B 46 33.41 -6.46 19.39
CA ALA B 46 33.29 -5.13 19.99
C ALA B 46 34.65 -4.46 20.10
N ASP B 47 35.69 -5.22 20.47
CA ASP B 47 37.03 -4.67 20.56
C ASP B 47 37.55 -4.27 19.18
N ALA B 48 37.27 -5.09 18.16
CA ALA B 48 37.69 -4.74 16.81
C ALA B 48 37.03 -3.45 16.33
N MET B 49 35.77 -3.21 16.72
CA MET B 49 35.12 -1.96 16.34
C MET B 49 35.84 -0.77 16.96
N VAL B 50 36.24 -0.87 18.24
CA VAL B 50 36.94 0.23 18.88
C VAL B 50 38.29 0.47 18.22
N ARG B 51 39.07 -0.60 18.04
CA ARG B 51 40.40 -0.45 17.46
C ARG B 51 40.33 0.04 16.02
N GLY B 52 39.26 -0.32 15.31
CA GLY B 52 39.01 0.12 13.96
C GLY B 52 38.54 1.55 13.81
N GLY B 53 38.30 2.24 14.91
CA GLY B 53 37.98 3.66 14.89
C GLY B 53 36.51 4.01 14.92
N VAL B 54 35.63 3.05 15.19
CA VAL B 54 34.22 3.35 15.34
C VAL B 54 34.04 4.29 16.52
N ASP B 55 33.22 5.32 16.34
CA ASP B 55 33.12 6.41 17.32
C ASP B 55 32.06 6.16 18.38
N VAL B 56 30.95 5.53 18.01
CA VAL B 56 29.88 5.15 18.92
C VAL B 56 29.42 3.76 18.51
N LEU B 57 29.17 2.90 19.49
CA LEU B 57 28.72 1.53 19.22
C LEU B 57 27.29 1.34 19.70
N MET B 58 26.48 0.67 18.88
CA MET B 58 25.12 0.31 19.24
C MET B 58 24.89 -1.17 18.97
N THR B 59 24.01 -1.77 19.76
CA THR B 59 23.64 -3.18 19.63
C THR B 59 22.15 -3.33 19.41
N THR B 60 21.77 -4.53 18.96
CA THR B 60 20.41 -5.05 18.98
C THR B 60 19.36 -4.03 18.48
N GLY B 61 19.56 -3.61 17.23
CA GLY B 61 18.46 -3.10 16.43
C GLY B 61 17.79 -4.26 15.70
N THR B 62 17.32 -4.04 14.47
CA THR B 62 16.62 -5.09 13.75
C THR B 62 17.54 -6.26 13.43
N PHE B 63 18.64 -6.00 12.70
CA PHE B 63 19.49 -7.10 12.27
C PHE B 63 20.29 -7.69 13.42
N GLY B 64 20.44 -6.96 14.52
CA GLY B 64 20.99 -7.50 15.75
C GLY B 64 20.04 -8.41 16.51
N GLU B 65 18.85 -8.66 15.96
CA GLU B 65 17.90 -9.63 16.49
C GLU B 65 17.42 -9.25 17.89
N CYS B 66 17.20 -7.94 18.09
CA CYS B 66 16.51 -7.48 19.30
C CYS B 66 15.20 -8.23 19.51
N ALA B 67 14.51 -8.57 18.43
CA ALA B 67 13.21 -9.24 18.56
C ALA B 67 13.35 -10.64 19.15
N SER B 68 14.38 -11.39 18.73
CA SER B 68 14.41 -12.83 18.94
C SER B 68 15.39 -13.29 20.02
N LEU B 69 16.23 -12.42 20.56
CA LEU B 69 17.04 -12.81 21.73
C LEU B 69 16.17 -12.89 22.97
N THR B 70 16.49 -13.84 23.85
CA THR B 70 15.86 -13.85 25.17
C THR B 70 16.40 -12.70 26.01
N TRP B 71 15.67 -12.39 27.09
CA TRP B 71 16.11 -11.32 27.99
C TRP B 71 17.45 -11.65 28.62
N ASP B 72 17.64 -12.92 29.01
CA ASP B 72 18.92 -13.39 29.51
C ASP B 72 20.04 -13.19 28.49
N GLU B 73 19.79 -13.53 27.23
CA GLU B 73 20.79 -13.36 26.18
C GLU B 73 21.12 -11.89 25.96
N LEU B 74 20.10 -11.02 25.95
CA LEU B 74 20.33 -9.60 25.72
C LEU B 74 21.21 -9.00 26.81
N GLN B 75 20.91 -9.32 28.08
CA GLN B 75 21.72 -8.81 29.18
C GLN B 75 23.17 -9.28 29.06
N SER B 76 23.35 -10.59 28.86
CA SER B 76 24.69 -11.15 28.78
C SER B 76 25.47 -10.54 27.63
N PHE B 77 24.84 -10.43 26.45
CA PHE B 77 25.51 -9.87 25.28
C PHE B 77 25.91 -8.42 25.50
N VAL B 78 25.00 -7.62 26.08
CA VAL B 78 25.31 -6.21 26.28
C VAL B 78 26.40 -6.05 27.34
N ALA B 79 26.31 -6.82 28.42
CA ALA B 79 27.36 -6.78 29.44
C ALA B 79 28.71 -7.13 28.85
N THR B 80 28.75 -8.16 27.98
CA THR B 80 30.00 -8.56 27.34
C THR B 80 30.51 -7.45 26.42
N VAL B 81 29.62 -6.79 25.68
CA VAL B 81 30.03 -5.70 24.81
C VAL B 81 30.54 -4.52 25.63
N VAL B 82 29.82 -4.17 26.70
CA VAL B 82 30.25 -3.07 27.57
C VAL B 82 31.63 -3.36 28.14
N ASP B 83 31.82 -4.57 28.69
CA ASP B 83 33.11 -4.94 29.26
C ASP B 83 34.23 -4.83 28.23
N ALA B 84 34.00 -5.33 27.01
CA ALA B 84 35.04 -5.32 26.00
C ALA B 84 35.39 -3.91 25.55
N VAL B 85 34.38 -3.03 25.44
CA VAL B 85 34.64 -1.65 25.06
C VAL B 85 35.40 -0.92 26.16
N ALA B 86 35.09 -1.24 27.42
CA ALA B 86 35.81 -0.74 28.60
C ALA B 86 35.84 0.79 28.65
N GLY B 87 34.70 1.41 28.34
CA GLY B 87 34.60 2.85 28.43
C GLY B 87 35.32 3.64 27.34
N ARG B 88 35.86 2.98 26.32
CA ARG B 88 36.64 3.70 25.31
C ARG B 88 35.75 4.54 24.40
N ILE B 89 34.58 4.01 24.02
CA ILE B 89 33.59 4.78 23.26
C ILE B 89 32.22 4.52 23.87
N PRO B 90 31.27 5.43 23.66
CA PRO B 90 29.92 5.22 24.23
C PRO B 90 29.24 4.01 23.61
N VAL B 91 28.53 3.24 24.44
CA VAL B 91 27.81 2.05 24.02
C VAL B 91 26.33 2.26 24.25
N PHE B 92 25.53 2.15 23.20
CA PHE B 92 24.08 2.25 23.28
C PHE B 92 23.49 0.85 23.11
N ALA B 93 22.77 0.38 24.13
CA ALA B 93 22.18 -0.95 24.10
C ALA B 93 20.80 -0.90 23.46
N GLY B 94 20.58 -1.72 22.44
CA GLY B 94 19.28 -1.79 21.79
C GLY B 94 18.27 -2.41 22.72
N ALA B 95 17.24 -1.64 23.08
CA ALA B 95 16.17 -2.10 23.95
C ALA B 95 14.85 -1.68 23.32
N THR B 96 14.13 -2.65 22.75
CA THR B 96 12.83 -2.42 22.17
C THR B 96 11.94 -3.60 22.55
N THR B 97 10.81 -3.31 23.18
CA THR B 97 9.83 -4.35 23.51
C THR B 97 8.47 -3.95 22.95
N LEU B 98 7.44 -4.75 23.25
CA LEU B 98 6.09 -4.48 22.81
C LEU B 98 5.39 -3.37 23.59
N ASN B 99 5.96 -2.88 24.70
CA ASN B 99 5.27 -1.84 25.45
C ASN B 99 6.26 -0.98 26.24
N THR B 100 5.73 0.14 26.75
CA THR B 100 6.53 1.15 27.43
C THR B 100 7.17 0.62 28.71
N ARG B 101 6.41 -0.14 29.51
CA ARG B 101 6.88 -0.49 30.84
C ARG B 101 7.97 -1.56 30.79
N ASP B 102 7.84 -2.54 29.89
CA ASP B 102 8.91 -3.52 29.71
C ASP B 102 10.16 -2.87 29.16
N THR B 103 10.01 -1.90 28.24
CA THR B 103 11.17 -1.18 27.72
C THR B 103 11.87 -0.40 28.83
N ILE B 104 11.10 0.23 29.71
CA ILE B 104 11.70 0.93 30.84
C ILE B 104 12.43 -0.05 31.74
N ALA B 105 11.78 -1.17 32.06
CA ALA B 105 12.40 -2.17 32.94
C ALA B 105 13.70 -2.69 32.34
N ARG B 106 13.69 -3.01 31.04
CA ARG B 106 14.91 -3.45 30.38
C ARG B 106 15.96 -2.35 30.34
N GLY B 107 15.54 -1.11 30.05
CA GLY B 107 16.49 -0.03 29.94
C GLY B 107 17.20 0.27 31.25
N ARG B 108 16.47 0.18 32.37
CA ARG B 108 17.10 0.35 33.67
C ARG B 108 18.20 -0.68 33.89
N ARG B 109 17.87 -1.96 33.63
CA ARG B 109 18.85 -3.02 33.84
C ARG B 109 20.06 -2.84 32.95
N LEU B 110 19.85 -2.51 31.68
CA LEU B 110 20.99 -2.37 30.77
C LEU B 110 21.89 -1.21 31.20
N GLY B 111 21.32 -0.14 31.75
CA GLY B 111 22.13 0.90 32.34
C GLY B 111 22.91 0.42 33.56
N GLU B 112 22.25 -0.38 34.41
CA GLU B 112 22.94 -0.99 35.54
C GLU B 112 24.11 -1.87 35.09
N LEU B 113 24.02 -2.47 33.91
CA LEU B 113 25.09 -3.29 33.37
C LEU B 113 26.16 -2.48 32.64
N GLY B 114 26.08 -1.16 32.69
CA GLY B 114 27.17 -0.32 32.21
C GLY B 114 26.96 0.31 30.85
N ALA B 115 25.80 0.13 30.21
CA ALA B 115 25.56 0.81 28.94
C ALA B 115 25.45 2.31 29.17
N ASP B 116 25.95 3.09 28.21
CA ASP B 116 25.87 4.54 28.32
C ASP B 116 24.54 5.08 27.85
N GLY B 117 23.83 4.34 27.00
CA GLY B 117 22.55 4.79 26.49
C GLY B 117 21.76 3.61 25.94
N LEU B 118 20.58 3.93 25.44
CA LEU B 118 19.67 2.94 24.89
C LEU B 118 19.33 3.29 23.46
N PHE B 119 19.36 2.29 22.60
CA PHE B 119 18.99 2.38 21.19
C PHE B 119 17.57 1.80 21.09
N VAL B 120 16.58 2.69 20.99
CA VAL B 120 15.20 2.36 21.34
C VAL B 120 14.29 2.50 20.13
N GLY B 121 13.73 1.39 19.67
CA GLY B 121 12.59 1.39 18.77
C GLY B 121 11.34 1.73 19.54
N ARG B 122 10.20 1.21 19.09
CA ARG B 122 8.96 1.50 19.80
C ARG B 122 8.00 0.34 19.61
N PRO B 123 6.98 0.23 20.47
CA PRO B 123 5.99 -0.84 20.31
C PRO B 123 5.31 -0.79 18.95
N MET B 124 5.09 -1.97 18.35
CA MET B 124 4.57 -2.04 17.00
C MET B 124 3.41 -3.00 16.79
N TRP B 125 2.88 -3.65 17.83
CA TRP B 125 1.69 -4.46 17.65
C TRP B 125 0.57 -3.64 17.02
N LEU B 126 0.29 -2.47 17.59
CA LEU B 126 -0.44 -1.41 16.92
C LEU B 126 0.54 -0.29 16.56
N PRO B 127 0.30 0.42 15.48
CA PRO B 127 1.11 1.62 15.20
C PRO B 127 0.84 2.68 16.25
N LEU B 128 1.82 3.57 16.41
CA LEU B 128 1.72 4.73 17.27
C LEU B 128 1.69 5.98 16.40
N ASP B 129 0.74 6.88 16.66
CA ASP B 129 0.77 8.15 15.95
C ASP B 129 1.81 9.06 16.59
N ASP B 130 1.94 10.28 16.07
CA ASP B 130 2.99 11.16 16.56
C ASP B 130 2.84 11.46 18.04
N ALA B 131 1.59 11.58 18.53
CA ALA B 131 1.37 11.80 19.95
C ALA B 131 1.81 10.61 20.78
N GLY B 132 1.46 9.39 20.34
CA GLY B 132 1.88 8.21 21.08
C GLY B 132 3.38 7.97 20.99
N ILE B 133 4.00 8.37 19.88
CA ILE B 133 5.45 8.26 19.76
C ILE B 133 6.14 9.19 20.73
N VAL B 134 5.69 10.45 20.81
CA VAL B 134 6.30 11.41 21.72
C VAL B 134 6.14 10.96 23.16
N ARG B 135 4.92 10.54 23.52
CA ARG B 135 4.65 10.14 24.90
C ARG B 135 5.48 8.91 25.29
N PHE B 136 5.67 7.98 24.36
CA PHE B 136 6.49 6.81 24.62
C PHE B 136 7.92 7.20 24.98
N TYR B 137 8.55 8.03 24.16
CA TYR B 137 9.93 8.42 24.43
C TYR B 137 10.03 9.33 25.65
N ARG B 138 9.04 10.19 25.88
CA ARG B 138 9.03 10.99 27.11
C ARG B 138 8.94 10.09 28.34
N ASP B 139 8.06 9.08 28.30
CA ASP B 139 7.96 8.13 29.40
C ASP B 139 9.29 7.43 29.67
N VAL B 140 9.97 7.00 28.60
CA VAL B 140 11.24 6.29 28.77
C VAL B 140 12.28 7.22 29.39
N ALA B 141 12.41 8.42 28.82
CA ALA B 141 13.41 9.36 29.29
C ALA B 141 13.19 9.75 30.75
N GLU B 142 11.92 10.01 31.13
CA GLU B 142 11.63 10.41 32.50
C GLU B 142 11.90 9.27 33.49
N ALA B 143 11.67 8.03 33.07
CA ALA B 143 11.89 6.90 33.97
C ALA B 143 13.35 6.53 34.09
N VAL B 144 14.13 6.73 33.02
CA VAL B 144 15.55 6.35 33.04
C VAL B 144 16.37 7.57 32.64
N PRO B 145 16.36 8.65 33.42
CA PRO B 145 17.00 9.90 32.97
C PRO B 145 18.51 9.81 32.88
N ASN B 146 19.12 8.78 33.47
CA ASN B 146 20.57 8.58 33.40
C ASN B 146 21.02 8.00 32.06
N MET B 147 20.09 7.58 31.19
CA MET B 147 20.45 6.99 29.90
C MET B 147 20.20 7.99 28.78
N ALA B 148 21.23 8.22 27.96
CA ALA B 148 21.01 8.90 26.69
C ALA B 148 20.23 7.97 25.76
N LEU B 149 19.54 8.56 24.78
CA LEU B 149 18.67 7.80 23.89
C LEU B 149 19.00 8.08 22.44
N VAL B 150 19.05 7.02 21.63
CA VAL B 150 19.05 7.13 20.17
C VAL B 150 17.72 6.61 19.67
N VAL B 151 16.94 7.49 19.03
CA VAL B 151 15.66 7.11 18.47
C VAL B 151 15.87 6.26 17.22
N TYR B 152 15.11 5.17 17.12
CA TYR B 152 15.22 4.20 16.04
C TYR B 152 14.07 4.42 15.08
N ASP B 153 14.30 5.18 14.01
CA ASP B 153 13.26 5.58 13.06
C ASP B 153 13.25 4.57 11.92
N ASN B 154 12.60 3.42 12.19
CA ASN B 154 12.46 2.34 11.22
C ASN B 154 11.00 2.22 10.82
N PRO B 155 10.59 2.81 9.69
CA PRO B 155 9.15 2.84 9.36
C PRO B 155 8.55 1.47 9.10
N GLY B 156 9.27 0.59 8.42
CA GLY B 156 8.74 -0.75 8.17
C GLY B 156 8.58 -1.56 9.44
N ALA B 157 9.61 -1.54 10.30
CA ALA B 157 9.54 -2.34 11.52
C ALA B 157 8.43 -1.86 12.46
N PHE B 158 8.30 -0.56 12.64
CA PHE B 158 7.42 -0.03 13.68
C PHE B 158 6.12 0.55 13.12
N LYS B 159 5.84 0.31 11.83
CA LYS B 159 4.57 0.66 11.20
C LYS B 159 4.35 2.17 11.15
N GLY B 160 5.36 2.88 10.65
CA GLY B 160 5.19 4.30 10.37
C GLY B 160 6.45 5.12 10.48
N LYS B 161 6.61 6.08 9.57
CA LYS B 161 7.68 7.06 9.66
C LYS B 161 7.37 8.08 10.75
N ILE B 162 8.37 8.40 11.58
CA ILE B 162 8.19 9.40 12.62
C ILE B 162 7.95 10.76 11.97
N GLY B 163 6.88 11.42 12.38
CA GLY B 163 6.51 12.67 11.75
C GLY B 163 7.40 13.83 12.19
N THR B 164 7.43 14.86 11.35
CA THR B 164 8.20 16.06 11.70
C THR B 164 7.71 16.72 12.98
N PRO B 165 6.40 16.84 13.26
CA PRO B 165 6.01 17.38 14.56
C PRO B 165 6.49 16.55 15.74
N ALA B 166 6.64 15.24 15.57
CA ALA B 166 7.16 14.41 16.66
C ALA B 166 8.64 14.68 16.87
N TYR B 167 9.40 14.87 15.80
CA TYR B 167 10.81 15.20 15.93
C TYR B 167 10.99 16.54 16.65
N GLU B 168 10.09 17.50 16.41
CA GLU B 168 10.16 18.78 17.12
C GLU B 168 10.08 18.56 18.62
N ALA B 169 9.08 17.79 19.07
CA ALA B 169 8.92 17.52 20.50
C ALA B 169 10.04 16.64 21.04
N LEU B 170 10.53 15.69 20.24
CA LEU B 170 11.61 14.82 20.71
C LEU B 170 12.89 15.60 20.96
N SER B 171 13.15 16.63 20.17
CA SER B 171 14.35 17.44 20.36
C SER B 171 14.29 18.28 21.63
N GLN B 172 13.14 18.33 22.32
CA GLN B 172 13.04 18.97 23.62
C GLN B 172 13.35 18.03 24.77
N ILE B 173 13.61 16.76 24.50
CA ILE B 173 13.94 15.79 25.55
C ILE B 173 15.46 15.71 25.66
N PRO B 174 16.05 16.12 26.80
CA PRO B 174 17.52 16.18 26.89
C PRO B 174 18.20 14.85 26.67
N GLN B 175 17.55 13.74 27.00
CA GLN B 175 18.16 12.43 26.84
C GLN B 175 18.26 11.99 25.39
N VAL B 176 17.43 12.55 24.50
CA VAL B 176 17.44 12.18 23.09
C VAL B 176 18.60 12.90 22.41
N VAL B 177 19.67 12.15 22.09
CA VAL B 177 20.86 12.76 21.51
C VAL B 177 21.01 12.47 20.02
N ALA B 178 20.33 11.47 19.48
CA ALA B 178 20.49 11.12 18.07
C ALA B 178 19.28 10.34 17.60
N ALA B 179 19.14 10.25 16.28
CA ALA B 179 18.12 9.38 15.69
C ALA B 179 18.69 8.59 14.52
N KPI B 180 18.49 7.28 14.53
CA KPI B 180 18.88 6.47 13.39
CB KPI B 180 19.00 5.00 13.80
CG KPI B 180 19.32 4.10 12.62
CD KPI B 180 19.37 2.65 13.06
CE KPI B 180 19.50 1.64 11.92
NZ KPI B 180 19.89 0.33 12.44
CX1 KPI B 180 19.04 -0.70 11.86
C1 KPI B 180 19.38 -0.83 10.51
CX2 KPI B 180 19.20 -2.05 12.57
O1 KPI B 180 18.87 -3.08 11.98
O2 KPI B 180 19.63 -2.16 13.76
C KPI B 180 17.84 6.65 12.29
O KPI B 180 16.71 6.28 12.44
N HIS B 181 18.27 7.24 11.18
CA HIS B 181 17.36 7.71 10.12
C HIS B 181 17.56 6.94 8.82
N LEU B 182 16.57 7.01 7.93
CA LEU B 182 16.63 6.33 6.64
C LEU B 182 17.38 7.13 5.57
N GLY B 183 17.69 8.40 5.83
CA GLY B 183 18.39 9.18 4.83
C GLY B 183 17.55 9.37 3.58
N LEU B 184 18.17 9.12 2.41
CA LEU B 184 17.47 9.32 1.15
C LEU B 184 16.33 8.34 0.94
N LEU B 185 16.32 7.20 1.64
CA LEU B 185 15.20 6.29 1.58
C LEU B 185 13.89 6.91 2.09
N SER B 186 13.97 8.05 2.76
CA SER B 186 12.84 8.93 3.00
C SER B 186 13.28 10.32 2.56
N GLY B 187 13.37 10.51 1.24
CA GLY B 187 14.09 11.62 0.64
C GLY B 187 13.85 12.99 1.24
N SER B 188 12.62 13.49 1.15
CA SER B 188 12.35 14.83 1.65
C SER B 188 12.31 14.88 3.17
N ALA B 189 12.10 13.74 3.83
CA ALA B 189 11.84 13.75 5.27
C ALA B 189 13.09 14.06 6.08
N PHE B 190 14.27 13.61 5.63
CA PHE B 190 15.48 13.84 6.41
C PHE B 190 15.73 15.33 6.61
N LEU B 191 15.51 16.12 5.55
CA LEU B 191 15.73 17.56 5.67
C LEU B 191 14.65 18.19 6.54
N SER B 192 13.39 17.75 6.39
CA SER B 192 12.32 18.28 7.23
C SER B 192 12.56 17.94 8.69
N ASP B 193 12.94 16.69 8.98
CA ASP B 193 13.28 16.29 10.33
C ASP B 193 14.51 17.05 10.84
N LEU B 194 15.49 17.30 9.96
CA LEU B 194 16.70 18.00 10.37
C LEU B 194 16.38 19.41 10.88
N ARG B 195 15.52 20.16 10.16
CA ARG B 195 15.11 21.48 10.65
C ARG B 195 14.32 21.38 11.95
N ALA B 196 13.48 20.34 12.06
CA ALA B 196 12.64 20.19 13.24
C ALA B 196 13.45 20.08 14.52
N VAL B 197 14.60 19.40 14.46
CA VAL B 197 15.40 19.20 15.68
C VAL B 197 16.37 20.34 15.94
N SER B 198 16.60 21.22 14.96
CA SER B 198 17.40 22.45 15.08
C SER B 198 18.65 22.26 15.95
N GLY B 199 19.52 21.37 15.48
CA GLY B 199 20.81 21.14 16.10
C GLY B 199 20.78 20.44 17.45
N ARG B 200 19.61 20.09 17.98
CA ARG B 200 19.58 19.46 19.30
C ARG B 200 19.69 17.95 19.25
N VAL B 201 19.44 17.33 18.10
CA VAL B 201 19.50 15.89 17.92
C VAL B 201 20.33 15.60 16.68
N ARG B 202 21.26 14.64 16.80
CA ARG B 202 22.07 14.23 15.64
C ARG B 202 21.24 13.30 14.76
N LEU B 203 20.93 13.73 13.55
CA LEU B 203 20.19 12.91 12.59
C LEU B 203 21.18 12.09 11.78
N LEU B 204 21.11 10.77 11.92
CA LEU B 204 22.10 9.89 11.33
C LEU B 204 21.58 9.31 10.02
N PRO B 205 22.13 9.70 8.87
CA PRO B 205 21.86 8.97 7.64
C PRO B 205 22.69 7.71 7.57
N LEU B 206 22.44 6.90 6.54
CA LEU B 206 23.31 5.77 6.26
C LEU B 206 24.67 6.28 5.75
N GLU B 207 25.68 5.42 5.87
CA GLU B 207 26.98 5.77 5.30
C GLU B 207 26.90 5.95 3.79
N THR B 208 25.92 5.33 3.13
CA THR B 208 25.83 5.42 1.67
C THR B 208 25.28 6.76 1.18
N ASP B 209 24.72 7.61 2.06
CA ASP B 209 24.36 8.95 1.61
C ASP B 209 24.81 10.02 2.61
N TRP B 210 25.70 9.66 3.54
CA TRP B 210 26.23 10.64 4.48
C TRP B 210 26.89 11.80 3.75
N TYR B 211 27.72 11.52 2.74
CA TYR B 211 28.44 12.58 2.05
C TYR B 211 27.47 13.64 1.51
N TYR B 212 26.37 13.21 0.91
CA TYR B 212 25.42 14.16 0.33
C TYR B 212 24.91 15.15 1.37
N PHE B 213 24.46 14.64 2.52
CA PHE B 213 23.92 15.51 3.56
C PHE B 213 25.02 16.29 4.27
N ALA B 214 26.20 15.69 4.42
CA ALA B 214 27.31 16.39 5.07
C ALA B 214 27.76 17.61 4.27
N ARG B 215 27.88 17.48 2.95
CA ARG B 215 28.34 18.63 2.16
C ARG B 215 27.31 19.75 2.19
N LEU B 216 26.03 19.39 2.20
CA LEU B 216 24.96 20.38 2.19
C LEU B 216 24.73 20.97 3.57
N PHE B 217 24.96 20.19 4.63
CA PHE B 217 24.72 20.61 6.01
C PHE B 217 25.92 20.22 6.86
N PRO B 218 27.07 20.88 6.64
CA PRO B 218 28.31 20.45 7.31
C PRO B 218 28.30 20.60 8.82
N GLU B 219 27.57 21.58 9.36
CA GLU B 219 27.64 21.83 10.80
C GLU B 219 26.73 20.90 11.60
N GLU B 220 25.69 20.33 10.97
CA GLU B 220 24.74 19.48 11.66
C GLU B 220 24.94 17.99 11.40
N VAL B 221 25.18 17.60 10.15
CA VAL B 221 25.26 16.19 9.80
C VAL B 221 26.71 15.72 9.89
N THR B 222 27.20 15.58 11.11
CA THR B 222 28.59 15.22 11.37
C THR B 222 28.78 13.76 11.74
N ALA B 223 27.73 12.95 11.61
CA ALA B 223 27.82 11.54 11.93
C ALA B 223 26.87 10.75 11.04
N CYS B 224 27.20 9.47 10.81
CA CYS B 224 26.30 8.54 10.16
C CYS B 224 26.17 7.30 11.04
N TRP B 225 25.25 6.41 10.66
CA TRP B 225 25.19 5.07 11.21
C TRP B 225 25.51 4.07 10.11
N SER B 226 26.11 2.95 10.50
CA SER B 226 26.48 1.91 9.54
C SER B 226 26.18 0.54 10.13
N GLY B 227 25.38 -0.24 9.42
CA GLY B 227 25.12 -1.62 9.73
C GLY B 227 26.11 -2.58 9.10
N ASN B 228 27.13 -2.06 8.43
CA ASN B 228 28.11 -2.87 7.73
C ASN B 228 29.47 -2.92 8.43
N VAL B 229 29.62 -2.28 9.60
CA VAL B 229 30.96 -2.24 10.22
C VAL B 229 31.43 -3.63 10.61
N ALA B 230 30.51 -4.56 10.91
CA ALA B 230 30.92 -5.92 11.26
C ALA B 230 31.39 -6.71 10.06
N CYS B 231 31.27 -6.16 8.85
CA CYS B 231 31.94 -6.67 7.66
C CYS B 231 33.31 -6.06 7.47
N GLY B 232 33.71 -5.15 8.35
CA GLY B 232 34.92 -4.38 8.20
C GLY B 232 34.63 -2.88 8.23
N PRO B 233 35.12 -2.19 9.27
CA PRO B 233 34.77 -0.78 9.44
C PRO B 233 35.63 0.18 8.62
N ALA B 234 36.73 -0.28 8.03
CA ALA B 234 37.66 0.63 7.37
C ALA B 234 37.03 1.49 6.28
N PRO B 235 36.13 0.99 5.42
CA PRO B 235 35.52 1.89 4.43
C PRO B 235 34.67 2.98 5.06
N VAL B 236 34.08 2.74 6.23
CA VAL B 236 33.20 3.73 6.84
C VAL B 236 33.99 4.79 7.62
N THR B 237 35.02 4.36 8.37
CA THR B 237 35.86 5.34 9.03
C THR B 237 36.65 6.16 8.01
N HIS B 238 37.04 5.56 6.88
CA HIS B 238 37.70 6.34 5.84
C HIS B 238 36.76 7.42 5.29
N LEU B 239 35.50 7.06 5.04
CA LEU B 239 34.52 8.04 4.58
C LEU B 239 34.40 9.21 5.57
N ARG B 240 34.34 8.90 6.87
CA ARG B 240 34.31 9.96 7.87
C ARG B 240 35.51 10.88 7.73
N ASP B 241 36.69 10.31 7.50
CA ASP B 241 37.89 11.14 7.40
C ASP B 241 37.92 11.95 6.12
N LEU B 242 37.38 11.40 5.02
CA LEU B 242 37.24 12.17 3.79
C LEU B 242 36.29 13.34 3.98
N ILE B 243 35.17 13.11 4.69
CA ILE B 243 34.19 14.16 4.90
C ILE B 243 34.74 15.27 5.79
N ARG B 244 35.46 14.88 6.85
CA ARG B 244 36.06 15.88 7.72
C ARG B 244 37.07 16.75 6.98
N ALA B 245 37.79 16.16 6.03
CA ALA B 245 38.71 16.92 5.19
C ALA B 245 38.04 17.59 4.01
N ARG B 246 36.72 17.41 3.85
CA ARG B 246 35.94 18.01 2.77
C ARG B 246 36.52 17.66 1.40
N ARG B 247 36.94 16.40 1.26
CA ARG B 247 37.44 15.88 -0.01
C ARG B 247 36.25 15.34 -0.80
N TRP B 248 35.49 16.28 -1.37
CA TRP B 248 34.19 15.94 -1.95
C TRP B 248 34.33 14.99 -3.15
N ASP B 249 35.30 15.24 -4.04
CA ASP B 249 35.50 14.33 -5.16
C ASP B 249 35.81 12.91 -4.67
N ASP B 250 36.65 12.79 -3.64
CA ASP B 250 36.95 11.47 -3.09
C ASP B 250 35.74 10.88 -2.38
N CYS B 251 34.97 11.72 -1.67
CA CYS B 251 33.75 11.25 -1.02
C CYS B 251 32.77 10.65 -2.02
N GLN B 252 32.61 11.29 -3.18
CA GLN B 252 31.71 10.77 -4.20
C GLN B 252 32.19 9.44 -4.72
N ALA B 253 33.50 9.32 -5.00
CA ALA B 253 34.05 8.08 -5.50
C ALA B 253 33.90 6.95 -4.48
N LEU B 254 34.16 7.23 -3.20
CA LEU B 254 33.99 6.19 -2.19
C LEU B 254 32.51 5.84 -2.01
N THR B 255 31.64 6.85 -1.97
CA THR B 255 30.20 6.60 -1.87
C THR B 255 29.72 5.69 -3.00
N ASP B 256 30.23 5.91 -4.22
CA ASP B 256 29.91 5.03 -5.33
C ASP B 256 30.42 3.61 -5.08
N GLU B 257 31.59 3.48 -4.47
CA GLU B 257 32.14 2.17 -4.18
C GLU B 257 31.28 1.44 -3.15
N LEU B 258 30.80 2.15 -2.12
CA LEU B 258 29.94 1.52 -1.13
C LEU B 258 28.63 1.06 -1.76
N GLU B 259 28.03 1.92 -2.60
CA GLU B 259 26.75 1.56 -3.24
C GLU B 259 26.92 0.37 -4.15
N GLY B 260 27.99 0.34 -4.95
CA GLY B 260 28.20 -0.77 -5.85
C GLY B 260 28.45 -2.08 -5.11
N ALA B 261 29.12 -2.01 -3.96
CA ALA B 261 29.36 -3.22 -3.19
C ALA B 261 28.06 -3.78 -2.63
N LEU B 262 27.13 -2.90 -2.23
CA LEU B 262 25.87 -3.29 -1.62
C LEU B 262 24.74 -3.47 -2.63
N GLU B 263 25.04 -3.37 -3.92
CA GLU B 263 23.99 -3.36 -4.94
C GLU B 263 23.10 -4.60 -4.86
N THR B 264 23.70 -5.78 -4.70
CA THR B 264 22.96 -7.03 -4.70
C THR B 264 22.16 -7.28 -3.42
N LEU B 265 22.24 -6.38 -2.43
CA LEU B 265 21.57 -6.62 -1.16
C LEU B 265 20.05 -6.72 -1.32
N TYR B 266 19.47 -5.86 -2.15
CA TYR B 266 18.02 -5.82 -2.28
C TYR B 266 17.58 -6.71 -3.44
N PRO B 267 16.76 -7.73 -3.19
CA PRO B 267 16.41 -8.67 -4.26
C PRO B 267 15.65 -7.99 -5.39
N GLY B 268 16.25 -8.00 -6.59
CA GLY B 268 15.67 -7.26 -7.70
C GLY B 268 15.58 -5.78 -7.45
N GLY B 269 16.48 -5.24 -6.62
CA GLY B 269 16.44 -3.83 -6.27
C GLY B 269 15.23 -3.50 -5.42
N ASN B 270 14.45 -4.52 -5.08
CA ASN B 270 13.20 -4.32 -4.36
C ASN B 270 13.53 -4.11 -2.89
N PHE B 271 13.46 -2.86 -2.45
CA PHE B 271 13.75 -2.56 -1.05
C PHE B 271 12.75 -3.25 -0.13
N ALA B 272 11.46 -2.98 -0.31
CA ALA B 272 10.43 -3.56 0.55
C ALA B 272 10.59 -5.07 0.70
N GLU B 273 11.02 -5.74 -0.36
CA GLU B 273 11.25 -7.18 -0.28
C GLU B 273 12.43 -7.51 0.63
N PHE B 274 13.49 -6.70 0.58
CA PHE B 274 14.60 -6.87 1.50
C PHE B 274 14.16 -6.68 2.95
N LEU B 275 13.20 -5.78 3.18
CA LEU B 275 12.68 -5.60 4.54
C LEU B 275 12.04 -6.87 5.07
N LYS B 276 11.39 -7.67 4.21
CA LYS B 276 10.74 -8.89 4.67
C LYS B 276 11.72 -9.88 5.28
N TYR B 277 12.97 -9.87 4.83
CA TYR B 277 13.95 -10.90 5.20
C TYR B 277 15.28 -10.26 5.58
N SER B 278 15.26 -9.06 6.16
CA SER B 278 16.49 -8.33 6.37
C SER B 278 17.39 -9.01 7.39
N ILE B 279 16.79 -9.64 8.42
CA ILE B 279 17.57 -10.37 9.41
C ILE B 279 18.34 -11.51 8.75
N GLN B 280 17.64 -12.27 7.90
CA GLN B 280 18.25 -13.42 7.22
C GLN B 280 19.29 -12.97 6.19
N ILE B 281 18.97 -11.92 5.41
CA ILE B 281 19.89 -11.47 4.36
C ILE B 281 21.14 -10.86 4.97
N ASP B 282 20.98 -10.02 6.01
CA ASP B 282 22.15 -9.41 6.65
C ASP B 282 23.04 -10.47 7.29
N ASN B 283 22.43 -11.48 7.92
CA ASN B 283 23.21 -12.58 8.50
C ASN B 283 24.11 -13.23 7.46
N ALA B 284 23.57 -13.50 6.27
CA ALA B 284 24.38 -14.05 5.18
C ALA B 284 25.50 -13.11 4.77
N GLN B 285 25.27 -11.80 4.82
CA GLN B 285 26.31 -10.84 4.49
C GLN B 285 27.42 -10.84 5.52
N PHE B 286 27.09 -10.91 6.82
CA PHE B 286 28.11 -10.92 7.85
C PHE B 286 29.00 -12.15 7.74
N GLN B 287 28.39 -13.30 7.43
CA GLN B 287 29.12 -14.54 7.27
C GLN B 287 30.11 -14.44 6.10
N ALA B 288 29.61 -13.99 4.94
CA ALA B 288 30.43 -13.97 3.73
C ALA B 288 31.60 -12.99 3.83
N ALA B 289 31.41 -11.88 4.56
CA ALA B 289 32.45 -10.87 4.64
C ALA B 289 33.68 -11.33 5.42
N GLY B 290 33.56 -12.30 6.31
CA GLY B 290 34.82 -12.78 6.83
C GLY B 290 35.39 -12.00 7.98
N PHE B 291 34.84 -10.84 8.30
CA PHE B 291 35.44 -10.04 9.36
C PHE B 291 35.10 -10.57 10.74
N MET B 292 33.90 -11.10 10.90
CA MET B 292 33.47 -11.76 12.13
C MET B 292 32.95 -13.14 11.79
N ARG B 293 32.78 -13.96 12.82
CA ARG B 293 32.16 -15.27 12.68
C ARG B 293 30.81 -15.32 13.36
N THR B 294 29.85 -15.98 12.70
CA THR B 294 28.52 -16.12 13.31
C THR B 294 27.77 -17.31 12.70
N GLY B 295 26.87 -17.88 13.49
CA GLY B 295 26.05 -18.98 13.04
C GLY B 295 24.76 -18.52 12.41
N PRO B 296 23.69 -19.29 12.57
CA PRO B 296 22.41 -18.95 11.93
C PRO B 296 21.64 -17.92 12.76
N THR B 297 20.52 -17.50 12.19
CA THR B 297 19.61 -16.57 12.86
C THR B 297 18.73 -17.31 13.86
N ARG B 298 18.08 -16.53 14.76
CA ARG B 298 17.26 -17.13 15.81
C ARG B 298 15.82 -17.30 15.34
N PRO B 299 15.10 -18.28 15.90
CA PRO B 299 13.67 -18.40 15.62
C PRO B 299 12.95 -17.14 16.01
N PRO B 300 11.95 -16.69 15.23
CA PRO B 300 11.35 -17.40 14.09
C PRO B 300 11.90 -17.04 12.72
N TYR B 301 12.95 -16.22 12.64
CA TYR B 301 13.36 -15.65 11.36
C TYR B 301 14.47 -16.49 10.70
N THR B 302 14.11 -17.74 10.40
CA THR B 302 15.00 -18.69 9.76
C THR B 302 14.64 -19.04 8.33
N GLU B 303 13.47 -18.61 7.85
CA GLU B 303 12.97 -18.97 6.52
C GLU B 303 13.19 -17.82 5.54
N VAL B 304 13.77 -18.13 4.39
CA VAL B 304 14.14 -17.09 3.42
C VAL B 304 14.37 -17.72 2.05
N PRO B 305 13.97 -17.07 0.96
CA PRO B 305 14.37 -17.55 -0.37
C PRO B 305 15.89 -17.61 -0.51
N GLU B 306 16.36 -18.72 -1.09
CA GLU B 306 17.79 -18.97 -1.27
C GLU B 306 18.47 -17.85 -2.02
N SER B 307 17.85 -17.34 -3.08
CA SER B 307 18.44 -16.29 -3.89
C SER B 307 18.55 -14.96 -3.15
N TYR B 308 17.76 -14.79 -2.08
CA TYR B 308 17.91 -13.60 -1.25
C TYR B 308 19.19 -13.68 -0.45
N LEU B 309 19.57 -14.88 -0.01
CA LEU B 309 20.87 -15.07 0.64
C LEU B 309 22.01 -14.86 -0.34
N ALA B 310 21.81 -15.22 -1.62
CA ALA B 310 22.84 -15.00 -2.62
C ALA B 310 23.23 -13.52 -2.68
N GLY B 311 22.24 -12.64 -2.70
CA GLY B 311 22.52 -11.21 -2.74
C GLY B 311 23.23 -10.73 -1.49
N GLY B 312 22.91 -11.31 -0.33
CA GLY B 312 23.61 -10.93 0.89
C GLY B 312 25.07 -11.33 0.90
N ARG B 313 25.36 -12.56 0.47
CA ARG B 313 26.74 -13.05 0.49
C ARG B 313 27.61 -12.30 -0.50
N GLU B 314 27.10 -12.00 -1.69
CA GLU B 314 27.90 -11.24 -2.64
C GLU B 314 28.16 -9.83 -2.13
N ALA B 315 27.20 -9.24 -1.40
CA ALA B 315 27.45 -7.96 -0.76
C ALA B 315 28.54 -8.07 0.29
N GLY B 316 28.54 -9.16 1.05
CA GLY B 316 29.60 -9.37 2.03
C GLY B 316 30.96 -9.53 1.40
N LYS B 317 31.04 -10.34 0.33
CA LYS B 317 32.30 -10.51 -0.39
C LYS B 317 32.76 -9.20 -1.03
N ASN B 318 31.83 -8.44 -1.62
CA ASN B 318 32.19 -7.13 -2.16
C ASN B 318 32.70 -6.21 -1.06
N TRP B 319 32.00 -6.17 0.08
CA TRP B 319 32.45 -5.31 1.16
C TRP B 319 33.82 -5.73 1.67
N ALA B 320 34.05 -7.06 1.73
CA ALA B 320 35.35 -7.56 2.17
C ALA B 320 36.50 -6.99 1.35
N ALA B 321 36.31 -6.86 0.03
CA ALA B 321 37.34 -6.27 -0.81
C ALA B 321 37.58 -4.81 -0.46
N LEU B 322 36.51 -4.08 -0.12
CA LEU B 322 36.68 -2.69 0.29
C LEU B 322 37.45 -2.63 1.62
N GLN B 323 37.14 -3.51 2.56
CA GLN B 323 37.84 -3.50 3.83
C GLN B 323 39.33 -3.75 3.65
N GLN B 324 39.70 -4.73 2.83
CA GLN B 324 41.12 -4.98 2.59
C GLN B 324 41.79 -3.77 1.93
N ARG B 325 41.09 -3.11 1.02
CA ARG B 325 41.66 -1.94 0.35
C ARG B 325 41.92 -0.82 1.33
N TYR B 326 40.95 -0.51 2.19
CA TYR B 326 41.02 0.70 3.00
C TYR B 326 41.59 0.45 4.40
N ALA B 327 41.88 -0.80 4.77
CA ALA B 327 42.42 -1.07 6.10
C ALA B 327 43.80 -0.44 6.30
N ASP C 5 15.68 13.07 -37.60
CA ASP C 5 15.76 13.20 -36.15
C ASP C 5 15.63 14.65 -35.70
N THR C 6 15.42 14.86 -34.40
CA THR C 6 15.33 16.20 -33.85
C THR C 6 16.71 16.83 -33.68
N LYS C 7 16.79 18.12 -33.95
CA LYS C 7 18.02 18.85 -33.69
C LYS C 7 18.20 19.16 -32.20
N LEU C 8 17.15 19.00 -31.40
CA LEU C 8 17.23 19.22 -29.96
C LEU C 8 17.87 18.02 -29.27
N THR C 9 18.79 18.31 -28.34
CA THR C 9 19.51 17.29 -27.60
C THR C 9 19.43 17.61 -26.11
N VAL C 10 20.01 16.71 -25.30
CA VAL C 10 20.09 16.95 -23.86
C VAL C 10 20.78 18.28 -23.53
N ASP C 11 21.72 18.71 -24.40
CA ASP C 11 22.44 19.95 -24.13
C ASP C 11 21.52 21.17 -24.13
N ASP C 12 20.43 21.12 -24.91
CA ASP C 12 19.50 22.24 -25.01
C ASP C 12 18.60 22.39 -23.80
N ILE C 13 18.56 21.41 -22.89
CA ILE C 13 17.66 21.45 -21.74
C ILE C 13 18.48 21.95 -20.54
N THR C 14 18.51 23.27 -20.37
CA THR C 14 19.18 23.89 -19.25
C THR C 14 18.30 25.01 -18.69
N GLY C 15 18.47 25.30 -17.39
CA GLY C 15 17.73 26.39 -16.79
C GLY C 15 16.37 26.00 -16.26
N VAL C 16 15.38 26.87 -16.40
CA VAL C 16 14.05 26.63 -15.85
C VAL C 16 13.16 26.01 -16.93
N VAL C 17 12.69 24.79 -16.67
CA VAL C 17 11.69 24.15 -17.53
C VAL C 17 10.34 24.49 -16.93
N GLY C 18 9.65 25.49 -17.49
CA GLY C 18 8.38 25.94 -16.95
C GLY C 18 7.21 25.16 -17.54
N ILE C 19 6.35 24.67 -16.66
CA ILE C 19 5.12 23.97 -17.05
C ILE C 19 3.93 24.86 -16.73
N ILE C 20 3.11 25.15 -17.73
CA ILE C 20 1.98 26.05 -17.53
C ILE C 20 0.66 25.28 -17.50
N PRO C 21 -0.35 25.77 -16.81
CA PRO C 21 -1.69 25.18 -16.90
C PRO C 21 -2.39 25.67 -18.16
N THR C 22 -3.60 25.16 -18.37
CA THR C 22 -4.40 25.52 -19.53
C THR C 22 -5.47 26.51 -19.10
N PRO C 23 -5.35 27.80 -19.42
CA PRO C 23 -6.36 28.77 -18.99
C PRO C 23 -7.74 28.39 -19.49
N SER C 24 -8.74 28.59 -18.64
CA SER C 24 -10.10 28.15 -18.92
C SER C 24 -11.07 29.31 -18.78
N ILE C 25 -12.20 29.21 -19.49
CA ILE C 25 -13.26 30.21 -19.43
C ILE C 25 -14.15 29.90 -18.23
N PRO C 26 -14.97 30.86 -17.77
CA PRO C 26 -15.74 30.63 -16.52
C PRO C 26 -16.63 29.39 -16.52
N THR C 27 -17.13 28.95 -17.68
CA THR C 27 -18.00 27.78 -17.75
C THR C 27 -17.25 26.49 -18.07
N ALA C 28 -15.95 26.45 -17.78
CA ALA C 28 -15.16 25.27 -18.12
C ALA C 28 -15.51 24.05 -17.27
N ASP C 29 -16.23 24.23 -16.16
CA ASP C 29 -16.56 23.12 -15.28
C ASP C 29 -17.85 22.42 -15.67
N GLN C 30 -18.42 22.78 -16.80
CA GLN C 30 -19.69 22.27 -17.29
C GLN C 30 -19.46 21.25 -18.39
N PRO C 31 -20.02 20.04 -18.28
CA PRO C 31 -19.85 19.05 -19.35
C PRO C 31 -20.42 19.48 -20.68
N GLY C 32 -21.38 20.41 -20.70
CA GLY C 32 -21.92 20.92 -21.95
C GLY C 32 -21.10 21.99 -22.63
N THR C 33 -20.03 22.46 -21.99
CA THR C 33 -19.13 23.44 -22.61
C THR C 33 -18.21 22.71 -23.59
N ALA C 34 -18.39 22.96 -24.89
CA ALA C 34 -17.63 22.24 -25.90
C ALA C 34 -16.18 22.73 -26.00
N PHE C 35 -15.95 24.04 -25.85
CA PHE C 35 -14.62 24.61 -26.00
C PHE C 35 -14.35 25.53 -24.82
N SER C 36 -13.42 25.13 -23.95
CA SER C 36 -13.27 25.75 -22.64
C SER C 36 -11.93 26.43 -22.45
N VAL C 37 -11.12 26.56 -23.49
CA VAL C 37 -9.80 27.18 -23.38
C VAL C 37 -9.92 28.67 -23.66
N ASP C 38 -9.34 29.49 -22.78
CA ASP C 38 -9.19 30.93 -22.99
C ASP C 38 -7.91 31.13 -23.80
N LEU C 39 -8.07 31.23 -25.11
CA LEU C 39 -6.91 31.29 -26.00
C LEU C 39 -6.14 32.60 -25.86
N ASP C 40 -6.85 33.71 -25.63
CA ASP C 40 -6.17 34.98 -25.38
C ASP C 40 -5.22 34.87 -24.18
N GLU C 41 -5.72 34.31 -23.08
CA GLU C 41 -4.89 34.16 -21.87
C GLU C 41 -3.74 33.19 -22.12
N ALA C 42 -3.99 32.13 -22.90
CA ALA C 42 -2.90 31.22 -23.25
C ALA C 42 -1.75 31.96 -23.94
N ALA C 43 -2.08 32.84 -24.89
CA ALA C 43 -1.04 33.57 -25.61
C ALA C 43 -0.30 34.53 -24.70
N THR C 44 -1.03 35.29 -23.87
CA THR C 44 -0.36 36.24 -22.98
C THR C 44 0.44 35.52 -21.92
N LEU C 45 -0.06 34.39 -21.41
CA LEU C 45 0.70 33.64 -20.43
C LEU C 45 1.98 33.10 -21.04
N ALA C 46 1.89 32.49 -22.23
CA ALA C 46 3.08 31.95 -22.88
C ALA C 46 4.12 33.04 -23.11
N ASP C 47 3.66 34.22 -23.53
CA ASP C 47 4.59 35.31 -23.78
C ASP C 47 5.22 35.81 -22.48
N ALA C 48 4.41 35.87 -21.41
CA ALA C 48 4.94 36.28 -20.11
C ALA C 48 6.01 35.31 -19.61
N MET C 49 5.85 34.02 -19.88
CA MET C 49 6.88 33.06 -19.49
C MET C 49 8.20 33.35 -20.21
N VAL C 50 8.14 33.58 -21.52
CA VAL C 50 9.36 33.90 -22.27
C VAL C 50 10.00 35.17 -21.73
N ARG C 51 9.21 36.23 -21.56
CA ARG C 51 9.75 37.50 -21.10
C ARG C 51 10.22 37.42 -19.65
N GLY C 52 9.65 36.52 -18.87
CA GLY C 52 10.08 36.30 -17.50
C GLY C 52 11.30 35.44 -17.33
N GLY C 53 11.92 34.99 -18.43
CA GLY C 53 13.16 34.26 -18.35
C GLY C 53 13.04 32.75 -18.36
N VAL C 54 11.84 32.19 -18.52
CA VAL C 54 11.70 30.74 -18.65
C VAL C 54 12.50 30.27 -19.86
N ASP C 55 13.25 29.17 -19.67
CA ASP C 55 14.16 28.65 -20.69
C ASP C 55 13.50 27.63 -21.60
N VAL C 56 12.63 26.78 -21.06
CA VAL C 56 11.88 25.78 -21.82
C VAL C 56 10.45 25.78 -21.31
N LEU C 57 9.50 25.72 -22.23
CA LEU C 57 8.08 25.74 -21.89
C LEU C 57 7.44 24.40 -22.21
N MET C 58 6.65 23.87 -21.27
CA MET C 58 5.90 22.64 -21.49
C MET C 58 4.44 22.87 -21.12
N THR C 59 3.56 22.09 -21.73
CA THR C 59 2.12 22.23 -21.55
C THR C 59 1.53 20.87 -21.19
N THR C 60 0.31 20.92 -20.66
CA THR C 60 -0.58 19.79 -20.50
C THR C 60 0.13 18.55 -19.96
N GLY C 61 0.65 18.71 -18.74
CA GLY C 61 0.92 17.59 -17.86
C GLY C 61 -0.32 17.37 -17.01
N THR C 62 -0.14 17.00 -15.73
CA THR C 62 -1.29 16.70 -14.88
C THR C 62 -2.10 17.94 -14.57
N PHE C 63 -1.48 18.95 -13.95
CA PHE C 63 -2.26 20.14 -13.59
C PHE C 63 -2.67 20.95 -14.81
N GLY C 64 -2.00 20.77 -15.94
CA GLY C 64 -2.45 21.33 -17.21
C GLY C 64 -3.67 20.63 -17.79
N GLU C 65 -4.19 19.63 -17.09
CA GLU C 65 -5.43 18.95 -17.45
C GLU C 65 -5.32 18.26 -18.81
N CYS C 66 -4.16 17.62 -19.04
CA CYS C 66 -4.02 16.75 -20.21
C CYS C 66 -5.14 15.71 -20.26
N ALA C 67 -5.60 15.26 -19.09
CA ALA C 67 -6.62 14.21 -19.04
C ALA C 67 -7.97 14.71 -19.53
N SER C 68 -8.35 15.95 -19.18
CA SER C 68 -9.74 16.37 -19.34
C SER C 68 -9.97 17.31 -20.51
N LEU C 69 -8.93 17.75 -21.21
CA LEU C 69 -9.12 18.55 -22.42
C LEU C 69 -9.54 17.66 -23.58
N THR C 70 -10.43 18.19 -24.44
CA THR C 70 -10.72 17.50 -25.69
C THR C 70 -9.56 17.64 -26.66
N TRP C 71 -9.54 16.77 -27.66
CA TRP C 71 -8.47 16.81 -28.66
C TRP C 71 -8.49 18.12 -29.43
N ASP C 72 -9.67 18.67 -29.70
CA ASP C 72 -9.74 19.96 -30.36
C ASP C 72 -9.20 21.07 -29.47
N GLU C 73 -9.50 21.02 -28.18
CA GLU C 73 -8.97 22.02 -27.25
C GLU C 73 -7.46 21.93 -27.16
N LEU C 74 -6.90 20.72 -27.12
CA LEU C 74 -5.45 20.56 -27.00
C LEU C 74 -4.72 21.11 -28.21
N GLN C 75 -5.19 20.79 -29.42
CA GLN C 75 -4.58 21.33 -30.63
C GLN C 75 -4.58 22.86 -30.62
N SER C 76 -5.75 23.45 -30.37
CA SER C 76 -5.88 24.91 -30.40
C SER C 76 -5.00 25.57 -29.35
N PHE C 77 -4.99 25.01 -28.14
CA PHE C 77 -4.16 25.55 -27.06
C PHE C 77 -2.69 25.49 -27.43
N VAL C 78 -2.22 24.32 -27.89
CA VAL C 78 -0.81 24.16 -28.21
C VAL C 78 -0.42 25.09 -29.35
N ALA C 79 -1.23 25.13 -30.41
CA ALA C 79 -0.95 26.03 -31.53
C ALA C 79 -0.87 27.48 -31.07
N THR C 80 -1.78 27.90 -30.19
CA THR C 80 -1.75 29.26 -29.67
C THR C 80 -0.49 29.53 -28.87
N VAL C 81 -0.10 28.58 -28.03
CA VAL C 81 1.13 28.72 -27.23
C VAL C 81 2.35 28.78 -28.13
N VAL C 82 2.40 27.87 -29.12
CA VAL C 82 3.54 27.82 -30.04
C VAL C 82 3.68 29.15 -30.78
N ASP C 83 2.56 29.65 -31.31
CA ASP C 83 2.60 30.93 -32.04
C ASP C 83 3.03 32.08 -31.14
N ALA C 84 2.55 32.09 -29.90
CA ALA C 84 2.92 33.18 -28.99
C ALA C 84 4.40 33.14 -28.67
N VAL C 85 4.97 31.96 -28.45
CA VAL C 85 6.40 31.88 -28.17
C VAL C 85 7.21 32.30 -29.39
N ALA C 86 6.74 31.94 -30.60
CA ALA C 86 7.35 32.39 -31.85
C ALA C 86 8.83 32.02 -31.93
N GLY C 87 9.15 30.79 -31.54
CA GLY C 87 10.49 30.26 -31.66
C GLY C 87 11.51 30.78 -30.66
N ARG C 88 11.11 31.57 -29.66
CA ARG C 88 12.08 32.17 -28.75
C ARG C 88 12.68 31.14 -27.80
N ILE C 89 11.90 30.16 -27.38
CA ILE C 89 12.37 29.04 -26.55
C ILE C 89 11.70 27.76 -27.01
N PRO C 90 12.30 26.61 -26.73
CA PRO C 90 11.67 25.33 -27.12
C PRO C 90 10.34 25.12 -26.41
N VAL C 91 9.38 24.57 -27.13
CA VAL C 91 8.04 24.30 -26.62
C VAL C 91 7.78 22.80 -26.72
N PHE C 92 7.50 22.18 -25.57
CA PHE C 92 7.19 20.76 -25.48
C PHE C 92 5.69 20.60 -25.21
N ALA C 93 4.96 20.04 -26.17
CA ALA C 93 3.52 19.87 -26.01
C ALA C 93 3.21 18.58 -25.25
N GLY C 94 2.41 18.70 -24.20
CA GLY C 94 2.01 17.54 -23.44
C GLY C 94 1.00 16.66 -24.16
N ALA C 95 1.40 15.44 -24.47
CA ALA C 95 0.57 14.49 -25.20
C ALA C 95 0.63 13.16 -24.46
N THR C 96 -0.46 12.81 -23.78
CA THR C 96 -0.56 11.55 -23.05
C THR C 96 -1.97 11.01 -23.24
N THR C 97 -2.09 9.82 -23.82
CA THR C 97 -3.37 9.14 -24.00
C THR C 97 -3.32 7.80 -23.27
N LEU C 98 -4.38 7.00 -23.48
CA LEU C 98 -4.46 5.66 -22.89
C LEU C 98 -3.68 4.61 -23.67
N ASN C 99 -3.15 4.91 -24.85
CA ASN C 99 -2.46 3.90 -25.64
C ASN C 99 -1.44 4.53 -26.58
N THR C 100 -0.62 3.66 -27.16
CA THR C 100 0.54 4.08 -27.93
C THR C 100 0.15 4.75 -29.24
N ARG C 101 -0.86 4.21 -29.93
CA ARG C 101 -1.20 4.70 -31.26
C ARG C 101 -1.94 6.04 -31.21
N ASP C 102 -2.78 6.25 -30.20
CA ASP C 102 -3.41 7.57 -30.04
C ASP C 102 -2.37 8.62 -29.68
N THR C 103 -1.41 8.27 -28.80
CA THR C 103 -0.37 9.23 -28.42
C THR C 103 0.51 9.57 -29.62
N ILE C 104 0.88 8.58 -30.42
CA ILE C 104 1.66 8.84 -31.64
C ILE C 104 0.89 9.77 -32.57
N ALA C 105 -0.39 9.46 -32.82
CA ALA C 105 -1.18 10.28 -33.74
C ALA C 105 -1.32 11.71 -33.23
N ARG C 106 -1.54 11.87 -31.92
CA ARG C 106 -1.58 13.21 -31.36
C ARG C 106 -0.24 13.90 -31.49
N GLY C 107 0.85 13.17 -31.23
CA GLY C 107 2.18 13.77 -31.26
C GLY C 107 2.59 14.23 -32.65
N ARG C 108 2.23 13.48 -33.68
CA ARG C 108 2.50 13.91 -35.04
C ARG C 108 1.80 15.22 -35.34
N ARG C 109 0.51 15.33 -34.98
CA ARG C 109 -0.22 16.55 -35.22
C ARG C 109 0.36 17.72 -34.44
N LEU C 110 0.72 17.51 -33.17
CA LEU C 110 1.29 18.59 -32.37
C LEU C 110 2.62 19.07 -32.97
N GLY C 111 3.41 18.15 -33.54
CA GLY C 111 4.59 18.56 -34.28
C GLY C 111 4.26 19.38 -35.51
N GLU C 112 3.17 19.03 -36.21
CA GLU C 112 2.75 19.81 -37.36
C GLU C 112 2.36 21.22 -36.96
N LEU C 113 1.77 21.37 -35.77
CA LEU C 113 1.39 22.68 -35.26
C LEU C 113 2.59 23.49 -34.76
N GLY C 114 3.80 22.94 -34.82
CA GLY C 114 5.00 23.72 -34.51
C GLY C 114 5.67 23.42 -33.19
N ALA C 115 5.21 22.42 -32.43
CA ALA C 115 5.90 22.07 -31.20
C ALA C 115 7.28 21.52 -31.51
N ASP C 116 8.24 21.87 -30.64
CA ASP C 116 9.60 21.37 -30.79
C ASP C 116 9.77 19.96 -30.23
N GLY C 117 8.90 19.55 -29.31
CA GLY C 117 8.99 18.23 -28.74
C GLY C 117 7.69 17.88 -28.06
N LEU C 118 7.66 16.67 -27.49
CA LEU C 118 6.50 16.15 -26.79
C LEU C 118 6.85 15.86 -25.34
N PHE C 119 5.96 16.24 -24.45
CA PHE C 119 6.06 15.99 -23.01
C PHE C 119 5.06 14.87 -22.72
N VAL C 120 5.57 13.65 -22.54
CA VAL C 120 4.78 12.43 -22.71
C VAL C 120 4.77 11.64 -21.40
N GLY C 121 3.57 11.44 -20.85
CA GLY C 121 3.34 10.40 -19.86
C GLY C 121 3.21 9.07 -20.56
N ARG C 122 2.46 8.15 -19.97
CA ARG C 122 2.34 6.83 -20.57
C ARG C 122 0.98 6.26 -20.23
N PRO C 123 0.50 5.28 -21.01
CA PRO C 123 -0.78 4.61 -20.69
C PRO C 123 -0.80 4.06 -19.28
N MET C 124 -1.96 4.17 -18.63
CA MET C 124 -2.02 3.81 -17.22
C MET C 124 -3.26 3.00 -16.83
N TRP C 125 -4.10 2.58 -17.77
CA TRP C 125 -5.21 1.69 -17.43
C TRP C 125 -4.68 0.45 -16.70
N LEU C 126 -3.71 -0.26 -17.35
CA LEU C 126 -2.83 -1.16 -16.61
C LEU C 126 -1.49 -0.49 -16.39
N PRO C 127 -0.79 -0.79 -15.29
CA PRO C 127 0.60 -0.31 -15.18
C PRO C 127 1.47 -1.00 -16.21
N LEU C 128 2.48 -0.26 -16.68
CA LEU C 128 3.52 -0.83 -17.52
C LEU C 128 4.74 -1.15 -16.66
N ASP C 129 5.35 -2.30 -16.90
CA ASP C 129 6.62 -2.61 -16.28
C ASP C 129 7.75 -1.97 -17.10
N ASP C 130 8.99 -2.16 -16.66
CA ASP C 130 10.10 -1.43 -17.28
C ASP C 130 10.24 -1.75 -18.76
N ALA C 131 10.08 -3.03 -19.12
CA ALA C 131 10.10 -3.39 -20.54
C ALA C 131 8.97 -2.72 -21.31
N GLY C 132 7.77 -2.68 -20.73
CA GLY C 132 6.65 -2.01 -21.37
C GLY C 132 6.82 -0.51 -21.44
N ILE C 133 7.47 0.08 -20.44
CA ILE C 133 7.76 1.51 -20.46
C ILE C 133 8.72 1.84 -21.60
N VAL C 134 9.81 1.07 -21.71
CA VAL C 134 10.81 1.34 -22.74
C VAL C 134 10.22 1.10 -24.12
N ARG C 135 9.46 0.02 -24.28
CA ARG C 135 8.81 -0.26 -25.56
C ARG C 135 7.90 0.88 -25.98
N PHE C 136 7.16 1.44 -25.02
CA PHE C 136 6.25 2.54 -25.35
C PHE C 136 7.02 3.77 -25.84
N TYR C 137 8.05 4.18 -25.08
CA TYR C 137 8.79 5.37 -25.49
C TYR C 137 9.58 5.13 -26.77
N ARG C 138 10.07 3.91 -26.97
CA ARG C 138 10.73 3.59 -28.23
C ARG C 138 9.77 3.69 -29.40
N ASP C 139 8.54 3.19 -29.24
CA ASP C 139 7.54 3.28 -30.29
C ASP C 139 7.26 4.73 -30.66
N VAL C 140 7.08 5.59 -29.65
CA VAL C 140 6.85 7.01 -29.90
C VAL C 140 8.06 7.61 -30.59
N ALA C 141 9.26 7.36 -30.06
CA ALA C 141 10.47 7.92 -30.66
C ALA C 141 10.62 7.48 -32.12
N GLU C 142 10.31 6.20 -32.41
CA GLU C 142 10.47 5.70 -33.78
C GLU C 142 9.42 6.27 -34.72
N ALA C 143 8.21 6.53 -34.22
CA ALA C 143 7.13 7.00 -35.08
C ALA C 143 7.25 8.49 -35.40
N VAL C 144 7.87 9.26 -34.52
CA VAL C 144 7.99 10.69 -34.74
C VAL C 144 9.43 11.09 -34.43
N PRO C 145 10.40 10.61 -35.22
CA PRO C 145 11.82 10.84 -34.89
C PRO C 145 12.22 12.31 -34.91
N ASN C 146 11.40 13.19 -35.49
CA ASN C 146 11.69 14.61 -35.55
C ASN C 146 11.45 15.34 -34.23
N MET C 147 10.81 14.71 -33.25
CA MET C 147 10.42 15.38 -32.01
C MET C 147 11.28 14.91 -30.86
N ALA C 148 11.88 15.85 -30.14
CA ALA C 148 12.50 15.54 -28.86
C ALA C 148 11.43 15.16 -27.85
N LEU C 149 11.83 14.40 -26.83
CA LEU C 149 10.90 13.85 -25.86
C LEU C 149 11.33 14.21 -24.44
N VAL C 150 10.37 14.63 -23.63
CA VAL C 150 10.55 14.73 -22.18
C VAL C 150 9.68 13.66 -21.53
N VAL C 151 10.33 12.73 -20.83
CA VAL C 151 9.66 11.65 -20.12
C VAL C 151 8.98 12.21 -18.88
N TYR C 152 7.71 11.86 -18.67
CA TYR C 152 6.91 12.31 -17.54
C TYR C 152 6.91 11.19 -16.49
N ASP C 153 7.77 11.32 -15.48
CA ASP C 153 7.91 10.30 -14.43
C ASP C 153 7.00 10.70 -13.27
N ASN C 154 5.70 10.39 -13.40
CA ASN C 154 4.72 10.67 -12.36
C ASN C 154 4.21 9.35 -11.79
N PRO C 155 4.79 8.86 -10.69
CA PRO C 155 4.42 7.53 -10.18
C PRO C 155 2.95 7.41 -9.82
N GLY C 156 2.35 8.45 -9.24
CA GLY C 156 0.94 8.39 -8.90
C GLY C 156 0.05 8.31 -10.12
N ALA C 157 0.27 9.18 -11.10
CA ALA C 157 -0.61 9.26 -12.25
C ALA C 157 -0.52 8.00 -13.12
N PHE C 158 0.68 7.48 -13.32
CA PHE C 158 0.88 6.39 -14.28
C PHE C 158 1.09 5.05 -13.59
N LYS C 159 0.83 4.97 -12.28
CA LYS C 159 0.84 3.72 -11.53
C LYS C 159 2.21 3.07 -11.49
N GLY C 160 3.22 3.87 -11.15
CA GLY C 160 4.54 3.30 -10.95
C GLY C 160 5.69 4.27 -11.16
N LYS C 161 6.72 4.12 -10.33
CA LYS C 161 7.97 4.85 -10.53
C LYS C 161 8.76 4.16 -11.64
N ILE C 162 9.25 4.95 -12.60
CA ILE C 162 10.02 4.40 -13.71
C ILE C 162 11.32 3.82 -13.15
N GLY C 163 11.56 2.53 -13.43
CA GLY C 163 12.69 1.86 -12.82
C GLY C 163 14.02 2.31 -13.40
N THR C 164 15.06 2.24 -12.57
CA THR C 164 16.41 2.53 -13.03
C THR C 164 16.82 1.73 -14.27
N PRO C 165 16.51 0.43 -14.40
CA PRO C 165 16.82 -0.26 -15.66
C PRO C 165 16.12 0.35 -16.86
N ALA C 166 14.87 0.80 -16.70
CA ALA C 166 14.19 1.51 -17.78
C ALA C 166 14.94 2.79 -18.14
N TYR C 167 15.45 3.52 -17.14
CA TYR C 167 16.19 4.75 -17.43
C TYR C 167 17.46 4.46 -18.23
N GLU C 168 18.15 3.35 -17.92
CA GLU C 168 19.34 2.98 -18.68
C GLU C 168 19.02 2.82 -20.16
N ALA C 169 17.93 2.13 -20.47
CA ALA C 169 17.57 1.91 -21.87
C ALA C 169 17.07 3.20 -22.52
N LEU C 170 16.29 4.00 -21.78
CA LEU C 170 15.79 5.26 -22.33
C LEU C 170 16.93 6.19 -22.70
N SER C 171 18.02 6.17 -21.93
CA SER C 171 19.16 7.05 -22.21
C SER C 171 19.87 6.68 -23.50
N GLN C 172 19.55 5.53 -24.10
CA GLN C 172 20.08 5.16 -25.41
C GLN C 172 19.17 5.59 -26.55
N ILE C 173 18.06 6.27 -26.26
CA ILE C 173 17.14 6.77 -27.28
C ILE C 173 17.45 8.24 -27.48
N PRO C 174 18.01 8.64 -28.63
CA PRO C 174 18.48 10.03 -28.77
C PRO C 174 17.38 11.07 -28.66
N GLN C 175 16.14 10.71 -28.98
CA GLN C 175 15.03 11.65 -28.86
C GLN C 175 14.72 11.99 -27.41
N VAL C 176 15.08 11.13 -26.47
CA VAL C 176 14.79 11.35 -25.06
C VAL C 176 15.85 12.31 -24.52
N VAL C 177 15.47 13.58 -24.33
CA VAL C 177 16.42 14.60 -23.89
C VAL C 177 16.28 14.95 -22.41
N ALA C 178 15.14 14.68 -21.79
CA ALA C 178 14.95 15.06 -20.39
C ALA C 178 13.87 14.18 -19.78
N ALA C 179 13.82 14.21 -18.45
CA ALA C 179 12.75 13.54 -17.71
C ALA C 179 12.29 14.42 -16.57
C10 9KP C 180 3.63 18.04 -13.48
C11 9KP C 180 2.34 18.38 -14.18
O13 9KP C 180 2.37 18.68 -15.39
C15 9KP C 180 3.06 16.91 -11.21
C16 9KP C 180 3.39 17.00 -9.68
C17 9KP C 180 2.53 17.64 -8.78
C18 9KP C 180 2.88 17.71 -7.44
C19 9KP C 180 4.05 17.14 -6.98
C20 9KP C 180 4.90 16.49 -7.87
C22 9KP C 180 1.22 18.30 -9.24
N 9KP C 180 10.98 14.69 -16.53
CA 9KP C 180 10.40 15.40 -15.42
C 9KP C 180 10.34 14.44 -14.23
O 9KP C 180 9.62 13.49 -14.27
CB 9KP C 180 8.99 15.92 -15.79
CG 9KP C 180 8.27 16.47 -14.53
CD 9KP C 180 6.86 17.02 -14.90
CE 9KP C 180 5.97 17.36 -13.66
NZ 9KP C 180 4.65 17.71 -14.20
O12 9KP C 180 1.25 18.35 -13.55
C14 9KP C 180 3.68 18.11 -11.94
C21 9KP C 180 4.57 16.43 -9.22
O23 9KP C 180 0.35 17.66 -9.90
O24 9KP C 180 0.99 19.50 -8.92
N HIS C 181 11.12 14.73 -13.20
CA HIS C 181 11.36 13.80 -12.10
C HIS C 181 10.77 14.30 -10.79
N LEU C 182 10.96 13.52 -9.73
CA LEU C 182 10.41 13.81 -8.42
C LEU C 182 11.40 14.48 -7.47
N GLY C 183 12.69 14.45 -7.79
CA GLY C 183 13.66 15.02 -6.88
C GLY C 183 13.69 14.26 -5.58
N LEU C 184 13.74 14.99 -4.47
CA LEU C 184 13.81 14.37 -3.15
C LEU C 184 12.54 13.64 -2.76
N LEU C 185 11.45 13.79 -3.52
CA LEU C 185 10.23 13.05 -3.22
C LEU C 185 10.38 11.56 -3.49
N SER C 186 11.41 11.18 -4.26
CA SER C 186 11.87 9.80 -4.37
C SER C 186 13.40 9.87 -4.39
N GLY C 187 13.97 10.26 -3.24
CA GLY C 187 15.35 10.71 -3.15
C GLY C 187 16.39 9.75 -3.67
N SER C 188 16.41 8.53 -3.14
CA SER C 188 17.40 7.55 -3.56
C SER C 188 17.28 7.27 -5.06
N ALA C 189 16.05 7.23 -5.58
CA ALA C 189 15.85 6.88 -6.99
C ALA C 189 16.44 7.94 -7.91
N PHE C 190 16.31 9.23 -7.56
CA PHE C 190 16.85 10.29 -8.41
C PHE C 190 18.33 10.07 -8.68
N LEU C 191 19.09 9.69 -7.66
CA LEU C 191 20.52 9.46 -7.83
C LEU C 191 20.78 8.19 -8.64
N SER C 192 20.05 7.11 -8.35
CA SER C 192 20.18 5.90 -9.15
C SER C 192 19.89 6.18 -10.62
N ASP C 193 18.75 6.85 -10.89
CA ASP C 193 18.41 7.20 -12.27
C ASP C 193 19.47 8.09 -12.90
N LEU C 194 20.07 8.99 -12.10
CA LEU C 194 21.05 9.93 -12.65
C LEU C 194 22.30 9.19 -13.12
N ARG C 195 22.79 8.24 -12.33
CA ARG C 195 23.90 7.41 -12.78
C ARG C 195 23.51 6.62 -14.02
N ALA C 196 22.28 6.12 -14.05
CA ALA C 196 21.83 5.28 -15.16
C ALA C 196 21.89 6.02 -16.50
N VAL C 197 21.56 7.30 -16.52
CA VAL C 197 21.51 7.99 -17.79
C VAL C 197 22.86 8.54 -18.21
N SER C 198 23.80 8.68 -17.27
CA SER C 198 25.19 9.05 -17.56
C SER C 198 25.26 10.29 -18.45
N GLY C 199 24.53 11.33 -18.06
CA GLY C 199 24.57 12.60 -18.74
C GLY C 199 23.80 12.68 -20.04
N ARG C 200 23.22 11.58 -20.53
CA ARG C 200 22.53 11.60 -21.81
C ARG C 200 21.08 12.09 -21.70
N VAL C 201 20.56 12.23 -20.49
CA VAL C 201 19.20 12.70 -20.27
C VAL C 201 19.22 13.68 -19.10
N ARG C 202 18.55 14.82 -19.26
CA ARG C 202 18.46 15.80 -18.19
C ARG C 202 17.36 15.37 -17.23
N LEU C 203 17.75 15.03 -16.01
CA LEU C 203 16.80 14.65 -14.96
C LEU C 203 16.42 15.91 -14.20
N LEU C 204 15.16 16.33 -14.33
CA LEU C 204 14.70 17.60 -13.78
C LEU C 204 14.08 17.36 -12.40
N PRO C 205 14.70 17.83 -11.33
CA PRO C 205 14.01 17.88 -10.04
C PRO C 205 13.11 19.10 -9.99
N LEU C 206 12.36 19.20 -8.89
CA LEU C 206 11.57 20.40 -8.65
C LEU C 206 12.48 21.57 -8.31
N GLU C 207 11.97 22.78 -8.54
CA GLU C 207 12.74 23.96 -8.15
C GLU C 207 12.98 24.00 -6.64
N THR C 208 12.14 23.34 -5.85
CA THR C 208 12.30 23.35 -4.39
C THR C 208 13.42 22.47 -3.89
N ASP C 209 13.97 21.57 -4.70
CA ASP C 209 15.19 20.87 -4.29
C ASP C 209 16.28 20.91 -5.37
N TRP C 210 16.12 21.73 -6.40
CA TRP C 210 17.15 21.86 -7.44
C TRP C 210 18.51 22.23 -6.83
N TYR C 211 18.54 23.22 -5.94
CA TYR C 211 19.81 23.67 -5.35
C TYR C 211 20.60 22.50 -4.77
N TYR C 212 19.92 21.61 -4.03
CA TYR C 212 20.62 20.49 -3.40
C TYR C 212 21.32 19.62 -4.43
N PHE C 213 20.61 19.24 -5.49
CA PHE C 213 21.19 18.37 -6.50
C PHE C 213 22.19 19.09 -7.39
N ALA C 214 21.97 20.38 -7.67
CA ALA C 214 22.88 21.12 -8.51
C ALA C 214 24.23 21.34 -7.83
N ARG C 215 24.24 21.51 -6.51
CA ARG C 215 25.51 21.64 -5.79
C ARG C 215 26.30 20.34 -5.83
N LEU C 216 25.60 19.21 -5.68
CA LEU C 216 26.27 17.91 -5.65
C LEU C 216 26.70 17.45 -7.03
N PHE C 217 25.96 17.83 -8.08
CA PHE C 217 26.22 17.36 -9.44
C PHE C 217 26.12 18.55 -10.38
N PRO C 218 27.08 19.48 -10.30
CA PRO C 218 26.95 20.72 -11.09
C PRO C 218 26.98 20.49 -12.58
N GLU C 219 27.60 19.40 -13.05
CA GLU C 219 27.71 19.13 -14.48
C GLU C 219 26.47 18.46 -15.05
N GLU C 220 25.68 17.79 -14.22
CA GLU C 220 24.53 17.03 -14.67
C GLU C 220 23.21 17.75 -14.42
N VAL C 221 22.99 18.23 -13.19
CA VAL C 221 21.69 18.78 -12.83
C VAL C 221 21.68 20.28 -13.08
N THR C 222 21.65 20.65 -14.37
CA THR C 222 21.73 22.04 -14.78
C THR C 222 20.37 22.63 -15.10
N ALA C 223 19.29 21.96 -14.71
CA ALA C 223 17.94 22.43 -15.01
C ALA C 223 16.97 21.81 -14.01
N CYS C 224 15.87 22.52 -13.78
CA CYS C 224 14.74 22.00 -13.00
C CYS C 224 13.46 22.20 -13.79
N TRP C 225 12.38 21.60 -13.30
CA TRP C 225 11.05 21.95 -13.75
C TRP C 225 10.34 22.72 -12.64
N SER C 226 9.41 23.59 -13.04
CA SER C 226 8.61 24.35 -12.08
C SER C 226 7.17 24.38 -12.57
N GLY C 227 6.27 23.88 -11.74
CA GLY C 227 4.85 24.02 -11.94
C GLY C 227 4.29 25.31 -11.38
N ASN C 228 5.14 26.20 -10.87
CA ASN C 228 4.69 27.42 -10.23
C ASN C 228 4.95 28.66 -11.07
N VAL C 229 5.52 28.52 -12.27
CA VAL C 229 5.92 29.70 -13.05
C VAL C 229 4.70 30.53 -13.44
N ALA C 230 3.53 29.91 -13.58
CA ALA C 230 2.31 30.64 -13.90
C ALA C 230 1.81 31.49 -12.75
N CYS C 231 2.40 31.36 -11.56
CA CYS C 231 2.16 32.27 -10.46
C CYS C 231 3.17 33.41 -10.43
N GLY C 232 4.10 33.43 -11.37
CA GLY C 232 5.19 34.37 -11.36
C GLY C 232 6.50 33.62 -11.41
N PRO C 233 7.26 33.81 -12.50
CA PRO C 233 8.49 33.02 -12.69
C PRO C 233 9.74 33.62 -12.06
N ALA C 234 9.69 34.88 -11.62
CA ALA C 234 10.89 35.55 -11.11
C ALA C 234 11.60 34.79 -9.98
N PRO C 235 10.93 34.22 -8.96
CA PRO C 235 11.70 33.49 -7.93
C PRO C 235 12.49 32.33 -8.48
N VAL C 236 12.01 31.67 -9.54
CA VAL C 236 12.66 30.47 -10.06
C VAL C 236 13.82 30.83 -10.97
N THR C 237 13.65 31.85 -11.81
CA THR C 237 14.76 32.29 -12.64
C THR C 237 15.85 32.92 -11.80
N HIS C 238 15.48 33.55 -10.68
CA HIS C 238 16.48 34.02 -9.73
C HIS C 238 17.27 32.86 -9.15
N LEU C 239 16.58 31.76 -8.82
CA LEU C 239 17.26 30.58 -8.29
C LEU C 239 18.24 30.01 -9.30
N ARG C 240 17.84 29.96 -10.59
CA ARG C 240 18.77 29.56 -11.64
C ARG C 240 20.02 30.42 -11.63
N ASP C 241 19.86 31.74 -11.55
CA ASP C 241 21.02 32.63 -11.60
C ASP C 241 21.91 32.42 -10.37
N LEU C 242 21.30 32.22 -9.20
CA LEU C 242 22.08 31.99 -7.98
C LEU C 242 22.85 30.67 -8.07
N ILE C 243 22.23 29.63 -8.60
CA ILE C 243 22.90 28.34 -8.77
C ILE C 243 24.10 28.49 -9.72
N ARG C 244 23.89 29.15 -10.86
CA ARG C 244 25.00 29.40 -11.79
C ARG C 244 26.16 30.11 -11.09
N ALA C 245 25.87 31.07 -10.21
CA ALA C 245 26.89 31.81 -9.50
C ALA C 245 27.45 31.08 -8.30
N ARG C 246 26.99 29.86 -8.00
CA ARG C 246 27.48 29.08 -6.86
C ARG C 246 27.25 29.80 -5.53
N ARG C 247 26.20 30.61 -5.45
CA ARG C 247 25.91 31.38 -4.23
C ARG C 247 25.05 30.50 -3.31
N TRP C 248 25.72 29.52 -2.69
CA TRP C 248 25.00 28.44 -2.01
C TRP C 248 24.19 28.94 -0.82
N ASP C 249 24.73 29.88 -0.05
CA ASP C 249 23.98 30.45 1.07
C ASP C 249 22.68 31.08 0.58
N ASP C 250 22.77 31.90 -0.47
CA ASP C 250 21.56 32.51 -1.03
C ASP C 250 20.64 31.45 -1.63
N CYS C 251 21.21 30.43 -2.27
CA CYS C 251 20.39 29.35 -2.81
C CYS C 251 19.57 28.69 -1.71
N GLN C 252 20.20 28.43 -0.56
CA GLN C 252 19.49 27.79 0.55
C GLN C 252 18.39 28.68 1.09
N ALA C 253 18.70 29.98 1.27
CA ALA C 253 17.69 30.92 1.76
C ALA C 253 16.50 30.99 0.80
N LEU C 254 16.78 31.06 -0.51
CA LEU C 254 15.70 31.13 -1.48
C LEU C 254 14.88 29.85 -1.50
N THR C 255 15.55 28.69 -1.43
CA THR C 255 14.84 27.42 -1.30
C THR C 255 13.89 27.43 -0.12
N ASP C 256 14.36 27.92 1.04
CA ASP C 256 13.52 28.00 2.23
C ASP C 256 12.31 28.89 1.99
N GLU C 257 12.48 29.97 1.23
CA GLU C 257 11.36 30.86 0.94
C GLU C 257 10.35 30.19 0.01
N LEU C 258 10.83 29.44 -0.99
CA LEU C 258 9.90 28.74 -1.88
C LEU C 258 9.09 27.70 -1.12
N GLU C 259 9.76 26.91 -0.28
CA GLU C 259 9.06 25.91 0.52
C GLU C 259 8.07 26.55 1.48
N GLY C 260 8.49 27.63 2.15
CA GLY C 260 7.58 28.35 3.04
C GLY C 260 6.32 28.83 2.32
N ALA C 261 6.47 29.34 1.10
CA ALA C 261 5.31 29.82 0.36
C ALA C 261 4.36 28.69 -0.02
N LEU C 262 4.87 27.51 -0.30
CA LEU C 262 4.06 26.38 -0.75
C LEU C 262 3.57 25.51 0.40
N GLU C 263 3.79 25.94 1.65
CA GLU C 263 3.54 25.09 2.81
C GLU C 263 2.07 24.65 2.87
N THR C 264 1.14 25.57 2.66
CA THR C 264 -0.28 25.28 2.81
C THR C 264 -0.85 24.50 1.62
N LEU C 265 -0.05 24.22 0.60
CA LEU C 265 -0.54 23.46 -0.55
C LEU C 265 -1.06 22.09 -0.13
N TYR C 266 -0.37 21.43 0.81
CA TYR C 266 -0.66 20.05 1.16
C TYR C 266 -1.56 20.00 2.39
N PRO C 267 -2.76 19.41 2.29
CA PRO C 267 -3.71 19.47 3.40
C PRO C 267 -3.14 18.82 4.66
N GLY C 268 -2.97 19.63 5.70
CA GLY C 268 -2.35 19.15 6.91
C GLY C 268 -1.00 18.49 6.69
N GLY C 269 -0.20 19.08 5.79
CA GLY C 269 1.08 18.50 5.44
C GLY C 269 1.01 17.16 4.74
N ASN C 270 -0.17 16.60 4.54
CA ASN C 270 -0.32 15.28 3.91
C ASN C 270 -0.16 15.43 2.40
N PHE C 271 0.97 14.95 1.88
CA PHE C 271 1.21 15.01 0.44
C PHE C 271 0.23 14.13 -0.32
N ALA C 272 0.07 12.87 0.12
CA ALA C 272 -0.79 11.92 -0.60
C ALA C 272 -2.19 12.48 -0.77
N GLU C 273 -2.70 13.18 0.24
CA GLU C 273 -4.01 13.80 0.13
C GLU C 273 -4.03 14.86 -0.96
N PHE C 274 -2.93 15.61 -1.10
CA PHE C 274 -2.85 16.63 -2.15
C PHE C 274 -2.95 16.02 -3.53
N LEU C 275 -2.28 14.88 -3.74
CA LEU C 275 -2.34 14.21 -5.04
C LEU C 275 -3.77 13.82 -5.41
N LYS C 276 -4.60 13.53 -4.41
CA LYS C 276 -6.00 13.17 -4.67
C LYS C 276 -6.75 14.30 -5.34
N TYR C 277 -6.33 15.54 -5.14
CA TYR C 277 -7.05 16.70 -5.66
C TYR C 277 -6.07 17.72 -6.25
N SER C 278 -4.98 17.24 -6.86
CA SER C 278 -3.91 18.16 -7.27
C SER C 278 -4.39 19.12 -8.36
N ILE C 279 -5.21 18.64 -9.29
CA ILE C 279 -5.71 19.51 -10.36
C ILE C 279 -6.53 20.65 -9.76
N GLN C 280 -7.44 20.32 -8.83
CA GLN C 280 -8.28 21.33 -8.20
C GLN C 280 -7.47 22.28 -7.32
N ILE C 281 -6.56 21.74 -6.51
CA ILE C 281 -5.79 22.57 -5.60
C ILE C 281 -4.86 23.50 -6.37
N ASP C 282 -4.15 22.97 -7.37
CA ASP C 282 -3.27 23.82 -8.19
C ASP C 282 -4.06 24.93 -8.87
N ASN C 283 -5.25 24.61 -9.39
CA ASN C 283 -6.09 25.63 -10.01
C ASN C 283 -6.37 26.78 -9.06
N ALA C 284 -6.67 26.48 -7.79
CA ALA C 284 -6.88 27.54 -6.81
C ALA C 284 -5.62 28.37 -6.60
N GLN C 285 -4.45 27.72 -6.62
CA GLN C 285 -3.19 28.45 -6.46
C GLN C 285 -2.97 29.43 -7.61
N PHE C 286 -3.21 28.98 -8.85
CA PHE C 286 -3.05 29.86 -10.01
C PHE C 286 -4.00 31.05 -9.95
N GLN C 287 -5.27 30.80 -9.59
CA GLN C 287 -6.22 31.91 -9.46
C GLN C 287 -5.74 32.93 -8.43
N ALA C 288 -5.37 32.46 -7.24
CA ALA C 288 -5.05 33.36 -6.14
C ALA C 288 -3.78 34.15 -6.37
N ALA C 289 -2.82 33.60 -7.14
CA ALA C 289 -1.53 34.25 -7.31
C ALA C 289 -1.65 35.53 -8.14
N GLY C 290 -2.66 35.63 -9.00
CA GLY C 290 -2.90 36.84 -9.76
C GLY C 290 -1.98 37.08 -10.93
N PHE C 291 -1.01 36.18 -11.20
CA PHE C 291 -0.14 36.41 -12.35
C PHE C 291 -0.86 36.14 -13.66
N MET C 292 -1.79 35.19 -13.68
CA MET C 292 -2.65 34.93 -14.82
C MET C 292 -4.08 34.79 -14.32
N ARG C 293 -5.03 34.77 -15.26
CA ARG C 293 -6.42 34.55 -14.91
C ARG C 293 -6.87 33.22 -15.51
N THR C 294 -7.71 32.50 -14.77
CA THR C 294 -8.27 31.27 -15.27
C THR C 294 -9.57 30.96 -14.54
N GLY C 295 -10.44 30.21 -15.21
CA GLY C 295 -11.69 29.78 -14.62
C GLY C 295 -11.51 28.55 -13.77
N PRO C 296 -12.57 27.75 -13.63
CA PRO C 296 -12.49 26.53 -12.83
C PRO C 296 -11.88 25.39 -13.64
N THR C 297 -11.78 24.24 -13.01
CA THR C 297 -11.30 23.03 -13.68
C THR C 297 -12.39 22.40 -14.54
N ARG C 298 -11.96 21.51 -15.44
CA ARG C 298 -12.86 20.80 -16.36
C ARG C 298 -13.37 19.52 -15.71
N PRO C 299 -14.54 19.04 -16.13
CA PRO C 299 -15.01 17.72 -15.68
C PRO C 299 -14.02 16.64 -16.06
N PRO C 300 -13.84 15.62 -15.21
CA PRO C 300 -14.60 15.30 -13.99
C PRO C 300 -14.01 15.82 -12.68
N TYR C 301 -12.93 16.58 -12.72
CA TYR C 301 -12.19 16.93 -11.51
C TYR C 301 -12.63 18.29 -10.96
N THR C 302 -13.91 18.33 -10.57
CA THR C 302 -14.53 19.52 -10.01
C THR C 302 -14.91 19.37 -8.55
N GLU C 303 -14.78 18.18 -7.95
CA GLU C 303 -15.14 17.96 -6.55
C GLU C 303 -13.87 17.93 -5.71
N VAL C 304 -13.89 18.68 -4.61
CA VAL C 304 -12.71 18.86 -3.76
C VAL C 304 -13.13 19.53 -2.47
N PRO C 305 -12.63 19.09 -1.30
CA PRO C 305 -12.95 19.79 -0.05
C PRO C 305 -12.58 21.27 -0.12
N GLU C 306 -13.48 22.11 0.39
CA GLU C 306 -13.28 23.55 0.35
C GLU C 306 -12.00 23.96 1.05
N SER C 307 -11.71 23.33 2.20
CA SER C 307 -10.49 23.67 2.94
C SER C 307 -9.23 23.37 2.13
N TYR C 308 -9.27 22.36 1.26
CA TYR C 308 -8.12 22.08 0.40
C TYR C 308 -7.87 23.22 -0.57
N LEU C 309 -8.95 23.78 -1.14
CA LEU C 309 -8.83 24.93 -2.02
C LEU C 309 -8.24 26.13 -1.28
N ALA C 310 -8.62 26.33 -0.02
CA ALA C 310 -8.09 27.44 0.75
C ALA C 310 -6.58 27.32 0.94
N GLY C 311 -6.08 26.10 1.08
CA GLY C 311 -4.64 25.91 1.17
C GLY C 311 -3.93 26.28 -0.12
N GLY C 312 -4.51 25.93 -1.26
CA GLY C 312 -3.94 26.33 -2.53
C GLY C 312 -3.97 27.82 -2.73
N ARG C 313 -5.06 28.47 -2.29
CA ARG C 313 -5.17 29.92 -2.41
C ARG C 313 -4.10 30.63 -1.58
N GLU C 314 -3.88 30.18 -0.34
CA GLU C 314 -2.87 30.83 0.49
C GLU C 314 -1.49 30.67 -0.13
N ALA C 315 -1.21 29.51 -0.73
CA ALA C 315 0.08 29.30 -1.37
C ALA C 315 0.25 30.23 -2.57
N GLY C 316 -0.83 30.44 -3.33
CA GLY C 316 -0.77 31.37 -4.44
C GLY C 316 -0.50 32.80 -3.98
N LYS C 317 -1.15 33.22 -2.89
CA LYS C 317 -0.88 34.54 -2.34
C LYS C 317 0.55 34.64 -1.83
N ASN C 318 1.02 33.61 -1.12
CA ASN C 318 2.41 33.61 -0.65
C ASN C 318 3.38 33.68 -1.82
N TRP C 319 3.09 32.98 -2.92
CA TRP C 319 4.00 32.99 -4.05
C TRP C 319 4.00 34.35 -4.74
N ALA C 320 2.82 34.98 -4.88
CA ALA C 320 2.73 36.31 -5.47
C ALA C 320 3.61 37.32 -4.75
N ALA C 321 3.78 37.16 -3.43
CA ALA C 321 4.69 38.03 -2.69
C ALA C 321 6.14 37.80 -3.11
N LEU C 322 6.54 36.54 -3.28
CA LEU C 322 7.88 36.26 -3.77
C LEU C 322 8.08 36.80 -5.17
N GLN C 323 7.09 36.61 -6.05
CA GLN C 323 7.16 37.17 -7.41
C GLN C 323 7.37 38.67 -7.35
N GLN C 324 6.60 39.36 -6.51
CA GLN C 324 6.77 40.79 -6.34
C GLN C 324 8.16 41.13 -5.82
N ARG C 325 8.66 40.34 -4.88
CA ARG C 325 9.98 40.60 -4.28
C ARG C 325 11.09 40.46 -5.31
N TYR C 326 10.97 39.51 -6.24
CA TYR C 326 12.08 39.19 -7.14
C TYR C 326 11.90 39.72 -8.55
N ALA C 327 10.73 40.21 -8.91
CA ALA C 327 10.55 40.85 -10.22
C ALA C 327 11.21 42.22 -10.27
N ASP D 5 -35.71 8.47 -21.82
CA ASP D 5 -34.90 7.55 -21.02
C ASP D 5 -34.88 6.16 -21.65
N THR D 6 -33.95 5.31 -21.19
CA THR D 6 -33.91 3.95 -21.67
C THR D 6 -35.06 3.14 -21.10
N LYS D 7 -35.54 2.15 -21.88
CA LYS D 7 -36.58 1.26 -21.39
C LYS D 7 -36.01 0.04 -20.69
N LEU D 8 -34.68 -0.12 -20.68
CA LEU D 8 -34.05 -1.17 -19.90
C LEU D 8 -34.01 -0.76 -18.43
N THR D 9 -34.35 -1.68 -17.54
CA THR D 9 -34.29 -1.43 -16.11
C THR D 9 -33.49 -2.55 -15.46
N VAL D 10 -33.35 -2.47 -14.14
CA VAL D 10 -32.66 -3.51 -13.38
C VAL D 10 -33.32 -4.87 -13.60
N ASP D 11 -34.64 -4.89 -13.84
CA ASP D 11 -35.36 -6.15 -14.04
C ASP D 11 -34.84 -6.93 -15.24
N ASP D 12 -34.28 -6.24 -16.23
CA ASP D 12 -33.79 -6.90 -17.44
C ASP D 12 -32.41 -7.50 -17.28
N ILE D 13 -31.71 -7.23 -16.18
CA ILE D 13 -30.36 -7.76 -15.98
C ILE D 13 -30.49 -9.01 -15.11
N THR D 14 -30.56 -10.17 -15.78
CA THR D 14 -30.69 -11.44 -15.10
C THR D 14 -29.84 -12.47 -15.83
N GLY D 15 -29.40 -13.49 -15.09
CA GLY D 15 -28.65 -14.57 -15.72
C GLY D 15 -27.18 -14.24 -15.93
N VAL D 16 -26.65 -14.62 -17.09
CA VAL D 16 -25.23 -14.50 -17.38
C VAL D 16 -24.99 -13.22 -18.16
N VAL D 17 -24.24 -12.29 -17.56
CA VAL D 17 -23.78 -11.09 -18.25
C VAL D 17 -22.40 -11.40 -18.80
N GLY D 18 -22.34 -11.71 -20.10
CA GLY D 18 -21.10 -12.13 -20.72
C GLY D 18 -20.31 -10.94 -21.23
N ILE D 19 -19.03 -10.90 -20.91
CA ILE D 19 -18.12 -9.88 -21.40
C ILE D 19 -17.12 -10.55 -22.34
N ILE D 20 -17.07 -10.08 -23.59
CA ILE D 20 -16.17 -10.68 -24.57
C ILE D 20 -14.95 -9.79 -24.77
N PRO D 21 -13.82 -10.36 -25.14
CA PRO D 21 -12.65 -9.57 -25.54
C PRO D 21 -12.85 -9.09 -26.98
N THR D 22 -11.88 -8.31 -27.45
CA THR D 22 -11.96 -7.79 -28.80
C THR D 22 -11.05 -8.61 -29.72
N PRO D 23 -11.61 -9.43 -30.62
CA PRO D 23 -10.76 -10.27 -31.47
C PRO D 23 -9.76 -9.42 -32.27
N SER D 24 -8.54 -9.92 -32.38
CA SER D 24 -7.46 -9.18 -33.02
C SER D 24 -6.87 -9.99 -34.17
N ILE D 25 -6.27 -9.25 -35.11
CA ILE D 25 -5.61 -9.83 -36.27
C ILE D 25 -4.16 -10.11 -35.91
N PRO D 26 -3.42 -10.93 -36.69
CA PRO D 26 -2.05 -11.28 -36.30
C PRO D 26 -1.12 -10.09 -36.09
N THR D 27 -1.30 -8.98 -36.80
CA THR D 27 -0.43 -7.82 -36.67
C THR D 27 -0.91 -6.82 -35.62
N ALA D 28 -1.82 -7.24 -34.72
CA ALA D 28 -2.43 -6.33 -33.76
C ALA D 28 -1.45 -5.76 -32.75
N ASP D 29 -0.29 -6.37 -32.58
CA ASP D 29 0.70 -5.91 -31.60
C ASP D 29 1.65 -4.86 -32.16
N GLN D 30 1.44 -4.43 -33.40
CA GLN D 30 2.35 -3.47 -34.00
C GLN D 30 1.74 -2.07 -33.95
N PRO D 31 2.49 -1.07 -33.49
CA PRO D 31 1.95 0.30 -33.50
C PRO D 31 1.64 0.83 -34.89
N GLY D 32 2.24 0.26 -35.94
CA GLY D 32 1.94 0.66 -37.30
C GLY D 32 0.67 0.07 -37.89
N THR D 33 0.01 -0.85 -37.19
CA THR D 33 -1.25 -1.41 -37.66
C THR D 33 -2.36 -0.39 -37.44
N ALA D 34 -2.93 0.12 -38.54
CA ALA D 34 -3.95 1.15 -38.43
C ALA D 34 -5.23 0.60 -37.79
N PHE D 35 -5.65 -0.59 -38.21
CA PHE D 35 -6.90 -1.21 -37.75
C PHE D 35 -6.64 -2.68 -37.48
N SER D 36 -6.94 -3.12 -36.26
CA SER D 36 -6.47 -4.42 -35.78
C SER D 36 -7.58 -5.34 -35.27
N VAL D 37 -8.85 -5.02 -35.50
CA VAL D 37 -9.95 -5.85 -35.04
C VAL D 37 -10.29 -6.88 -36.10
N ASP D 38 -10.48 -8.13 -35.69
CA ASP D 38 -10.98 -9.17 -36.60
C ASP D 38 -12.51 -9.09 -36.54
N LEU D 39 -13.08 -8.30 -37.45
CA LEU D 39 -14.52 -8.07 -37.42
C LEU D 39 -15.32 -9.33 -37.72
N ASP D 40 -14.80 -10.20 -38.58
CA ASP D 40 -15.49 -11.46 -38.85
C ASP D 40 -15.58 -12.31 -37.59
N GLU D 41 -14.46 -12.40 -36.84
CA GLU D 41 -14.48 -13.17 -35.60
C GLU D 41 -15.40 -12.55 -34.57
N ALA D 42 -15.43 -11.22 -34.49
CA ALA D 42 -16.32 -10.55 -33.54
C ALA D 42 -17.77 -10.90 -33.80
N ALA D 43 -18.19 -10.93 -35.07
CA ALA D 43 -19.56 -11.28 -35.40
C ALA D 43 -19.88 -12.71 -34.99
N THR D 44 -18.99 -13.67 -35.32
CA THR D 44 -19.25 -15.06 -34.96
C THR D 44 -19.16 -15.28 -33.46
N LEU D 45 -18.25 -14.58 -32.77
CA LEU D 45 -18.20 -14.68 -31.32
C LEU D 45 -19.50 -14.18 -30.70
N ALA D 46 -19.94 -12.98 -31.09
CA ALA D 46 -21.19 -12.43 -30.56
C ALA D 46 -22.36 -13.36 -30.81
N ASP D 47 -22.46 -13.90 -32.03
CA ASP D 47 -23.54 -14.84 -32.34
C ASP D 47 -23.42 -16.11 -31.50
N ALA D 48 -22.19 -16.60 -31.29
CA ALA D 48 -22.00 -17.79 -30.46
C ALA D 48 -22.44 -17.53 -29.03
N MET D 49 -22.25 -16.31 -28.53
CA MET D 49 -22.72 -15.99 -27.18
C MET D 49 -24.24 -16.04 -27.09
N VAL D 50 -24.93 -15.48 -28.09
CA VAL D 50 -26.40 -15.56 -28.09
C VAL D 50 -26.84 -17.02 -28.16
N ARG D 51 -26.27 -17.78 -29.09
CA ARG D 51 -26.65 -19.18 -29.26
C ARG D 51 -26.32 -20.01 -28.03
N GLY D 52 -25.21 -19.67 -27.35
CA GLY D 52 -24.82 -20.35 -26.13
C GLY D 52 -25.65 -20.00 -24.91
N GLY D 53 -26.58 -19.06 -25.05
CA GLY D 53 -27.49 -18.74 -23.97
C GLY D 53 -27.07 -17.61 -23.05
N VAL D 54 -26.10 -16.79 -23.44
CA VAL D 54 -25.75 -15.63 -22.65
C VAL D 54 -26.92 -14.66 -22.64
N ASP D 55 -27.23 -14.11 -21.47
CA ASP D 55 -28.42 -13.28 -21.34
C ASP D 55 -28.18 -11.81 -21.64
N VAL D 56 -26.99 -11.30 -21.34
CA VAL D 56 -26.61 -9.92 -21.61
C VAL D 56 -25.16 -9.91 -22.08
N LEU D 57 -24.86 -9.12 -23.09
CA LEU D 57 -23.53 -9.06 -23.67
C LEU D 57 -22.89 -7.69 -23.45
N MET D 58 -21.62 -7.68 -23.07
CA MET D 58 -20.89 -6.43 -22.86
C MET D 58 -19.54 -6.51 -23.55
N THR D 59 -19.03 -5.37 -23.98
CA THR D 59 -17.75 -5.31 -24.68
C THR D 59 -16.83 -4.31 -24.00
N THR D 60 -15.55 -4.43 -24.35
CA THR D 60 -14.51 -3.43 -24.10
C THR D 60 -14.54 -2.91 -22.66
N GLY D 61 -14.31 -3.85 -21.74
CA GLY D 61 -13.82 -3.53 -20.42
C GLY D 61 -12.30 -3.58 -20.43
N THR D 62 -11.68 -4.01 -19.33
CA THR D 62 -10.22 -4.05 -19.25
C THR D 62 -9.63 -5.06 -20.23
N PHE D 63 -10.01 -6.34 -20.10
CA PHE D 63 -9.40 -7.35 -20.95
C PHE D 63 -9.87 -7.25 -22.41
N GLY D 64 -11.00 -6.59 -22.66
CA GLY D 64 -11.44 -6.22 -23.99
C GLY D 64 -10.64 -5.08 -24.60
N GLU D 65 -9.61 -4.61 -23.90
CA GLU D 65 -8.66 -3.63 -24.41
C GLU D 65 -9.33 -2.31 -24.76
N CYS D 66 -10.30 -1.91 -23.93
CA CYS D 66 -10.90 -0.58 -24.04
C CYS D 66 -9.84 0.52 -24.08
N ALA D 67 -8.76 0.37 -23.31
CA ALA D 67 -7.71 1.38 -23.27
C ALA D 67 -7.01 1.53 -24.61
N SER D 68 -6.76 0.42 -25.32
CA SER D 68 -5.78 0.44 -26.42
C SER D 68 -6.39 0.35 -27.81
N LEU D 69 -7.70 0.14 -27.95
CA LEU D 69 -8.32 0.28 -29.26
C LEU D 69 -8.41 1.74 -29.65
N THR D 70 -8.30 2.02 -30.94
CA THR D 70 -8.61 3.36 -31.43
C THR D 70 -10.11 3.60 -31.43
N TRP D 71 -10.50 4.87 -31.51
CA TRP D 71 -11.92 5.20 -31.54
C TRP D 71 -12.59 4.60 -32.76
N ASP D 72 -11.92 4.62 -33.90
CA ASP D 72 -12.46 3.98 -35.10
C ASP D 72 -12.59 2.47 -34.90
N GLU D 73 -11.63 1.85 -34.20
CA GLU D 73 -11.72 0.42 -33.94
C GLU D 73 -12.91 0.09 -33.04
N LEU D 74 -13.11 0.90 -31.99
CA LEU D 74 -14.20 0.65 -31.06
C LEU D 74 -15.57 0.82 -31.74
N GLN D 75 -15.71 1.85 -32.58
CA GLN D 75 -16.97 2.05 -33.31
C GLN D 75 -17.28 0.85 -34.19
N SER D 76 -16.30 0.42 -34.99
CA SER D 76 -16.54 -0.67 -35.94
C SER D 76 -16.80 -1.99 -35.24
N PHE D 77 -16.06 -2.26 -34.17
CA PHE D 77 -16.26 -3.50 -33.39
C PHE D 77 -17.63 -3.52 -32.75
N VAL D 78 -18.04 -2.42 -32.12
CA VAL D 78 -19.36 -2.36 -31.49
C VAL D 78 -20.46 -2.49 -32.52
N ALA D 79 -20.31 -1.82 -33.67
CA ALA D 79 -21.33 -1.92 -34.72
C ALA D 79 -21.47 -3.35 -35.19
N THR D 80 -20.35 -4.05 -35.39
CA THR D 80 -20.39 -5.44 -35.82
C THR D 80 -21.09 -6.31 -34.79
N VAL D 81 -20.71 -6.15 -33.50
CA VAL D 81 -21.34 -6.92 -32.45
C VAL D 81 -22.84 -6.66 -32.40
N VAL D 82 -23.24 -5.38 -32.50
CA VAL D 82 -24.65 -5.04 -32.43
C VAL D 82 -25.43 -5.68 -33.56
N ASP D 83 -24.87 -5.65 -34.77
CA ASP D 83 -25.56 -6.23 -35.93
C ASP D 83 -25.67 -7.74 -35.82
N ALA D 84 -24.60 -8.40 -35.33
CA ALA D 84 -24.64 -9.85 -35.19
C ALA D 84 -25.60 -10.29 -34.09
N VAL D 85 -25.72 -9.51 -33.01
CA VAL D 85 -26.68 -9.86 -31.96
C VAL D 85 -28.11 -9.63 -32.45
N ALA D 86 -28.32 -8.59 -33.26
CA ALA D 86 -29.60 -8.34 -33.93
C ALA D 86 -30.75 -8.23 -32.94
N GLY D 87 -30.51 -7.57 -31.80
CA GLY D 87 -31.56 -7.34 -30.84
C GLY D 87 -31.98 -8.54 -30.01
N ARG D 88 -31.32 -9.68 -30.17
CA ARG D 88 -31.75 -10.89 -29.45
C ARG D 88 -31.47 -10.81 -27.96
N ILE D 89 -30.40 -10.13 -27.55
CA ILE D 89 -30.10 -9.85 -26.16
C ILE D 89 -29.60 -8.42 -26.04
N PRO D 90 -29.70 -7.82 -24.86
CA PRO D 90 -29.14 -6.47 -24.68
C PRO D 90 -27.63 -6.47 -24.83
N VAL D 91 -27.12 -5.43 -25.51
CA VAL D 91 -25.69 -5.23 -25.71
C VAL D 91 -25.28 -3.93 -25.04
N PHE D 92 -24.26 -4.00 -24.18
CA PHE D 92 -23.69 -2.84 -23.49
C PHE D 92 -22.28 -2.61 -24.04
N ALA D 93 -22.09 -1.49 -24.73
CA ALA D 93 -20.79 -1.15 -25.30
C ALA D 93 -19.89 -0.50 -24.25
N GLY D 94 -18.69 -1.05 -24.07
CA GLY D 94 -17.75 -0.48 -23.13
C GLY D 94 -17.16 0.81 -23.65
N ALA D 95 -17.36 1.91 -22.91
CA ALA D 95 -16.86 3.23 -23.28
C ALA D 95 -16.28 3.87 -22.03
N THR D 96 -14.95 3.96 -21.97
CA THR D 96 -14.26 4.60 -20.86
C THR D 96 -13.12 5.42 -21.43
N THR D 97 -13.15 6.73 -21.20
CA THR D 97 -12.06 7.60 -21.59
C THR D 97 -11.48 8.29 -20.36
N LEU D 98 -10.55 9.21 -20.61
CA LEU D 98 -9.92 9.96 -19.53
C LEU D 98 -10.81 11.08 -18.99
N ASN D 99 -11.96 11.38 -19.58
CA ASN D 99 -12.73 12.52 -19.08
C ASN D 99 -14.21 12.37 -19.42
N THR D 100 -15.02 13.23 -18.80
CA THR D 100 -16.47 13.15 -18.92
C THR D 100 -16.93 13.43 -20.35
N ARG D 101 -16.31 14.41 -21.02
CA ARG D 101 -16.84 14.87 -22.30
C ARG D 101 -16.51 13.91 -23.43
N ASP D 102 -15.33 13.29 -23.41
CA ASP D 102 -15.03 12.28 -24.42
C ASP D 102 -15.90 11.04 -24.21
N THR D 103 -16.15 10.67 -22.95
CA THR D 103 -17.00 9.52 -22.68
C THR D 103 -18.43 9.80 -23.13
N ILE D 104 -18.93 11.00 -22.87
CA ILE D 104 -20.26 11.38 -23.34
C ILE D 104 -20.31 11.32 -24.86
N ALA D 105 -19.30 11.87 -25.53
CA ALA D 105 -19.28 11.88 -26.99
C ALA D 105 -19.24 10.46 -27.54
N ARG D 106 -18.39 9.60 -26.96
CA ARG D 106 -18.33 8.22 -27.41
C ARG D 106 -19.66 7.50 -27.15
N GLY D 107 -20.23 7.70 -25.97
CA GLY D 107 -21.46 7.01 -25.62
C GLY D 107 -22.62 7.36 -26.53
N ARG D 108 -22.73 8.64 -26.91
CA ARG D 108 -23.80 9.03 -27.82
C ARG D 108 -23.66 8.32 -29.16
N ARG D 109 -22.43 8.26 -29.69
CA ARG D 109 -22.19 7.61 -30.97
C ARG D 109 -22.44 6.11 -30.89
N LEU D 110 -22.04 5.48 -29.79
CA LEU D 110 -22.29 4.05 -29.65
C LEU D 110 -23.79 3.75 -29.54
N GLY D 111 -24.56 4.68 -28.97
CA GLY D 111 -26.00 4.54 -28.99
C GLY D 111 -26.58 4.67 -30.40
N GLU D 112 -26.05 5.62 -31.17
CA GLU D 112 -26.50 5.75 -32.56
C GLU D 112 -26.18 4.49 -33.35
N LEU D 113 -25.10 3.79 -33.00
CA LEU D 113 -24.76 2.55 -33.69
C LEU D 113 -25.55 1.34 -33.19
N GLY D 114 -26.53 1.55 -32.30
CA GLY D 114 -27.46 0.48 -31.95
C GLY D 114 -27.21 -0.21 -30.61
N ALA D 115 -26.16 0.17 -29.88
CA ALA D 115 -25.97 -0.41 -28.56
C ALA D 115 -27.14 -0.06 -27.64
N ASP D 116 -27.54 -1.02 -26.81
CA ASP D 116 -28.64 -0.79 -25.88
C ASP D 116 -28.20 -0.01 -24.65
N GLY D 117 -26.93 -0.11 -24.28
CA GLY D 117 -26.45 0.57 -23.09
C GLY D 117 -24.95 0.73 -23.15
N LEU D 118 -24.40 1.35 -22.11
CA LEU D 118 -22.97 1.63 -22.03
C LEU D 118 -22.38 0.96 -20.80
N PHE D 119 -21.25 0.31 -20.98
CA PHE D 119 -20.48 -0.32 -19.91
C PHE D 119 -19.33 0.63 -19.60
N VAL D 120 -19.43 1.34 -18.47
CA VAL D 120 -18.69 2.59 -18.29
C VAL D 120 -17.84 2.51 -17.02
N GLY D 121 -16.52 2.52 -17.20
CA GLY D 121 -15.60 2.83 -16.12
C GLY D 121 -15.62 4.31 -15.83
N ARG D 122 -14.53 4.88 -15.34
CA ARG D 122 -14.51 6.30 -15.01
C ARG D 122 -13.10 6.82 -15.22
N PRO D 123 -12.93 8.14 -15.37
CA PRO D 123 -11.58 8.70 -15.55
C PRO D 123 -10.68 8.34 -14.38
N MET D 124 -9.39 8.11 -14.69
CA MET D 124 -8.49 7.61 -13.66
C MET D 124 -7.12 8.29 -13.60
N TRP D 125 -6.84 9.29 -14.44
CA TRP D 125 -5.56 10.00 -14.33
C TRP D 125 -5.35 10.49 -12.89
N LEU D 126 -6.35 11.16 -12.34
CA LEU D 126 -6.48 11.35 -10.92
C LEU D 126 -7.63 10.49 -10.38
N PRO D 127 -7.54 10.01 -9.15
CA PRO D 127 -8.69 9.31 -8.56
C PRO D 127 -9.85 10.27 -8.34
N LEU D 128 -11.05 9.73 -8.47
CA LEU D 128 -12.27 10.48 -8.15
C LEU D 128 -12.77 10.01 -6.80
N ASP D 129 -13.13 10.96 -5.92
CA ASP D 129 -13.77 10.57 -4.67
C ASP D 129 -15.23 10.24 -4.94
N ASP D 130 -15.97 9.91 -3.87
CA ASP D 130 -17.35 9.48 -4.07
C ASP D 130 -18.20 10.58 -4.69
N ALA D 131 -17.97 11.84 -4.29
CA ALA D 131 -18.66 12.95 -4.93
C ALA D 131 -18.31 13.04 -6.41
N GLY D 132 -17.04 12.86 -6.76
CA GLY D 132 -16.65 12.91 -8.16
C GLY D 132 -17.17 11.74 -8.96
N ILE D 133 -17.20 10.55 -8.35
CA ILE D 133 -17.75 9.38 -9.03
C ILE D 133 -19.23 9.61 -9.38
N VAL D 134 -20.01 10.09 -8.41
CA VAL D 134 -21.43 10.29 -8.65
C VAL D 134 -21.67 11.36 -9.70
N ARG D 135 -20.92 12.47 -9.62
CA ARG D 135 -21.10 13.55 -10.59
C ARG D 135 -20.77 13.09 -12.00
N PHE D 136 -19.74 12.24 -12.15
CA PHE D 136 -19.38 11.73 -13.47
C PHE D 136 -20.51 10.89 -14.08
N TYR D 137 -21.02 9.91 -13.33
CA TYR D 137 -22.06 9.05 -13.88
C TYR D 137 -23.37 9.80 -14.09
N ARG D 138 -23.70 10.73 -13.18
CA ARG D 138 -24.86 11.59 -13.39
C ARG D 138 -24.71 12.40 -14.66
N ASP D 139 -23.51 12.96 -14.89
CA ASP D 139 -23.23 13.70 -16.12
C ASP D 139 -23.45 12.82 -17.35
N VAL D 140 -22.96 11.58 -17.29
CA VAL D 140 -23.14 10.66 -18.41
C VAL D 140 -24.61 10.33 -18.61
N ALA D 141 -25.32 10.07 -17.51
CA ALA D 141 -26.74 9.72 -17.60
C ALA D 141 -27.56 10.86 -18.18
N GLU D 142 -27.34 12.09 -17.70
CA GLU D 142 -28.12 13.22 -18.17
C GLU D 142 -27.82 13.57 -19.62
N ALA D 143 -26.60 13.28 -20.08
CA ALA D 143 -26.21 13.64 -21.44
C ALA D 143 -26.65 12.61 -22.48
N VAL D 144 -26.78 11.36 -22.09
CA VAL D 144 -27.20 10.32 -23.02
C VAL D 144 -28.28 9.49 -22.33
N PRO D 145 -29.44 10.09 -22.02
CA PRO D 145 -30.44 9.38 -21.20
C PRO D 145 -31.09 8.20 -21.89
N ASN D 146 -30.91 8.03 -23.20
CA ASN D 146 -31.44 6.88 -23.91
C ASN D 146 -30.67 5.59 -23.64
N MET D 147 -29.54 5.67 -22.92
CA MET D 147 -28.67 4.52 -22.71
C MET D 147 -28.73 4.09 -21.25
N ALA D 148 -29.02 2.80 -21.03
CA ALA D 148 -28.83 2.22 -19.71
C ALA D 148 -27.34 2.08 -19.44
N LEU D 149 -26.98 2.07 -18.16
CA LEU D 149 -25.59 2.09 -17.74
C LEU D 149 -25.28 0.90 -16.84
N VAL D 150 -24.13 0.27 -17.10
CA VAL D 150 -23.53 -0.69 -16.18
C VAL D 150 -22.28 -0.04 -15.61
N VAL D 151 -22.26 0.13 -14.29
CA VAL D 151 -21.12 0.75 -13.62
C VAL D 151 -20.00 -0.27 -13.50
N TYR D 152 -18.79 0.13 -13.86
CA TYR D 152 -17.61 -0.74 -13.89
C TYR D 152 -16.79 -0.48 -12.62
N ASP D 153 -17.00 -1.30 -11.60
CA ASP D 153 -16.30 -1.12 -10.31
C ASP D 153 -15.02 -1.95 -10.35
N ASN D 154 -13.96 -1.36 -10.89
CA ASN D 154 -12.64 -1.99 -10.97
C ASN D 154 -11.67 -1.13 -10.17
N PRO D 155 -11.42 -1.47 -8.88
CA PRO D 155 -10.58 -0.59 -8.05
C PRO D 155 -9.17 -0.39 -8.57
N GLY D 156 -8.52 -1.45 -9.05
CA GLY D 156 -7.17 -1.30 -9.56
C GLY D 156 -7.11 -0.42 -10.80
N ALA D 157 -8.05 -0.60 -11.73
CA ALA D 157 -8.01 0.16 -12.98
C ALA D 157 -8.27 1.64 -12.74
N PHE D 158 -9.23 1.98 -11.88
CA PHE D 158 -9.70 3.36 -11.73
C PHE D 158 -9.25 4.02 -10.43
N LYS D 159 -8.36 3.37 -9.68
CA LYS D 159 -7.71 3.94 -8.50
C LYS D 159 -8.70 4.14 -7.35
N GLY D 160 -9.43 3.09 -7.01
CA GLY D 160 -10.24 3.12 -5.81
C GLY D 160 -11.52 2.33 -5.95
N LYS D 161 -11.95 1.76 -4.83
CA LYS D 161 -13.22 1.05 -4.75
C LYS D 161 -14.35 2.08 -4.62
N ILE D 162 -15.42 1.89 -5.40
CA ILE D 162 -16.56 2.78 -5.29
C ILE D 162 -17.19 2.64 -3.91
N GLY D 163 -17.35 3.77 -3.22
CA GLY D 163 -17.84 3.75 -1.86
C GLY D 163 -19.32 3.43 -1.79
N THR D 164 -19.73 2.91 -0.63
CA THR D 164 -21.15 2.65 -0.39
C THR D 164 -22.01 3.91 -0.48
N PRO D 165 -21.58 5.09 -0.01
CA PRO D 165 -22.39 6.30 -0.26
C PRO D 165 -22.58 6.60 -1.74
N ALA D 166 -21.57 6.34 -2.58
CA ALA D 166 -21.74 6.56 -4.01
C ALA D 166 -22.78 5.62 -4.61
N TYR D 167 -22.77 4.35 -4.19
CA TYR D 167 -23.76 3.40 -4.69
C TYR D 167 -25.18 3.84 -4.35
N GLU D 168 -25.39 4.35 -3.12
CA GLU D 168 -26.71 4.84 -2.75
C GLU D 168 -27.17 5.94 -3.70
N ALA D 169 -26.29 6.89 -3.99
CA ALA D 169 -26.64 7.96 -4.93
C ALA D 169 -26.84 7.41 -6.33
N LEU D 170 -25.97 6.48 -6.76
CA LEU D 170 -26.08 5.91 -8.10
C LEU D 170 -27.41 5.17 -8.28
N SER D 171 -27.95 4.60 -7.21
CA SER D 171 -29.19 3.85 -7.31
C SER D 171 -30.42 4.75 -7.48
N GLN D 172 -30.25 6.06 -7.34
CA GLN D 172 -31.33 7.00 -7.63
C GLN D 172 -31.27 7.51 -9.07
N ILE D 173 -30.29 7.05 -9.86
CA ILE D 173 -30.18 7.40 -11.27
C ILE D 173 -30.86 6.30 -12.07
N PRO D 174 -31.96 6.58 -12.76
CA PRO D 174 -32.70 5.51 -13.45
C PRO D 174 -31.86 4.75 -14.46
N GLN D 175 -30.95 5.43 -15.18
CA GLN D 175 -30.17 4.77 -16.22
C GLN D 175 -29.24 3.69 -15.67
N VAL D 176 -28.88 3.77 -14.38
CA VAL D 176 -27.96 2.82 -13.78
C VAL D 176 -28.73 1.56 -13.42
N VAL D 177 -28.53 0.49 -14.20
CA VAL D 177 -29.28 -0.74 -14.03
C VAL D 177 -28.45 -1.87 -13.45
N ALA D 178 -27.12 -1.75 -13.46
CA ALA D 178 -26.27 -2.82 -12.97
C ALA D 178 -24.88 -2.26 -12.66
N ALA D 179 -24.14 -3.00 -11.86
CA ALA D 179 -22.75 -2.68 -11.57
C ALA D 179 -21.93 -3.95 -11.64
C10 9KP D 180 -13.90 -6.91 -16.49
C11 9KP D 180 -13.21 -6.53 -17.80
O13 9KP D 180 -13.92 -6.12 -18.74
C15 9KP D 180 -11.80 -7.25 -14.95
C16 9KP D 180 -11.23 -8.20 -13.85
C17 9KP D 180 -10.17 -9.06 -14.11
C18 9KP D 180 -9.71 -9.88 -13.09
C19 9KP D 180 -10.28 -9.84 -11.82
C20 9KP D 180 -11.33 -8.97 -11.57
C22 9KP D 180 -9.51 -9.16 -15.49
N 9KP D 180 -20.88 -3.93 -12.45
CA 9KP D 180 -19.97 -5.04 -12.52
C 9KP D 180 -19.08 -4.97 -11.26
O 9KP D 180 -18.33 -4.07 -11.13
CB 9KP D 180 -19.13 -4.97 -13.81
CG 9KP D 180 -17.99 -6.02 -13.80
CD 9KP D 180 -17.15 -5.92 -15.10
CE 9KP D 180 -15.87 -6.81 -15.08
NZ 9KP D 180 -15.11 -6.50 -16.30
O12 9KP D 180 -11.97 -6.64 -17.93
C14 9KP D 180 -13.17 -7.77 -15.44
C21 9KP D 180 -11.80 -8.15 -12.58
O23 9KP D 180 -9.41 -10.29 -16.04
O24 9KP D 180 -9.04 -8.13 -16.07
N HIS D 181 -19.23 -5.95 -10.37
CA HIS D 181 -18.62 -5.91 -9.03
C HIS D 181 -17.48 -6.93 -8.90
N LEU D 182 -16.85 -6.95 -7.72
CA LEU D 182 -15.74 -7.87 -7.46
C LEU D 182 -16.14 -9.10 -6.65
N GLY D 183 -17.38 -9.15 -6.15
CA GLY D 183 -17.80 -10.30 -5.39
C GLY D 183 -16.97 -10.42 -4.12
N LEU D 184 -16.48 -11.63 -3.86
CA LEU D 184 -15.74 -11.88 -2.63
C LEU D 184 -14.37 -11.23 -2.62
N LEU D 185 -13.85 -10.77 -3.77
CA LEU D 185 -12.56 -10.09 -3.78
C LEU D 185 -12.60 -8.80 -2.96
N SER D 186 -13.76 -8.16 -2.87
CA SER D 186 -14.02 -7.07 -1.94
C SER D 186 -15.06 -7.60 -0.96
N GLY D 187 -14.59 -8.28 0.08
CA GLY D 187 -15.42 -9.06 0.96
C GLY D 187 -16.73 -8.44 1.43
N SER D 188 -16.68 -7.66 2.50
CA SER D 188 -17.90 -7.08 3.05
C SER D 188 -18.48 -5.97 2.19
N ALA D 189 -17.69 -5.44 1.23
CA ALA D 189 -18.19 -4.34 0.41
C ALA D 189 -19.40 -4.76 -0.43
N PHE D 190 -19.40 -6.00 -0.96
CA PHE D 190 -20.52 -6.43 -1.80
C PHE D 190 -21.84 -6.34 -1.04
N LEU D 191 -21.86 -6.80 0.21
CA LEU D 191 -23.11 -6.77 0.98
C LEU D 191 -23.48 -5.36 1.39
N SER D 192 -22.49 -4.53 1.73
CA SER D 192 -22.78 -3.13 2.02
C SER D 192 -23.35 -2.43 0.80
N ASP D 193 -22.70 -2.59 -0.36
CA ASP D 193 -23.23 -2.01 -1.60
C ASP D 193 -24.60 -2.57 -1.93
N LEU D 194 -24.81 -3.87 -1.70
CA LEU D 194 -26.11 -4.48 -1.99
C LEU D 194 -27.22 -3.82 -1.17
N ARG D 195 -26.99 -3.60 0.12
CA ARG D 195 -27.95 -2.89 0.94
C ARG D 195 -28.17 -1.47 0.43
N ALA D 196 -27.09 -0.81 -0.01
CA ALA D 196 -27.17 0.58 -0.44
C ALA D 196 -28.12 0.73 -1.63
N VAL D 197 -28.01 -0.15 -2.62
CA VAL D 197 -28.80 0.04 -3.84
C VAL D 197 -30.24 -0.46 -3.66
N SER D 198 -30.50 -1.26 -2.63
CA SER D 198 -31.83 -1.72 -2.25
C SER D 198 -32.68 -2.11 -3.47
N GLY D 199 -32.18 -3.10 -4.20
CA GLY D 199 -32.90 -3.65 -5.34
C GLY D 199 -32.96 -2.80 -6.59
N ARG D 200 -32.50 -1.55 -6.55
CA ARG D 200 -32.61 -0.69 -7.73
C ARG D 200 -31.49 -0.89 -8.74
N VAL D 201 -30.40 -1.52 -8.34
CA VAL D 201 -29.28 -1.82 -9.22
C VAL D 201 -28.90 -3.29 -9.04
N ARG D 202 -28.62 -3.97 -10.15
CA ARG D 202 -28.18 -5.37 -10.09
C ARG D 202 -26.68 -5.40 -9.87
N LEU D 203 -26.26 -5.94 -8.72
CA LEU D 203 -24.84 -6.02 -8.38
C LEU D 203 -24.31 -7.36 -8.87
N LEU D 204 -23.39 -7.31 -9.84
CA LEU D 204 -22.94 -8.52 -10.53
C LEU D 204 -21.68 -9.05 -9.87
N PRO D 205 -21.73 -10.18 -9.17
CA PRO D 205 -20.50 -10.84 -8.72
C PRO D 205 -19.91 -11.64 -9.86
N LEU D 206 -18.79 -12.30 -9.58
CA LEU D 206 -18.17 -13.16 -10.57
C LEU D 206 -18.91 -14.50 -10.66
N GLU D 207 -18.76 -15.14 -11.82
CA GLU D 207 -19.18 -16.54 -11.99
C GLU D 207 -18.69 -17.40 -10.84
N THR D 208 -17.46 -17.17 -10.38
CA THR D 208 -16.80 -18.03 -9.40
C THR D 208 -17.29 -17.82 -7.97
N ASP D 209 -18.08 -16.78 -7.67
CA ASP D 209 -18.72 -16.72 -6.36
C ASP D 209 -20.19 -16.38 -6.44
N TRP D 210 -20.80 -16.44 -7.63
CA TRP D 210 -22.21 -16.12 -7.77
C TRP D 210 -23.08 -17.04 -6.93
N TYR D 211 -22.74 -18.33 -6.87
CA TYR D 211 -23.56 -19.28 -6.10
C TYR D 211 -23.70 -18.81 -4.64
N TYR D 212 -22.61 -18.35 -4.04
CA TYR D 212 -22.65 -17.99 -2.61
C TYR D 212 -23.60 -16.84 -2.35
N PHE D 213 -23.51 -15.78 -3.15
CA PHE D 213 -24.41 -14.64 -2.97
C PHE D 213 -25.83 -14.98 -3.42
N ALA D 214 -25.97 -15.79 -4.46
CA ALA D 214 -27.31 -16.12 -4.97
C ALA D 214 -28.10 -16.94 -3.96
N ARG D 215 -27.45 -17.85 -3.25
CA ARG D 215 -28.14 -18.64 -2.24
C ARG D 215 -28.54 -17.78 -1.04
N LEU D 216 -27.70 -16.82 -0.67
CA LEU D 216 -27.98 -15.97 0.50
C LEU D 216 -28.97 -14.86 0.16
N PHE D 217 -28.95 -14.36 -1.06
CA PHE D 217 -29.81 -13.23 -1.47
C PHE D 217 -30.46 -13.56 -2.82
N PRO D 218 -31.36 -14.55 -2.84
CA PRO D 218 -31.88 -15.03 -4.13
C PRO D 218 -32.77 -14.04 -4.86
N GLU D 219 -33.45 -13.15 -4.13
CA GLU D 219 -34.30 -12.15 -4.77
C GLU D 219 -33.48 -11.06 -5.45
N GLU D 220 -32.26 -10.80 -4.98
CA GLU D 220 -31.45 -9.67 -5.45
C GLU D 220 -30.33 -10.08 -6.41
N VAL D 221 -29.55 -11.11 -6.05
CA VAL D 221 -28.36 -11.48 -6.84
C VAL D 221 -28.82 -12.56 -7.82
N THR D 222 -29.49 -12.11 -8.88
CA THR D 222 -30.03 -12.99 -9.91
C THR D 222 -29.17 -13.00 -11.17
N ALA D 223 -27.98 -12.41 -11.12
CA ALA D 223 -27.13 -12.36 -12.31
C ALA D 223 -25.68 -12.27 -11.87
N CYS D 224 -24.79 -12.68 -12.77
CA CYS D 224 -23.35 -12.53 -12.60
C CYS D 224 -22.77 -12.00 -13.90
N TRP D 225 -21.51 -11.56 -13.83
CA TRP D 225 -20.72 -11.31 -15.02
C TRP D 225 -19.65 -12.38 -15.15
N SER D 226 -19.26 -12.66 -16.39
CA SER D 226 -18.21 -13.64 -16.66
C SER D 226 -17.31 -13.14 -17.77
N GLY D 227 -16.03 -13.01 -17.48
CA GLY D 227 -15.04 -12.77 -18.52
C GLY D 227 -14.50 -14.02 -19.17
N ASN D 228 -15.10 -15.18 -18.88
CA ASN D 228 -14.62 -16.44 -19.43
C ASN D 228 -15.50 -17.00 -20.54
N VAL D 229 -16.60 -16.32 -20.89
CA VAL D 229 -17.55 -16.88 -21.85
C VAL D 229 -16.92 -17.05 -23.24
N ALA D 230 -15.96 -16.21 -23.61
CA ALA D 230 -15.28 -16.39 -24.90
C ALA D 230 -14.33 -17.58 -24.93
N CYS D 231 -14.21 -18.31 -23.82
CA CYS D 231 -13.57 -19.63 -23.83
C CYS D 231 -14.60 -20.75 -23.94
N GLY D 232 -15.88 -20.41 -23.93
CA GLY D 232 -16.95 -21.38 -23.89
C GLY D 232 -17.91 -21.04 -22.78
N PRO D 233 -19.14 -20.67 -23.15
CA PRO D 233 -20.10 -20.21 -22.14
C PRO D 233 -20.88 -21.32 -21.44
N ALA D 234 -20.81 -22.55 -21.93
CA ALA D 234 -21.64 -23.61 -21.37
C ALA D 234 -21.47 -23.85 -19.86
N PRO D 235 -20.26 -23.78 -19.28
CA PRO D 235 -20.17 -23.92 -17.82
C PRO D 235 -20.93 -22.83 -17.07
N VAL D 236 -20.95 -21.61 -17.59
CA VAL D 236 -21.55 -20.49 -16.89
C VAL D 236 -23.07 -20.52 -17.02
N THR D 237 -23.60 -20.84 -18.21
CA THR D 237 -25.05 -20.92 -18.32
C THR D 237 -25.60 -22.12 -17.56
N HIS D 238 -24.81 -23.20 -17.44
CA HIS D 238 -25.23 -24.32 -16.59
C HIS D 238 -25.30 -23.88 -15.13
N LEU D 239 -24.29 -23.13 -14.66
CA LEU D 239 -24.32 -22.59 -13.31
C LEU D 239 -25.58 -21.75 -13.08
N ARG D 240 -25.95 -20.95 -14.08
CA ARG D 240 -27.17 -20.16 -13.98
C ARG D 240 -28.40 -21.06 -13.79
N ASP D 241 -28.50 -22.12 -14.61
CA ASP D 241 -29.64 -23.04 -14.48
C ASP D 241 -29.61 -23.77 -13.15
N LEU D 242 -28.41 -24.14 -12.67
CA LEU D 242 -28.30 -24.81 -11.37
C LEU D 242 -28.76 -23.89 -10.24
N ILE D 243 -28.38 -22.62 -10.30
CA ILE D 243 -28.79 -21.67 -9.28
C ILE D 243 -30.29 -21.48 -9.29
N ARG D 244 -30.88 -21.29 -10.48
CA ARG D 244 -32.33 -21.15 -10.58
C ARG D 244 -33.05 -22.37 -10.03
N ALA D 245 -32.48 -23.56 -10.16
CA ALA D 245 -33.07 -24.78 -9.63
C ALA D 245 -32.70 -25.03 -8.18
N ARG D 246 -31.89 -24.14 -7.59
CA ARG D 246 -31.42 -24.25 -6.20
C ARG D 246 -30.75 -25.60 -5.93
N ARG D 247 -30.02 -26.10 -6.93
CA ARG D 247 -29.22 -27.32 -6.79
C ARG D 247 -27.87 -26.95 -6.17
N TRP D 248 -27.88 -26.73 -4.85
CA TRP D 248 -26.73 -26.13 -4.18
C TRP D 248 -25.51 -27.04 -4.20
N ASP D 249 -25.68 -28.34 -3.95
CA ASP D 249 -24.53 -29.25 -4.01
C ASP D 249 -23.88 -29.22 -5.39
N ASP D 250 -24.70 -29.23 -6.45
CA ASP D 250 -24.14 -29.12 -7.79
C ASP D 250 -23.51 -27.75 -8.02
N CYS D 251 -24.12 -26.69 -7.48
CA CYS D 251 -23.54 -25.35 -7.59
C CYS D 251 -22.17 -25.29 -6.94
N GLN D 252 -22.03 -25.87 -5.74
CA GLN D 252 -20.73 -25.90 -5.07
C GLN D 252 -19.72 -26.71 -5.88
N ALA D 253 -20.12 -27.90 -6.35
CA ALA D 253 -19.22 -28.72 -7.16
C ALA D 253 -18.79 -27.98 -8.42
N LEU D 254 -19.74 -27.36 -9.12
CA LEU D 254 -19.40 -26.63 -10.34
C LEU D 254 -18.49 -25.44 -10.05
N THR D 255 -18.78 -24.69 -8.99
CA THR D 255 -17.94 -23.56 -8.62
C THR D 255 -16.50 -24.01 -8.37
N ASP D 256 -16.33 -25.14 -7.69
CA ASP D 256 -15.00 -25.69 -7.47
C ASP D 256 -14.32 -26.07 -8.78
N GLU D 257 -15.10 -26.57 -9.75
CA GLU D 257 -14.54 -26.91 -11.06
C GLU D 257 -14.05 -25.66 -11.78
N LEU D 258 -14.80 -24.55 -11.68
CA LEU D 258 -14.40 -23.31 -12.34
C LEU D 258 -13.14 -22.74 -11.70
N GLU D 259 -13.07 -22.72 -10.37
CA GLU D 259 -11.87 -22.27 -9.70
C GLU D 259 -10.67 -23.15 -10.06
N GLY D 260 -10.89 -24.47 -10.09
CA GLY D 260 -9.80 -25.37 -10.46
C GLY D 260 -9.27 -25.10 -11.86
N ALA D 261 -10.16 -24.84 -12.81
CA ALA D 261 -9.71 -24.59 -14.18
C ALA D 261 -8.89 -23.31 -14.29
N LEU D 262 -9.17 -22.32 -13.44
CA LEU D 262 -8.58 -20.99 -13.55
C LEU D 262 -7.41 -20.76 -12.60
N GLU D 263 -7.01 -21.76 -11.80
CA GLU D 263 -6.03 -21.50 -10.75
C GLU D 263 -4.66 -21.12 -11.31
N THR D 264 -4.31 -21.60 -12.50
CA THR D 264 -2.99 -21.26 -13.06
C THR D 264 -2.95 -19.87 -13.66
N LEU D 265 -4.07 -19.15 -13.66
CA LEU D 265 -4.08 -17.78 -14.16
C LEU D 265 -3.14 -16.89 -13.35
N TYR D 266 -3.06 -17.12 -12.04
CA TYR D 266 -2.36 -16.23 -11.12
C TYR D 266 -0.96 -16.78 -10.85
N PRO D 267 0.09 -16.08 -11.23
CA PRO D 267 1.46 -16.63 -11.09
C PRO D 267 1.80 -16.91 -9.65
N GLY D 268 2.14 -18.17 -9.36
CA GLY D 268 2.43 -18.59 -8.00
C GLY D 268 1.29 -18.30 -7.03
N GLY D 269 0.06 -18.33 -7.53
CA GLY D 269 -1.08 -17.95 -6.74
C GLY D 269 -1.18 -16.48 -6.40
N ASN D 270 -0.26 -15.66 -6.92
CA ASN D 270 -0.21 -14.24 -6.58
C ASN D 270 -1.21 -13.50 -7.44
N PHE D 271 -2.33 -13.09 -6.85
CA PHE D 271 -3.33 -12.31 -7.58
C PHE D 271 -2.72 -11.02 -8.10
N ALA D 272 -2.13 -10.21 -7.21
CA ALA D 272 -1.61 -8.91 -7.61
C ALA D 272 -0.68 -9.00 -8.80
N GLU D 273 0.09 -10.09 -8.89
CA GLU D 273 0.98 -10.28 -10.02
C GLU D 273 0.20 -10.50 -11.31
N PHE D 274 -0.98 -11.12 -11.24
CA PHE D 274 -1.83 -11.28 -12.41
C PHE D 274 -2.33 -9.93 -12.91
N LEU D 275 -2.80 -9.07 -11.98
CA LEU D 275 -3.35 -7.78 -12.37
C LEU D 275 -2.35 -6.93 -13.15
N LYS D 276 -1.06 -7.05 -12.83
CA LYS D 276 -0.05 -6.28 -13.54
C LYS D 276 0.02 -6.63 -15.03
N TYR D 277 -0.51 -7.80 -15.42
CA TYR D 277 -0.44 -8.28 -16.79
C TYR D 277 -1.74 -8.95 -17.23
N SER D 278 -2.88 -8.46 -16.76
CA SER D 278 -4.14 -9.17 -16.96
C SER D 278 -4.55 -9.20 -18.42
N ILE D 279 -4.33 -8.11 -19.15
CA ILE D 279 -4.65 -8.08 -20.58
C ILE D 279 -3.86 -9.16 -21.31
N GLN D 280 -2.55 -9.25 -21.02
CA GLN D 280 -1.70 -10.24 -21.68
C GLN D 280 -2.05 -11.67 -21.27
N ILE D 281 -2.29 -11.90 -19.98
CA ILE D 281 -2.58 -13.26 -19.51
C ILE D 281 -3.94 -13.74 -20.02
N ASP D 282 -4.97 -12.87 -19.93
CA ASP D 282 -6.29 -13.26 -20.42
C ASP D 282 -6.24 -13.56 -21.91
N ASN D 283 -5.48 -12.78 -22.67
CA ASN D 283 -5.32 -13.01 -24.11
C ASN D 283 -4.78 -14.41 -24.37
N ALA D 284 -3.80 -14.85 -23.57
CA ALA D 284 -3.29 -16.21 -23.73
C ALA D 284 -4.35 -17.25 -23.39
N GLN D 285 -5.19 -16.97 -22.39
CA GLN D 285 -6.28 -17.89 -22.07
C GLN D 285 -7.27 -18.00 -23.22
N PHE D 286 -7.65 -16.86 -23.81
CA PHE D 286 -8.60 -16.88 -24.93
C PHE D 286 -8.06 -17.67 -26.11
N GLN D 287 -6.77 -17.49 -26.43
CA GLN D 287 -6.18 -18.23 -27.54
C GLN D 287 -6.19 -19.73 -27.26
N ALA D 288 -5.75 -20.13 -26.06
CA ALA D 288 -5.56 -21.54 -25.76
C ALA D 288 -6.88 -22.31 -25.71
N ALA D 289 -7.97 -21.66 -25.28
CA ALA D 289 -9.24 -22.37 -25.12
C ALA D 289 -9.84 -22.78 -26.47
N GLY D 290 -9.49 -22.08 -27.56
CA GLY D 290 -9.89 -22.50 -28.88
C GLY D 290 -11.35 -22.28 -29.22
N PHE D 291 -12.14 -21.64 -28.34
CA PHE D 291 -13.53 -21.36 -28.68
C PHE D 291 -13.64 -20.20 -29.66
N MET D 292 -12.69 -19.27 -29.60
CA MET D 292 -12.59 -18.16 -30.53
C MET D 292 -11.14 -18.05 -30.98
N ARG D 293 -10.94 -17.41 -32.13
CA ARG D 293 -9.61 -17.18 -32.65
C ARG D 293 -9.25 -15.72 -32.45
N THR D 294 -8.03 -15.46 -31.99
CA THR D 294 -7.57 -14.09 -31.81
C THR D 294 -6.05 -14.06 -31.87
N GLY D 295 -5.52 -12.89 -32.20
CA GLY D 295 -4.10 -12.69 -32.26
C GLY D 295 -3.55 -12.10 -30.98
N PRO D 296 -2.48 -11.33 -31.07
CA PRO D 296 -1.84 -10.77 -29.88
C PRO D 296 -2.58 -9.53 -29.38
N THR D 297 -2.08 -8.98 -28.27
CA THR D 297 -2.64 -7.78 -27.68
C THR D 297 -2.13 -6.54 -28.43
N ARG D 298 -2.78 -5.39 -28.17
CA ARG D 298 -2.44 -4.13 -28.79
C ARG D 298 -1.39 -3.40 -27.96
N PRO D 299 -0.55 -2.59 -28.61
CA PRO D 299 0.33 -1.68 -27.85
C PRO D 299 -0.51 -0.83 -26.91
N PRO D 300 -0.02 -0.54 -25.69
CA PRO D 300 1.31 -0.83 -25.13
C PRO D 300 1.42 -2.13 -24.32
N TYR D 301 0.36 -2.93 -24.23
CA TYR D 301 0.34 -4.06 -23.30
C TYR D 301 0.74 -5.35 -24.04
N THR D 302 2.00 -5.36 -24.49
CA THR D 302 2.59 -6.49 -25.19
C THR D 302 3.70 -7.16 -24.42
N GLU D 303 4.22 -6.56 -23.35
CA GLU D 303 5.34 -7.12 -22.60
C GLU D 303 4.82 -7.85 -21.37
N VAL D 304 5.30 -9.07 -21.15
CA VAL D 304 4.81 -9.96 -20.11
C VAL D 304 5.77 -11.14 -19.96
N PRO D 305 6.03 -11.64 -18.76
CA PRO D 305 6.85 -12.85 -18.64
C PRO D 305 6.20 -14.04 -19.32
N GLU D 306 7.03 -14.88 -19.96
CA GLU D 306 6.52 -16.03 -20.71
C GLU D 306 5.82 -17.03 -19.80
N SER D 307 6.31 -17.20 -18.57
CA SER D 307 5.67 -18.15 -17.64
C SER D 307 4.28 -17.69 -17.25
N TYR D 308 4.05 -16.38 -17.21
CA TYR D 308 2.71 -15.87 -16.94
C TYR D 308 1.75 -16.23 -18.07
N LEU D 309 2.22 -16.11 -19.32
CA LEU D 309 1.40 -16.52 -20.46
C LEU D 309 1.13 -18.02 -20.41
N ALA D 310 2.13 -18.81 -19.99
CA ALA D 310 1.93 -20.25 -19.90
C ALA D 310 0.84 -20.59 -18.89
N GLY D 311 0.74 -19.83 -17.80
CA GLY D 311 -0.32 -20.06 -16.84
C GLY D 311 -1.69 -19.75 -17.40
N GLY D 312 -1.79 -18.68 -18.19
CA GLY D 312 -3.05 -18.39 -18.85
C GLY D 312 -3.42 -19.46 -19.86
N ARG D 313 -2.44 -19.95 -20.62
CA ARG D 313 -2.72 -20.99 -21.61
C ARG D 313 -3.26 -22.26 -20.96
N GLU D 314 -2.65 -22.71 -19.85
CA GLU D 314 -3.21 -23.89 -19.21
C GLU D 314 -4.59 -23.61 -18.62
N ALA D 315 -4.84 -22.38 -18.16
CA ALA D 315 -6.18 -22.04 -17.75
C ALA D 315 -7.15 -22.16 -18.93
N GLY D 316 -6.75 -21.67 -20.10
CA GLY D 316 -7.59 -21.78 -21.28
C GLY D 316 -7.85 -23.23 -21.68
N LYS D 317 -6.82 -24.08 -21.61
CA LYS D 317 -7.02 -25.49 -21.93
C LYS D 317 -7.97 -26.14 -20.93
N ASN D 318 -7.79 -25.86 -19.64
CA ASN D 318 -8.66 -26.44 -18.62
C ASN D 318 -10.11 -26.00 -18.81
N TRP D 319 -10.33 -24.73 -19.15
CA TRP D 319 -11.69 -24.28 -19.39
C TRP D 319 -12.30 -24.97 -20.60
N ALA D 320 -11.51 -25.17 -21.65
CA ALA D 320 -12.02 -25.85 -22.84
C ALA D 320 -12.60 -27.21 -22.48
N ALA D 321 -11.96 -27.93 -21.55
CA ALA D 321 -12.51 -29.22 -21.15
C ALA D 321 -13.84 -29.06 -20.44
N LEU D 322 -13.98 -28.03 -19.61
CA LEU D 322 -15.28 -27.74 -19.01
C LEU D 322 -16.31 -27.38 -20.08
N GLN D 323 -15.92 -26.58 -21.06
CA GLN D 323 -16.84 -26.21 -22.13
C GLN D 323 -17.36 -27.44 -22.86
N GLN D 324 -16.46 -28.36 -23.22
CA GLN D 324 -16.88 -29.58 -23.90
C GLN D 324 -17.83 -30.41 -23.03
N ARG D 325 -17.52 -30.55 -21.74
CA ARG D 325 -18.36 -31.35 -20.87
C ARG D 325 -19.78 -30.78 -20.79
N TYR D 326 -19.90 -29.48 -20.54
CA TYR D 326 -21.23 -28.91 -20.36
C TYR D 326 -21.93 -28.55 -21.67
N ALA D 327 -21.19 -28.33 -22.76
CA ALA D 327 -21.83 -28.15 -24.07
C ALA D 327 -22.68 -29.37 -24.45
#